data_5NVY
#
_entry.id   5NVY
#
_cell.length_a   93.085
_cell.length_b   93.085
_cell.length_c   362.983
_cell.angle_alpha   90.000
_cell.angle_beta   90.000
_cell.angle_gamma   90.000
#
_symmetry.space_group_name_H-M   'P 41 2 2'
#
loop_
_entity.id
_entity.type
_entity.pdbx_description
1 polymer Elongin-B
2 polymer Elongin-C
3 polymer 'Von Hippel-Lindau disease tumor suppressor'
4 non-polymer (2~{S},4~{R})-1-[(2~{S})-2-acetamidopropanoyl]-~{N}-[[4-(4-methyl-1,3-thiazol-5-yl)phenyl]methyl]-4-oxidanyl-pyrrolidine-2-carboxamide
5 water water
#
loop_
_entity_poly.entity_id
_entity_poly.type
_entity_poly.pdbx_seq_one_letter_code
_entity_poly.pdbx_strand_id
1 'polypeptide(L)'
;MDVFLMIRRHKTTIFTDAKESSTVFELKRIVEGILKRPPDEQRLYKDDQLLDDGKTLGE(CAS)GFTSQTARPQAPATVG
LAFRADDTFEAL(CAS)IEPFSSPPELPDVMK
;
A,D,G,J
2 'polypeptide(L)'
;MMYVKLISSDGHEFIVKREHALTSGTIKAMLSGPGQFAENETNEVNFREIPSHVLSKVCMYFTYKVRYTNSSTEIPEFPI
APEIALELLMAANFLDC
;
B,E,H,K
3 'polypeptide(L)'
;GSMEAGRPRPVLRSVNSREPSQVIF(CAS)NRSPRVVLPVWLNFDGEPQPYPTLPPGTGRRIHSYRGHLWLFRDAGTHDG
LLVNQTELFVPSLNVDGQPIFANITLPVYTLKERCLQVVRSLVKPENYRRLDIVRSLYEDLEDHPNVQKDLERLTQERIA
HQRMGD
;
C,F,I,L
#
loop_
_chem_comp.id
_chem_comp.type
_chem_comp.name
_chem_comp.formula
9B5 non-polymer (2~{S},4~{R})-1-[(2~{S})-2-acetamidopropanoyl]-~{N}-[[4-(4-methyl-1,3-thiazol-5-yl)phenyl]methyl]-4-oxidanyl-pyrrolidine-2-carboxamide 'C21 H26 N4 O4 S'
#
# COMPACT_ATOMS: atom_id res chain seq x y z
N MET A 1 19.47 24.15 28.34
CA MET A 1 18.73 22.90 28.06
C MET A 1 19.21 21.77 28.95
N ASP A 2 18.28 21.05 29.57
CA ASP A 2 18.61 19.93 30.47
C ASP A 2 18.99 18.70 29.66
N VAL A 3 20.04 18.00 30.09
CA VAL A 3 20.43 16.71 29.52
C VAL A 3 20.34 15.70 30.65
N PHE A 4 19.98 14.46 30.31
CA PHE A 4 19.67 13.44 31.32
C PHE A 4 20.67 12.30 31.17
N LEU A 5 21.29 11.92 32.30
CA LEU A 5 22.50 11.13 32.29
C LEU A 5 22.42 9.92 33.20
N MET A 6 23.05 8.84 32.75
CA MET A 6 23.44 7.72 33.60
C MET A 6 24.95 7.81 33.77
N ILE A 7 25.42 8.11 34.98
CA ILE A 7 26.86 8.08 35.28
C ILE A 7 27.14 6.70 35.88
N ARG A 8 28.06 5.96 35.27
CA ARG A 8 28.23 4.53 35.53
C ARG A 8 29.67 4.15 35.89
N ARG A 9 29.81 3.38 36.97
CA ARG A 9 31.10 2.87 37.42
C ARG A 9 30.87 1.54 38.12
N HIS A 10 31.44 0.46 37.57
CA HIS A 10 31.27 -0.89 38.10
C HIS A 10 29.76 -1.24 38.20
N LYS A 11 29.21 -1.42 39.40
CA LYS A 11 27.77 -1.66 39.55
C LYS A 11 26.98 -0.42 40.02
N THR A 12 27.68 0.68 40.28
CA THR A 12 27.03 1.96 40.60
C THR A 12 26.49 2.56 39.30
N THR A 13 25.31 3.18 39.39
CA THR A 13 24.67 3.82 38.25
C THR A 13 23.87 5.03 38.73
N ILE A 14 24.44 6.23 38.67
CA ILE A 14 23.72 7.45 39.08
C ILE A 14 22.82 7.89 37.94
N PHE A 15 21.59 8.31 38.28
CA PHE A 15 20.69 8.99 37.35
C PHE A 15 20.66 10.46 37.79
N THR A 16 20.98 11.37 36.87
CA THR A 16 20.93 12.80 37.17
C THR A 16 20.74 13.63 35.91
N ASP A 17 20.62 14.94 36.08
CA ASP A 17 20.57 15.87 34.96
C ASP A 17 21.60 16.99 35.13
N ALA A 18 21.89 17.66 34.03
CA ALA A 18 22.73 18.86 34.04
C ALA A 18 22.35 19.72 32.87
N LYS A 19 22.83 20.96 32.87
CA LYS A 19 22.63 21.83 31.73
C LYS A 19 23.59 21.43 30.61
N GLU A 20 23.18 21.69 29.38
CA GLU A 20 24.04 21.42 28.23
C GLU A 20 25.28 22.30 28.31
N SER A 21 25.10 23.51 28.85
CA SER A 21 26.18 24.50 29.02
C SER A 21 27.15 24.21 30.18
N SER A 22 26.75 23.36 31.13
CA SER A 22 27.61 23.03 32.26
C SER A 22 28.82 22.19 31.85
N THR A 23 29.87 22.24 32.66
CA THR A 23 31.14 21.62 32.36
C THR A 23 31.25 20.17 32.88
N VAL A 24 32.27 19.48 32.37
CA VAL A 24 32.63 18.14 32.85
C VAL A 24 33.04 18.19 34.32
N PHE A 25 33.82 19.20 34.69
CA PHE A 25 34.22 19.40 36.10
C PHE A 25 33.01 19.61 37.02
N GLU A 26 32.01 20.35 36.55
CA GLU A 26 30.78 20.57 37.31
C GLU A 26 29.99 19.27 37.53
N LEU A 27 29.94 18.42 36.52
CA LEU A 27 29.38 17.07 36.68
C LEU A 27 30.18 16.23 37.69
N LYS A 28 31.50 16.38 37.73
CA LYS A 28 32.34 15.72 38.75
C LYS A 28 32.03 16.18 40.18
N ARG A 29 31.66 17.45 40.33
CA ARG A 29 31.21 17.98 41.61
C ARG A 29 29.92 17.30 42.05
N ILE A 30 29.06 16.99 41.10
CA ILE A 30 27.80 16.29 41.38
C ILE A 30 28.12 14.89 41.89
N VAL A 31 29.04 14.21 41.23
CA VAL A 31 29.51 12.89 41.67
C VAL A 31 30.11 12.98 43.07
N GLU A 32 30.89 14.05 43.33
CA GLU A 32 31.46 14.26 44.67
C GLU A 32 30.40 14.31 45.76
N GLY A 33 29.30 15.03 45.50
CA GLY A 33 28.20 15.16 46.46
C GLY A 33 27.51 13.84 46.78
N ILE A 34 27.43 12.96 45.78
CA ILE A 34 26.74 11.67 45.90
C ILE A 34 27.69 10.55 46.37
N LEU A 35 28.79 10.34 45.65
CA LEU A 35 29.73 9.23 45.96
C LEU A 35 30.93 9.58 46.85
N LYS A 36 31.00 10.83 47.31
CA LYS A 36 32.02 11.27 48.29
C LYS A 36 33.47 11.11 47.83
N ARG A 37 33.70 11.37 46.55
CA ARG A 37 35.05 11.34 45.97
C ARG A 37 35.27 12.62 45.20
N PRO A 38 36.38 13.34 45.47
CA PRO A 38 36.55 14.64 44.83
C PRO A 38 36.98 14.53 43.36
N PRO A 39 36.72 15.57 42.54
CA PRO A 39 37.05 15.60 41.11
C PRO A 39 38.45 15.08 40.72
N ASP A 40 39.47 15.42 41.49
CA ASP A 40 40.84 14.93 41.23
C ASP A 40 40.95 13.39 41.27
N GLU A 41 40.16 12.74 42.12
CA GLU A 41 40.07 11.26 42.16
C GLU A 41 39.05 10.67 41.16
N GLN A 42 38.50 11.49 40.26
CA GLN A 42 37.50 11.07 39.28
C GLN A 42 38.02 11.22 37.86
N ARG A 43 37.39 10.47 36.96
CA ARG A 43 37.71 10.47 35.55
C ARG A 43 36.44 10.12 34.76
N LEU A 44 35.87 11.10 34.05
CA LEU A 44 34.62 10.88 33.31
C LEU A 44 34.91 10.57 31.85
N TYR A 45 34.15 9.60 31.32
CA TYR A 45 34.32 9.07 29.98
C TYR A 45 33.01 9.11 29.19
N LYS A 46 33.12 9.25 27.88
CA LYS A 46 32.03 8.99 26.97
C LYS A 46 32.51 7.87 26.08
N ASP A 47 31.92 6.68 26.24
CA ASP A 47 32.44 5.46 25.63
C ASP A 47 33.89 5.26 26.11
N ASP A 48 34.87 5.17 25.20
CA ASP A 48 36.28 4.97 25.56
C ASP A 48 37.07 6.28 25.70
N GLN A 49 36.37 7.42 25.58
CA GLN A 49 37.01 8.73 25.52
C GLN A 49 37.00 9.46 26.86
N LEU A 50 38.20 9.76 27.37
CA LEU A 50 38.34 10.65 28.54
C LEU A 50 37.87 12.06 28.20
N LEU A 51 37.09 12.67 29.09
CA LEU A 51 36.59 14.04 28.90
C LEU A 51 37.39 15.08 29.70
N ASP A 52 37.52 16.29 29.14
CA ASP A 52 38.28 17.39 29.75
C ASP A 52 37.38 18.22 30.68
N ASP A 53 37.91 18.55 31.86
CA ASP A 53 37.20 19.31 32.91
C ASP A 53 36.51 20.62 32.51
N GLY A 54 37.10 21.37 31.58
CA GLY A 54 36.58 22.69 31.22
C GLY A 54 35.62 22.70 30.05
N LYS A 55 35.45 21.54 29.41
CA LYS A 55 34.55 21.40 28.28
C LYS A 55 33.12 21.19 28.77
N THR A 56 32.17 21.73 28.01
CA THR A 56 30.76 21.57 28.33
C THR A 56 30.31 20.19 27.91
N LEU A 57 29.19 19.76 28.49
CA LEU A 57 28.58 18.46 28.17
C LEU A 57 28.09 18.44 26.71
N GLY A 58 27.58 19.58 26.23
CA GLY A 58 27.19 19.76 24.84
C GLY A 58 28.33 19.54 23.86
N GLU A 59 29.49 20.11 24.18
CA GLU A 59 30.72 19.93 23.40
C GLU A 59 31.20 18.47 23.40
N CAS A 60 30.97 17.76 24.51
CA CAS A 60 31.23 16.33 24.60
CB CAS A 60 31.56 15.97 26.05
C CAS A 60 30.10 15.46 24.10
O CAS A 60 30.07 14.29 24.43
SG CAS A 60 33.10 16.68 26.55
AS CAS A 60 34.65 16.28 24.93
CE1 CAS A 60 35.12 18.07 24.19
CE2 CAS A 60 36.36 15.42 25.47
N GLY A 61 29.17 16.01 23.32
CA GLY A 61 28.14 15.20 22.67
C GLY A 61 26.84 14.96 23.44
N PHE A 62 26.75 15.38 24.70
CA PHE A 62 25.50 15.23 25.46
C PHE A 62 24.59 16.40 25.15
N THR A 63 23.65 16.16 24.23
CA THR A 63 22.68 17.16 23.82
C THR A 63 21.32 16.83 24.40
N SER A 64 20.47 17.84 24.49
CA SER A 64 19.13 17.66 25.03
C SER A 64 18.26 16.71 24.21
N GLN A 65 18.64 16.44 22.97
CA GLN A 65 17.88 15.53 22.10
C GLN A 65 18.41 14.09 22.05
N THR A 66 19.67 13.87 22.43
CA THR A 66 20.21 12.51 22.58
C THR A 66 20.08 12.01 24.01
N ALA A 67 20.37 12.87 24.97
CA ALA A 67 20.30 12.55 26.39
C ALA A 67 18.90 12.88 26.95
N ARG A 68 17.92 12.04 26.63
CA ARG A 68 16.51 12.25 26.96
C ARG A 68 16.16 11.57 28.31
N PRO A 69 15.09 12.04 29.00
CA PRO A 69 14.69 11.41 30.28
C PRO A 69 14.39 9.91 30.19
N GLN A 70 13.57 9.52 29.21
CA GLN A 70 13.22 8.11 28.96
C GLN A 70 14.34 7.22 28.43
N ALA A 71 15.42 7.85 27.93
CA ALA A 71 16.55 7.13 27.31
C ALA A 71 17.85 7.93 27.46
N PRO A 72 18.34 8.08 28.71
CA PRO A 72 19.47 8.97 29.03
C PRO A 72 20.80 8.44 28.56
N ALA A 73 21.75 9.36 28.35
CA ALA A 73 23.07 9.05 27.81
C ALA A 73 24.02 8.60 28.92
N THR A 74 24.93 7.69 28.59
CA THR A 74 25.83 7.09 29.58
C THR A 74 27.14 7.87 29.66
N VAL A 75 27.57 8.11 30.89
CA VAL A 75 28.86 8.72 31.18
C VAL A 75 29.64 7.78 32.08
N GLY A 76 30.75 7.25 31.57
CA GLY A 76 31.64 6.39 32.34
C GLY A 76 32.31 7.16 33.46
N LEU A 77 32.61 6.48 34.56
CA LEU A 77 33.29 7.07 35.71
C LEU A 77 34.33 6.08 36.16
N ALA A 78 35.50 6.61 36.53
CA ALA A 78 36.60 5.81 37.06
C ALA A 78 37.26 6.56 38.21
N PHE A 79 37.54 5.84 39.30
CA PHE A 79 38.20 6.38 40.47
C PHE A 79 39.70 6.12 40.51
N ARG A 80 40.39 6.91 41.34
CA ARG A 80 41.82 6.76 41.64
C ARG A 80 41.99 6.17 43.03
N ALA A 81 42.55 4.96 43.10
CA ALA A 81 42.92 4.32 44.37
C ALA A 81 44.33 4.77 44.74
N ASP A 82 44.42 5.89 45.46
CA ASP A 82 45.68 6.45 45.96
C ASP A 82 46.64 6.92 44.83
N ASP A 83 47.46 6.02 44.28
CA ASP A 83 48.48 6.40 43.29
C ASP A 83 47.88 6.70 41.91
N THR A 84 47.27 5.68 41.29
CA THR A 84 46.83 5.74 39.87
C THR A 84 45.36 5.40 39.66
N PHE A 85 44.85 5.73 38.48
CA PHE A 85 43.46 5.45 38.10
C PHE A 85 43.26 3.99 37.73
N GLU A 86 42.09 3.48 38.12
CA GLU A 86 41.61 2.18 37.66
C GLU A 86 41.16 2.30 36.20
N ALA A 87 41.12 1.16 35.52
CA ALA A 87 40.55 1.10 34.17
C ALA A 87 39.03 1.31 34.22
N LEU A 88 38.48 1.91 33.17
CA LEU A 88 37.04 2.08 33.07
C LEU A 88 36.37 0.72 33.03
N CAS A 89 35.47 0.50 33.97
CA CAS A 89 34.73 -0.75 34.08
CB CAS A 89 35.29 -1.55 35.25
C CAS A 89 33.30 -0.38 34.33
O CAS A 89 33.00 0.31 35.30
SG CAS A 89 34.28 -2.94 35.65
AS CAS A 89 34.87 -4.32 34.01
CE1 CAS A 89 36.09 -5.74 34.74
CE2 CAS A 89 33.24 -5.18 33.23
N ILE A 90 32.42 -0.82 33.43
CA ILE A 90 30.98 -0.68 33.59
C ILE A 90 30.40 -2.09 33.48
N GLU A 91 29.84 -2.59 34.58
CA GLU A 91 29.20 -3.90 34.61
C GLU A 91 27.92 -3.80 33.78
N PRO A 92 27.70 -4.72 32.83
CA PRO A 92 26.48 -4.63 32.02
C PRO A 92 25.26 -5.01 32.84
N PHE A 93 24.08 -4.55 32.44
CA PHE A 93 22.84 -4.98 33.11
C PHE A 93 22.55 -6.44 32.83
N SER A 94 21.61 -7.00 33.60
CA SER A 94 21.25 -8.40 33.46
C SER A 94 20.63 -8.66 32.10
N SER A 95 20.72 -9.91 31.67
CA SER A 95 20.11 -10.33 30.40
C SER A 95 18.61 -10.57 30.61
N PRO A 96 17.78 -10.07 29.69
CA PRO A 96 16.37 -10.48 29.72
C PRO A 96 16.24 -11.94 29.29
N PRO A 97 15.14 -12.61 29.68
CA PRO A 97 14.94 -13.98 29.23
C PRO A 97 14.56 -14.04 27.75
N GLU A 98 14.36 -15.25 27.23
CA GLU A 98 13.80 -15.44 25.90
C GLU A 98 12.36 -14.92 25.87
N LEU A 99 11.97 -14.30 24.76
CA LEU A 99 10.57 -13.95 24.51
C LEU A 99 9.72 -15.23 24.56
N PRO A 100 8.73 -15.31 25.48
CA PRO A 100 7.85 -16.49 25.49
C PRO A 100 7.19 -16.74 24.14
N ASP A 101 6.82 -18.00 23.88
CA ASP A 101 6.10 -18.38 22.65
C ASP A 101 4.97 -17.41 22.30
N VAL A 102 4.18 -17.07 23.31
CA VAL A 102 3.00 -16.19 23.13
C VAL A 102 3.30 -14.74 22.67
N MET A 103 4.54 -14.27 22.84
CA MET A 103 4.95 -12.93 22.40
C MET A 103 5.72 -12.91 21.06
N LYS A 104 5.50 -13.94 20.23
CA LYS A 104 6.05 -14.03 18.87
C LYS A 104 4.94 -14.41 17.88
N MET B 1 21.58 17.89 46.56
CA MET B 1 20.19 17.36 46.52
C MET B 1 20.12 16.02 47.27
N MET B 2 18.91 15.59 47.59
CA MET B 2 18.71 14.34 48.33
C MET B 2 18.57 13.17 47.36
N TYR B 3 19.37 12.12 47.57
CA TYR B 3 19.38 10.92 46.73
C TYR B 3 19.06 9.66 47.57
N VAL B 4 18.62 8.60 46.91
CA VAL B 4 18.42 7.30 47.55
C VAL B 4 18.96 6.20 46.64
N LYS B 5 19.34 5.08 47.25
CA LYS B 5 19.88 3.93 46.53
C LYS B 5 18.84 2.83 46.35
N LEU B 6 18.61 2.42 45.10
CA LEU B 6 17.75 1.30 44.77
C LEU B 6 18.63 0.17 44.23
N ILE B 7 18.54 -1.01 44.85
CA ILE B 7 19.43 -2.12 44.54
C ILE B 7 18.65 -3.27 43.94
N SER B 8 19.06 -3.70 42.76
CA SER B 8 18.42 -4.80 42.02
C SER B 8 18.79 -6.17 42.57
N SER B 9 18.11 -7.20 42.04
CA SER B 9 18.33 -8.60 42.43
C SER B 9 19.76 -9.06 42.23
N ASP B 10 20.38 -8.56 41.16
CA ASP B 10 21.75 -8.91 40.75
C ASP B 10 22.84 -7.92 41.24
N GLY B 11 22.55 -7.16 42.30
CA GLY B 11 23.57 -6.32 42.95
C GLY B 11 23.82 -4.95 42.37
N HIS B 12 23.17 -4.59 41.25
CA HIS B 12 23.33 -3.25 40.66
C HIS B 12 22.71 -2.18 41.55
N GLU B 13 23.46 -1.10 41.76
CA GLU B 13 23.08 -0.01 42.66
C GLU B 13 22.74 1.26 41.88
N PHE B 14 21.45 1.56 41.78
CA PHE B 14 20.96 2.75 41.09
C PHE B 14 20.68 3.88 42.09
N ILE B 15 21.35 5.02 41.90
CA ILE B 15 21.25 6.15 42.79
C ILE B 15 20.46 7.23 42.09
N VAL B 16 19.25 7.50 42.59
CA VAL B 16 18.32 8.47 42.00
C VAL B 16 17.85 9.46 43.05
N LYS B 17 17.28 10.58 42.61
CA LYS B 17 16.74 11.60 43.54
C LYS B 17 15.64 11.01 44.41
N ARG B 18 15.58 11.43 45.68
CA ARG B 18 14.54 10.96 46.61
C ARG B 18 13.14 11.35 46.14
N GLU B 19 12.99 12.57 45.61
CA GLU B 19 11.75 13.04 44.97
C GLU B 19 11.23 12.05 43.93
N HIS B 20 12.12 11.64 43.02
CA HIS B 20 11.79 10.72 41.93
C HIS B 20 11.34 9.33 42.41
N ALA B 21 12.04 8.80 43.41
CA ALA B 21 11.74 7.46 43.94
C ALA B 21 10.44 7.44 44.74
N LEU B 22 10.09 8.57 45.36
CA LEU B 22 8.84 8.70 46.11
C LEU B 22 7.57 8.68 45.22
N THR B 23 7.74 8.84 43.91
CA THR B 23 6.70 8.51 42.92
C THR B 23 6.05 7.14 43.23
N SER B 24 6.87 6.13 43.53
CA SER B 24 6.37 4.82 43.92
C SER B 24 6.02 4.77 45.41
N GLY B 25 4.73 4.58 45.70
CA GLY B 25 4.23 4.43 47.06
C GLY B 25 4.89 3.29 47.82
N THR B 26 5.22 2.21 47.12
CA THR B 26 5.89 1.05 47.71
C THR B 26 7.29 1.41 48.23
N ILE B 27 8.05 2.18 47.45
CA ILE B 27 9.39 2.61 47.84
C ILE B 27 9.29 3.56 49.04
N LYS B 28 8.31 4.46 49.03
CA LYS B 28 8.11 5.37 50.15
C LYS B 28 7.94 4.61 51.47
N ALA B 29 7.14 3.54 51.44
CA ALA B 29 6.93 2.66 52.60
C ALA B 29 8.20 1.93 53.00
N MET B 30 8.86 1.33 52.01
CA MET B 30 10.15 0.68 52.22
C MET B 30 11.23 1.59 52.83
N LEU B 31 11.12 2.90 52.63
CA LEU B 31 11.97 3.89 53.31
C LEU B 31 11.41 4.32 54.68
N SER B 32 10.23 4.95 54.69
CA SER B 32 9.58 5.38 55.94
C SER B 32 8.90 4.22 56.66
N ASN B 43 17.56 4.82 53.42
CA ASN B 43 18.27 5.44 52.29
C ASN B 43 18.72 4.46 51.21
N GLU B 44 18.73 3.16 51.51
CA GLU B 44 18.91 2.12 50.49
C GLU B 44 17.69 1.18 50.56
N VAL B 45 17.32 0.61 49.41
CA VAL B 45 16.21 -0.34 49.32
C VAL B 45 16.64 -1.48 48.40
N ASN B 46 16.73 -2.69 48.94
CA ASN B 46 17.09 -3.87 48.16
C ASN B 46 15.86 -4.54 47.55
N PHE B 47 15.92 -4.82 46.26
CA PHE B 47 14.87 -5.52 45.55
C PHE B 47 15.36 -6.93 45.20
N ARG B 48 14.75 -7.94 45.82
CA ARG B 48 15.17 -9.32 45.64
C ARG B 48 14.67 -9.87 44.30
N GLU B 49 13.58 -9.31 43.77
CA GLU B 49 12.89 -9.84 42.56
C GLU B 49 13.03 -9.04 41.26
N ILE B 50 13.51 -7.79 41.34
CA ILE B 50 13.59 -6.91 40.17
C ILE B 50 15.04 -6.91 39.66
N PRO B 51 15.31 -7.55 38.49
CA PRO B 51 16.67 -7.51 37.93
C PRO B 51 17.03 -6.14 37.37
N SER B 52 18.32 -5.90 37.18
CA SER B 52 18.87 -4.59 36.82
C SER B 52 18.34 -4.05 35.50
N HIS B 53 18.16 -4.92 34.52
CA HIS B 53 17.59 -4.50 33.24
C HIS B 53 16.15 -3.99 33.34
N VAL B 54 15.43 -4.44 34.36
CA VAL B 54 14.10 -3.91 34.68
C VAL B 54 14.23 -2.64 35.53
N LEU B 55 15.04 -2.69 36.59
CA LEU B 55 15.11 -1.57 37.53
C LEU B 55 15.68 -0.27 36.92
N SER B 56 16.52 -0.40 35.87
CA SER B 56 17.01 0.78 35.14
C SER B 56 15.90 1.46 34.33
N LYS B 57 15.03 0.68 33.71
CA LYS B 57 13.84 1.23 33.05
C LYS B 57 12.90 1.94 34.02
N VAL B 58 12.77 1.39 35.24
CA VAL B 58 11.97 2.00 36.30
C VAL B 58 12.58 3.37 36.67
N CYS B 59 13.88 3.39 36.92
CA CYS B 59 14.58 4.65 37.20
C CYS B 59 14.50 5.65 36.04
N MET B 60 14.50 5.14 34.80
CA MET B 60 14.25 5.99 33.62
C MET B 60 12.83 6.52 33.62
N TYR B 61 11.87 5.69 34.00
CA TYR B 61 10.48 6.12 34.04
C TYR B 61 10.25 7.24 35.04
N PHE B 62 10.87 7.17 36.21
CA PHE B 62 10.77 8.25 37.19
C PHE B 62 11.17 9.58 36.58
N THR B 63 12.32 9.60 35.91
CA THR B 63 12.84 10.83 35.30
C THR B 63 11.85 11.33 34.27
N TYR B 64 11.44 10.42 33.38
CA TYR B 64 10.42 10.70 32.36
C TYR B 64 9.15 11.28 32.95
N LYS B 65 8.63 10.65 33.98
CA LYS B 65 7.36 11.04 34.59
C LYS B 65 7.42 12.40 35.28
N VAL B 66 8.54 12.71 35.93
CA VAL B 66 8.75 14.02 36.58
C VAL B 66 8.99 15.13 35.54
N ARG B 67 9.63 14.79 34.43
CA ARG B 67 9.87 15.76 33.36
C ARG B 67 8.57 16.18 32.69
N TYR B 68 7.74 15.21 32.30
CA TYR B 68 6.58 15.47 31.43
C TYR B 68 5.23 15.67 32.12
N THR B 69 5.13 15.35 33.42
CA THR B 69 3.94 15.73 34.19
C THR B 69 3.87 17.25 34.28
N ASN B 70 2.68 17.81 34.08
CA ASN B 70 2.44 19.26 34.08
C ASN B 70 3.26 19.99 33.01
N SER B 71 3.04 19.63 31.75
CA SER B 71 3.76 20.21 30.61
C SER B 71 2.93 20.09 29.32
N SER B 72 2.74 21.21 28.61
CA SER B 72 2.03 21.22 27.33
C SER B 72 2.98 21.03 26.13
N THR B 73 4.27 20.81 26.39
CA THR B 73 5.20 20.28 25.38
C THR B 73 4.71 18.90 24.93
N GLU B 74 4.95 18.56 23.66
CA GLU B 74 4.59 17.24 23.16
C GLU B 74 5.32 16.16 23.98
N ILE B 75 4.53 15.22 24.51
CA ILE B 75 5.05 14.15 25.33
C ILE B 75 5.38 12.99 24.37
N PRO B 76 6.60 12.43 24.46
CA PRO B 76 6.93 11.29 23.62
C PRO B 76 6.52 9.98 24.28
N GLU B 77 6.50 8.92 23.48
CA GLU B 77 6.15 7.61 23.98
C GLU B 77 7.30 7.09 24.85
N PHE B 78 6.98 6.71 26.08
CA PHE B 78 7.94 6.00 26.94
C PHE B 78 8.16 4.59 26.39
N PRO B 79 9.40 4.27 25.95
CA PRO B 79 9.65 3.02 25.24
C PRO B 79 9.84 1.83 26.15
N ILE B 80 9.34 0.67 25.73
CA ILE B 80 9.54 -0.60 26.43
C ILE B 80 9.81 -1.67 25.39
N ALA B 81 11.00 -2.25 25.42
CA ALA B 81 11.34 -3.36 24.54
C ALA B 81 10.43 -4.54 24.84
N PRO B 82 10.04 -5.30 23.80
CA PRO B 82 9.26 -6.53 24.02
C PRO B 82 9.85 -7.55 25.00
N GLU B 83 11.17 -7.62 25.10
CA GLU B 83 11.87 -8.63 25.92
C GLU B 83 11.64 -8.43 27.40
N ILE B 84 11.47 -7.17 27.80
CA ILE B 84 11.40 -6.76 29.20
C ILE B 84 10.00 -6.32 29.66
N ALA B 85 8.98 -6.51 28.81
CA ALA B 85 7.65 -5.99 29.10
C ALA B 85 6.95 -6.73 30.24
N LEU B 86 7.05 -8.06 30.26
CA LEU B 86 6.47 -8.85 31.37
C LEU B 86 7.10 -8.48 32.70
N GLU B 87 8.43 -8.50 32.76
CA GLU B 87 9.14 -8.23 34.01
C GLU B 87 8.94 -6.80 34.51
N LEU B 88 8.83 -5.86 33.59
CA LEU B 88 8.55 -4.46 33.93
C LEU B 88 7.09 -4.28 34.39
N LEU B 89 6.16 -5.01 33.75
CA LEU B 89 4.75 -5.04 34.17
C LEU B 89 4.62 -5.50 35.61
N MET B 90 5.28 -6.61 35.91
CA MET B 90 5.26 -7.19 37.26
C MET B 90 5.92 -6.27 38.28
N ALA B 91 6.96 -5.55 37.87
CA ALA B 91 7.65 -4.61 38.73
C ALA B 91 6.80 -3.39 39.07
N ALA B 92 6.21 -2.76 38.04
CA ALA B 92 5.28 -1.63 38.24
C ALA B 92 4.03 -2.00 39.05
N ASN B 93 3.51 -3.21 38.85
CA ASN B 93 2.38 -3.70 39.63
C ASN B 93 2.74 -3.86 41.12
N PHE B 94 4.00 -4.21 41.38
CA PHE B 94 4.51 -4.29 42.75
C PHE B 94 4.81 -2.90 43.30
N LEU B 95 5.42 -2.06 42.48
CA LEU B 95 5.81 -0.71 42.90
C LEU B 95 4.65 0.30 42.92
N ASP B 96 3.58 0.01 42.18
CA ASP B 96 2.44 0.93 42.00
C ASP B 96 2.89 2.30 41.48
N CYS B 97 3.49 2.31 40.29
CA CYS B 97 3.89 3.54 39.60
C CYS B 97 3.49 3.51 38.12
N VAL C 11 -26.39 11.45 30.44
CA VAL C 11 -25.89 12.64 31.19
C VAL C 11 -24.83 13.36 30.35
N LEU C 12 -23.74 12.66 30.04
CA LEU C 12 -22.72 13.19 29.12
C LEU C 12 -23.21 13.11 27.68
N ARG C 13 -23.75 14.22 27.20
CA ARG C 13 -24.23 14.36 25.84
C ARG C 13 -23.88 15.72 25.27
N SER C 14 -23.85 15.81 23.94
CA SER C 14 -23.62 17.08 23.27
C SER C 14 -24.86 17.93 23.44
N VAL C 15 -24.65 19.23 23.65
CA VAL C 15 -25.74 20.19 23.69
C VAL C 15 -26.09 20.49 22.24
N ASN C 16 -27.37 20.33 21.88
CA ASN C 16 -27.84 20.58 20.51
C ASN C 16 -28.06 22.09 20.31
N SER C 17 -26.96 22.84 20.20
CA SER C 17 -27.01 24.31 20.15
C SER C 17 -27.25 24.84 18.74
N ARG C 18 -26.68 24.16 17.75
CA ARG C 18 -26.72 24.56 16.33
C ARG C 18 -26.05 25.92 16.07
N GLU C 19 -25.01 26.22 16.88
CA GLU C 19 -24.16 27.40 16.70
C GLU C 19 -22.83 26.85 16.21
N PRO C 20 -22.53 26.99 14.90
CA PRO C 20 -21.31 26.41 14.33
C PRO C 20 -20.02 26.82 15.03
N SER C 21 -19.09 25.87 15.12
CA SER C 21 -17.78 26.10 15.72
C SER C 21 -16.77 25.29 14.92
N GLN C 22 -15.84 25.99 14.28
CA GLN C 22 -14.80 25.37 13.47
C GLN C 22 -13.65 25.00 14.39
N VAL C 23 -13.07 23.82 14.16
CA VAL C 23 -12.05 23.25 15.04
C VAL C 23 -10.91 22.66 14.22
N ILE C 24 -9.69 22.75 14.75
CA ILE C 24 -8.53 22.02 14.23
C ILE C 24 -8.22 20.90 15.24
N PHE C 25 -8.55 19.66 14.87
CA PHE C 25 -8.01 18.49 15.56
C PHE C 25 -6.57 18.41 15.08
N CAS C 26 -5.62 18.52 16.01
CA CAS C 26 -4.21 18.47 15.68
CB CAS C 26 -3.64 19.84 16.02
C CAS C 26 -3.64 17.33 16.49
O CAS C 26 -3.63 17.40 17.73
SG CAS C 26 -1.89 19.90 15.93
AS CAS C 26 -1.47 19.89 13.74
CE1 CAS C 26 -0.56 18.19 13.32
CE2 CAS C 26 -0.21 21.35 13.28
N ASN C 27 -3.20 16.29 15.80
CA ASN C 27 -2.65 15.09 16.46
C ASN C 27 -1.15 15.22 16.76
N ARG C 28 -0.84 15.64 17.99
CA ARG C 28 0.54 15.71 18.46
C ARG C 28 0.89 14.48 19.31
N SER C 29 0.59 13.30 18.77
CA SER C 29 0.89 12.02 19.42
C SER C 29 1.47 11.06 18.38
N PRO C 30 2.10 9.96 18.82
CA PRO C 30 2.59 8.95 17.87
C PRO C 30 1.53 7.91 17.47
N ARG C 31 0.29 8.07 17.94
CA ARG C 31 -0.79 7.11 17.67
C ARG C 31 -1.70 7.61 16.56
N VAL C 32 -2.39 6.65 15.93
CA VAL C 32 -3.46 6.95 14.99
C VAL C 32 -4.65 7.31 15.86
N VAL C 33 -5.20 8.51 15.68
CA VAL C 33 -6.23 9.03 16.57
C VAL C 33 -7.63 8.80 16.01
N LEU C 34 -8.53 8.33 16.87
CA LEU C 34 -9.95 8.14 16.56
C LEU C 34 -10.74 9.17 17.37
N PRO C 35 -11.27 10.22 16.70
CA PRO C 35 -12.16 11.15 17.42
C PRO C 35 -13.54 10.53 17.64
N VAL C 36 -14.02 10.62 18.87
CA VAL C 36 -15.32 10.12 19.27
C VAL C 36 -16.21 11.29 19.69
N TRP C 37 -17.25 11.54 18.90
CA TRP C 37 -18.27 12.52 19.24
C TRP C 37 -19.31 11.83 20.12
N LEU C 38 -19.66 12.47 21.23
CA LEU C 38 -20.75 12.02 22.07
C LEU C 38 -22.01 12.71 21.57
N ASN C 39 -22.91 11.95 20.95
CA ASN C 39 -24.11 12.52 20.34
C ASN C 39 -25.21 12.89 21.34
N PHE C 40 -26.36 13.33 20.82
CA PHE C 40 -27.38 14.01 21.63
C PHE C 40 -28.08 13.10 22.64
N ASP C 41 -28.07 11.79 22.39
CA ASP C 41 -28.62 10.81 23.33
C ASP C 41 -27.55 10.06 24.12
N GLY C 42 -26.32 10.58 24.12
CA GLY C 42 -25.21 10.04 24.91
C GLY C 42 -24.28 9.07 24.19
N GLU C 43 -24.66 8.60 23.01
CA GLU C 43 -23.97 7.50 22.33
C GLU C 43 -22.70 7.95 21.60
N PRO C 44 -21.60 7.19 21.77
CA PRO C 44 -20.35 7.55 21.11
C PRO C 44 -20.36 7.22 19.61
N GLN C 45 -20.22 8.26 18.79
CA GLN C 45 -20.08 8.12 17.35
C GLN C 45 -18.61 8.28 16.95
N PRO C 46 -18.04 7.30 16.22
CA PRO C 46 -16.68 7.45 15.72
C PRO C 46 -16.62 8.32 14.48
N TYR C 47 -15.49 8.99 14.30
CA TYR C 47 -15.20 9.82 13.13
C TYR C 47 -13.95 9.27 12.42
N PRO C 48 -13.66 9.78 11.21
CA PRO C 48 -12.46 9.29 10.52
C PRO C 48 -11.19 9.49 11.34
N THR C 49 -10.24 8.58 11.17
CA THR C 49 -9.01 8.60 11.97
C THR C 49 -8.06 9.70 11.51
N LEU C 50 -7.32 10.30 12.45
CA LEU C 50 -6.16 11.16 12.13
C LEU C 50 -4.85 10.40 12.29
N PRO C 51 -4.04 10.28 11.22
CA PRO C 51 -2.69 9.71 11.40
C PRO C 51 -1.80 10.54 12.35
N PRO C 52 -0.72 9.94 12.90
CA PRO C 52 0.17 10.68 13.82
C PRO C 52 0.75 11.93 13.18
N GLY C 53 0.75 13.04 13.91
CA GLY C 53 1.29 14.30 13.40
C GLY C 53 0.49 15.03 12.33
N THR C 54 -0.74 14.58 12.08
CA THR C 54 -1.60 15.21 11.07
C THR C 54 -2.68 16.03 11.75
N GLY C 55 -3.37 16.83 10.95
CA GLY C 55 -4.48 17.64 11.43
C GLY C 55 -5.61 17.68 10.42
N ARG C 56 -6.79 18.02 10.91
CA ARG C 56 -7.99 18.15 10.08
C ARG C 56 -8.72 19.39 10.54
N ARG C 57 -9.11 20.26 9.62
CA ARG C 57 -10.04 21.34 9.94
C ARG C 57 -11.43 20.75 9.78
N ILE C 58 -12.20 20.78 10.86
CA ILE C 58 -13.50 20.14 10.89
C ILE C 58 -14.56 21.11 11.35
N HIS C 59 -15.79 20.79 10.99
CA HIS C 59 -16.96 21.54 11.44
C HIS C 59 -17.66 20.77 12.56
N SER C 60 -17.73 21.40 13.73
CA SER C 60 -18.54 20.93 14.86
C SER C 60 -19.49 22.06 15.26
N TYR C 61 -20.05 21.99 16.47
CA TYR C 61 -20.91 23.05 17.00
C TYR C 61 -20.56 23.30 18.47
N ARG C 62 -21.00 24.45 18.98
CA ARG C 62 -20.73 24.82 20.38
C ARG C 62 -21.51 23.92 21.34
N GLY C 63 -20.87 23.56 22.45
CA GLY C 63 -21.46 22.64 23.41
C GLY C 63 -21.37 21.17 23.06
N HIS C 64 -20.88 20.83 21.86
CA HIS C 64 -20.67 19.44 21.46
C HIS C 64 -19.51 18.83 22.23
N LEU C 65 -19.55 17.53 22.45
CA LEU C 65 -18.57 16.84 23.30
C LEU C 65 -17.77 15.87 22.44
N TRP C 66 -16.44 16.01 22.51
CA TRP C 66 -15.54 15.06 21.87
C TRP C 66 -14.55 14.52 22.88
N LEU C 67 -14.12 13.28 22.66
CA LEU C 67 -12.94 12.72 23.32
C LEU C 67 -12.13 11.96 22.28
N PHE C 68 -10.89 11.59 22.61
CA PHE C 68 -9.92 11.08 21.62
C PHE C 68 -9.22 9.82 22.12
N ARG C 69 -9.10 8.84 21.22
CA ARG C 69 -8.59 7.50 21.54
C ARG C 69 -7.60 7.04 20.47
N ASP C 70 -6.69 6.15 20.85
CA ASP C 70 -5.89 5.40 19.89
C ASP C 70 -6.83 4.51 19.07
N ALA C 71 -6.78 4.61 17.76
CA ALA C 71 -7.74 3.92 16.88
C ALA C 71 -7.64 2.39 16.93
N GLY C 72 -6.44 1.88 17.19
CA GLY C 72 -6.19 0.44 17.17
C GLY C 72 -6.34 -0.27 18.51
N THR C 73 -6.11 0.45 19.60
CA THR C 73 -6.17 -0.13 20.95
C THR C 73 -7.13 0.56 21.91
N HIS C 74 -7.74 1.67 21.49
CA HIS C 74 -8.63 2.48 22.33
C HIS C 74 -8.01 3.10 23.60
N ASP C 75 -6.68 3.10 23.70
CA ASP C 75 -5.98 3.78 24.79
C ASP C 75 -6.41 5.24 24.81
N GLY C 76 -6.62 5.79 26.00
CA GLY C 76 -7.08 7.16 26.15
C GLY C 76 -5.99 8.16 25.79
N LEU C 77 -6.38 9.21 25.06
CA LEU C 77 -5.53 10.34 24.80
C LEU C 77 -6.11 11.57 25.48
N LEU C 78 -5.30 12.60 25.62
CA LEU C 78 -5.74 13.89 26.12
C LEU C 78 -5.97 14.80 24.95
N VAL C 79 -6.83 15.79 25.17
CA VAL C 79 -7.04 16.89 24.23
C VAL C 79 -7.02 18.18 25.04
N ASN C 80 -6.06 19.05 24.74
CA ASN C 80 -5.78 20.26 25.53
C ASN C 80 -5.70 19.98 27.03
N GLN C 81 -4.87 18.97 27.36
CA GLN C 81 -4.53 18.59 28.74
C GLN C 81 -5.65 17.88 29.52
N THR C 82 -6.69 17.42 28.84
CA THR C 82 -7.86 16.95 29.54
C THR C 82 -8.64 15.88 28.76
N GLU C 83 -9.61 15.27 29.43
CA GLU C 83 -10.41 14.14 28.90
C GLU C 83 -11.34 14.53 27.75
N LEU C 84 -12.14 15.56 27.97
CA LEU C 84 -13.20 16.00 27.05
C LEU C 84 -12.88 17.36 26.45
N PHE C 85 -13.27 17.55 25.19
CA PHE C 85 -13.11 18.81 24.48
C PHE C 85 -14.48 19.35 24.02
N VAL C 86 -14.73 20.62 24.32
CA VAL C 86 -15.98 21.28 23.95
C VAL C 86 -15.63 22.49 23.09
N PRO C 87 -16.17 22.55 21.85
CA PRO C 87 -15.97 23.76 21.06
C PRO C 87 -16.55 25.02 21.72
N SER C 88 -15.69 26.03 21.86
CA SER C 88 -16.07 27.33 22.39
C SER C 88 -16.47 28.26 21.23
N LEU C 89 -16.77 29.52 21.55
CA LEU C 89 -17.07 30.55 20.55
C LEU C 89 -15.81 30.88 19.76
N ASN C 90 -15.91 30.89 18.44
CA ASN C 90 -14.83 31.36 17.57
C ASN C 90 -14.72 32.89 17.60
N VAL C 91 -13.63 33.39 18.17
CA VAL C 91 -13.34 34.83 18.20
C VAL C 91 -12.40 35.15 17.04
N ASP C 92 -12.61 36.31 16.42
CA ASP C 92 -11.80 36.79 15.28
C ASP C 92 -12.02 35.94 14.00
N GLY C 93 -13.16 35.25 13.92
CA GLY C 93 -13.43 34.27 12.85
C GLY C 93 -12.47 33.09 12.78
N GLN C 94 -11.79 32.80 13.89
CA GLN C 94 -10.62 31.92 13.93
C GLN C 94 -10.97 30.59 14.62
N PRO C 95 -10.44 29.45 14.12
CA PRO C 95 -10.79 28.15 14.72
C PRO C 95 -10.20 27.89 16.10
N ILE C 96 -10.88 27.04 16.88
CA ILE C 96 -10.41 26.62 18.20
C ILE C 96 -9.46 25.45 18.00
N PHE C 97 -8.30 25.52 18.65
CA PHE C 97 -7.26 24.50 18.49
C PHE C 97 -7.46 23.36 19.49
N ALA C 98 -7.52 22.13 18.99
CA ALA C 98 -7.74 20.94 19.82
C ALA C 98 -6.55 19.99 19.74
N ASN C 99 -5.55 20.25 20.60
CA ASN C 99 -4.32 19.47 20.63
C ASN C 99 -4.45 18.11 21.29
N ILE C 100 -4.43 17.08 20.44
CA ILE C 100 -4.49 15.69 20.89
C ILE C 100 -3.07 15.23 21.18
N THR C 101 -2.82 14.81 22.43
CA THR C 101 -1.49 14.38 22.87
C THR C 101 -1.56 13.12 23.71
N LEU C 102 -0.43 12.47 23.92
CA LEU C 102 -0.33 11.38 24.89
C LEU C 102 -0.47 11.96 26.30
N PRO C 103 -1.10 11.19 27.22
CA PRO C 103 -0.89 11.46 28.64
C PRO C 103 0.42 10.82 29.10
N VAL C 104 0.89 11.21 30.28
CA VAL C 104 1.98 10.50 30.92
C VAL C 104 1.32 9.29 31.59
N TYR C 105 1.15 8.22 30.82
CA TYR C 105 0.59 6.96 31.31
C TYR C 105 1.37 6.49 32.53
N THR C 106 0.71 5.78 33.43
CA THR C 106 1.41 5.06 34.49
C THR C 106 2.34 4.06 33.83
N LEU C 107 3.43 3.71 34.50
CA LEU C 107 4.30 2.65 33.99
C LEU C 107 3.52 1.34 33.84
N LYS C 108 2.65 1.03 34.80
CA LYS C 108 1.81 -0.18 34.75
C LYS C 108 0.91 -0.23 33.51
N GLU C 109 0.18 0.86 33.24
CA GLU C 109 -0.72 0.89 32.08
C GLU C 109 0.05 0.89 30.76
N ARG C 110 1.21 1.54 30.74
CA ARG C 110 2.10 1.51 29.60
C ARG C 110 2.65 0.10 29.35
N CYS C 111 3.02 -0.60 30.43
CA CYS C 111 3.44 -2.00 30.35
C CYS C 111 2.32 -2.90 29.84
N LEU C 112 1.09 -2.60 30.25
CA LEU C 112 -0.08 -3.31 29.75
C LEU C 112 -0.28 -3.12 28.25
N GLN C 113 -0.16 -1.87 27.79
CA GLN C 113 -0.29 -1.55 26.35
C GLN C 113 0.64 -2.38 25.48
N VAL C 114 1.91 -2.44 25.87
CA VAL C 114 2.93 -3.17 25.12
C VAL C 114 2.63 -4.66 25.13
N VAL C 115 2.31 -5.20 26.31
CA VAL C 115 1.95 -6.62 26.44
C VAL C 115 0.70 -6.96 25.62
N ARG C 116 -0.30 -6.08 25.63
CA ARG C 116 -1.48 -6.25 24.78
C ARG C 116 -1.16 -6.25 23.28
N SER C 117 -0.24 -5.38 22.88
CA SER C 117 0.18 -5.27 21.47
C SER C 117 1.06 -6.43 20.96
N LEU C 118 1.60 -7.24 21.86
CA LEU C 118 2.45 -8.38 21.50
C LEU C 118 1.78 -9.75 21.67
N VAL C 119 0.81 -9.86 22.58
CA VAL C 119 0.06 -11.10 22.82
C VAL C 119 -1.37 -10.91 22.38
N LYS C 120 -1.91 -11.90 21.65
CA LYS C 120 -3.31 -11.88 21.24
C LYS C 120 -4.17 -12.27 22.43
N PRO C 121 -5.36 -11.66 22.59
CA PRO C 121 -6.30 -11.93 23.70
C PRO C 121 -6.43 -13.37 24.21
N GLU C 122 -6.36 -14.35 23.30
CA GLU C 122 -6.50 -15.79 23.65
C GLU C 122 -5.46 -16.28 24.65
N ASN C 123 -4.24 -15.75 24.55
CA ASN C 123 -3.10 -16.28 25.31
C ASN C 123 -2.70 -15.48 26.57
N TYR C 124 -3.54 -14.53 26.98
CA TYR C 124 -3.28 -13.77 28.23
C TYR C 124 -3.20 -14.68 29.44
N ARG C 125 -4.12 -15.63 29.53
CA ARG C 125 -4.14 -16.62 30.61
C ARG C 125 -2.90 -17.54 30.66
N ARG C 126 -2.27 -17.79 29.51
CA ARG C 126 -1.04 -18.60 29.44
C ARG C 126 0.22 -17.94 30.03
N LEU C 127 0.25 -16.59 30.05
CA LEU C 127 1.38 -15.83 30.60
C LEU C 127 1.62 -16.14 32.08
N ASP C 128 2.88 -16.11 32.50
CA ASP C 128 3.26 -16.51 33.86
C ASP C 128 3.24 -15.31 34.81
N ILE C 129 2.03 -14.88 35.15
CA ILE C 129 1.82 -13.73 36.04
C ILE C 129 0.65 -14.00 36.99
N VAL C 130 0.50 -13.12 37.99
CA VAL C 130 -0.61 -13.22 38.95
C VAL C 130 -1.98 -13.06 38.27
N ARG C 131 -3.01 -13.68 38.86
CA ARG C 131 -4.37 -13.61 38.31
C ARG C 131 -4.97 -12.20 38.36
N SER C 132 -4.38 -11.32 39.18
CA SER C 132 -4.72 -9.90 39.20
C SER C 132 -4.32 -9.16 37.91
N LEU C 133 -3.26 -9.63 37.26
CA LEU C 133 -2.76 -9.02 36.01
C LEU C 133 -3.45 -9.54 34.75
N TYR C 134 -3.96 -10.77 34.77
CA TYR C 134 -4.83 -11.27 33.68
C TYR C 134 -6.06 -10.38 33.60
N GLU C 135 -6.63 -10.07 34.76
CA GLU C 135 -7.83 -9.22 34.85
C GLU C 135 -7.57 -7.77 34.41
N ASP C 136 -6.37 -7.24 34.67
CA ASP C 136 -5.97 -5.93 34.15
C ASP C 136 -5.73 -5.95 32.64
N LEU C 137 -5.14 -7.05 32.15
CA LEU C 137 -4.88 -7.23 30.71
C LEU C 137 -6.15 -7.36 29.87
N GLU C 138 -7.07 -8.22 30.32
CA GLU C 138 -8.36 -8.44 29.66
C GLU C 138 -9.29 -7.23 29.76
N ASP C 139 -9.14 -6.43 30.82
CA ASP C 139 -9.92 -5.19 31.00
C ASP C 139 -9.29 -4.04 30.19
N HIS C 140 -9.25 -4.24 28.88
CA HIS C 140 -8.58 -3.31 27.96
C HIS C 140 -9.35 -1.98 27.88
N PRO C 141 -8.70 -0.89 27.45
CA PRO C 141 -9.41 0.38 27.39
C PRO C 141 -10.65 0.32 26.50
N ASN C 142 -11.72 0.94 26.98
CA ASN C 142 -13.05 0.82 26.38
C ASN C 142 -13.81 2.12 26.65
N VAL C 143 -14.53 2.62 25.64
CA VAL C 143 -15.14 3.96 25.72
C VAL C 143 -16.38 3.96 26.63
N GLN C 144 -17.17 2.87 26.61
CA GLN C 144 -18.33 2.76 27.48
C GLN C 144 -17.93 2.74 28.97
N LYS C 145 -16.85 2.05 29.28
CA LYS C 145 -16.31 2.03 30.66
C LYS C 145 -16.02 3.44 31.18
N ASP C 146 -15.32 4.23 30.37
CA ASP C 146 -14.87 5.56 30.78
C ASP C 146 -15.98 6.59 30.87
N LEU C 147 -17.00 6.47 30.01
CA LEU C 147 -18.16 7.35 30.11
C LEU C 147 -19.00 7.08 31.36
N GLU C 148 -19.00 5.85 31.87
CA GLU C 148 -19.67 5.52 33.13
C GLU C 148 -18.94 6.13 34.33
N ARG C 149 -17.61 6.12 34.27
CA ARG C 149 -16.77 6.75 35.30
C ARG C 149 -17.03 8.27 35.34
N LEU C 150 -16.77 8.94 34.22
CA LEU C 150 -16.98 10.40 34.08
C LEU C 150 -18.40 10.81 34.51
N THR C 151 -19.37 9.93 34.23
CA THR C 151 -20.75 10.05 34.72
C THR C 151 -20.90 9.38 36.08
N MET D 1 14.80 -16.46 2.85
CA MET D 1 13.97 -17.70 2.93
C MET D 1 14.53 -18.68 3.95
N ASP D 2 13.65 -19.54 4.47
CA ASP D 2 14.01 -20.52 5.50
C ASP D 2 14.41 -21.86 4.89
N VAL D 3 15.53 -22.41 5.36
CA VAL D 3 15.97 -23.74 4.99
C VAL D 3 15.79 -24.63 6.22
N PHE D 4 15.52 -25.90 5.97
CA PHE D 4 15.24 -26.87 7.03
C PHE D 4 16.28 -28.00 6.96
N LEU D 5 16.97 -28.24 8.08
CA LEU D 5 18.19 -29.04 8.06
C LEU D 5 18.10 -30.28 8.94
N MET D 6 18.70 -31.37 8.47
CA MET D 6 19.08 -32.50 9.32
C MET D 6 20.60 -32.39 9.54
N ILE D 7 21.03 -32.13 10.78
CA ILE D 7 22.46 -32.06 11.10
C ILE D 7 22.86 -33.36 11.78
N ARG D 8 23.60 -34.20 11.05
CA ARG D 8 23.81 -35.59 11.44
C ARG D 8 25.26 -35.96 11.77
N ARG D 9 25.44 -36.72 12.85
CA ARG D 9 26.73 -37.29 13.26
C ARG D 9 26.49 -38.62 13.98
N HIS D 10 27.11 -39.69 13.48
CA HIS D 10 26.93 -41.05 14.05
C HIS D 10 25.44 -41.40 14.18
N LYS D 11 24.92 -41.57 15.40
CA LYS D 11 23.51 -41.85 15.64
C LYS D 11 22.73 -40.59 16.11
N THR D 12 23.36 -39.42 16.01
CA THR D 12 22.72 -38.14 16.36
C THR D 12 22.17 -37.44 15.11
N THR D 13 20.98 -36.87 15.25
CA THR D 13 20.29 -36.18 14.16
C THR D 13 19.53 -34.98 14.75
N ILE D 14 19.74 -33.79 14.20
CA ILE D 14 19.16 -32.56 14.74
C ILE D 14 18.29 -31.91 13.67
N PHE D 15 17.04 -31.62 14.04
CA PHE D 15 16.11 -30.93 13.16
C PHE D 15 16.05 -29.48 13.59
N THR D 16 16.63 -28.60 12.78
CA THR D 16 16.57 -27.17 13.00
C THR D 16 16.33 -26.47 11.67
N ASP D 17 16.10 -25.16 11.74
CA ASP D 17 15.95 -24.32 10.56
C ASP D 17 16.92 -23.16 10.62
N ALA D 18 17.12 -22.51 9.48
CA ALA D 18 17.99 -21.36 9.39
C ALA D 18 17.60 -20.52 8.19
N LYS D 19 17.96 -19.25 8.23
CA LYS D 19 17.83 -18.38 7.06
C LYS D 19 18.82 -18.83 5.97
N GLU D 20 18.46 -18.58 4.72
CA GLU D 20 19.34 -18.91 3.59
C GLU D 20 20.63 -18.08 3.63
N SER D 21 20.51 -16.81 4.03
CA SER D 21 21.65 -15.90 4.20
C SER D 21 22.49 -16.14 5.48
N SER D 22 21.94 -16.89 6.44
CA SER D 22 22.70 -17.38 7.61
C SER D 22 24.04 -17.98 7.20
N THR D 23 25.11 -17.63 7.91
CA THR D 23 26.43 -18.17 7.62
C THR D 23 26.58 -19.58 8.21
N VAL D 24 27.61 -20.28 7.76
CA VAL D 24 27.96 -21.61 8.29
C VAL D 24 28.41 -21.51 9.75
N PHE D 25 29.10 -20.42 10.09
CA PHE D 25 29.48 -20.16 11.47
C PHE D 25 28.26 -20.04 12.39
N GLU D 26 27.25 -19.29 11.95
CA GLU D 26 26.01 -19.13 12.73
C GLU D 26 25.28 -20.46 12.98
N LEU D 27 25.38 -21.38 12.01
CA LEU D 27 24.86 -22.75 12.18
C LEU D 27 25.67 -23.54 13.22
N LYS D 28 26.99 -23.35 13.26
CA LYS D 28 27.84 -23.96 14.29
C LYS D 28 27.56 -23.46 15.71
N ARG D 29 27.12 -22.20 15.83
CA ARG D 29 26.63 -21.65 17.11
C ARG D 29 25.32 -22.30 17.58
N ILE D 30 24.45 -22.69 16.64
CA ILE D 30 23.20 -23.37 16.96
C ILE D 30 23.48 -24.81 17.41
N VAL D 31 24.44 -25.47 16.76
CA VAL D 31 24.89 -26.81 17.17
C VAL D 31 25.46 -26.77 18.59
N GLU D 32 26.20 -25.70 18.91
CA GLU D 32 26.82 -25.50 20.22
C GLU D 32 25.82 -25.52 21.38
N GLY D 33 24.73 -24.78 21.20
CA GLY D 33 23.66 -24.73 22.20
C GLY D 33 22.99 -26.07 22.46
N ILE D 34 22.93 -26.91 21.43
CA ILE D 34 22.37 -28.26 21.54
C ILE D 34 23.43 -29.23 22.09
N LEU D 35 24.41 -29.62 21.26
CA LEU D 35 25.36 -30.69 21.62
C LEU D 35 26.54 -30.28 22.52
N LYS D 36 26.55 -29.03 22.99
CA LYS D 36 27.50 -28.56 24.01
C LYS D 36 28.94 -28.58 23.51
N ARG D 37 29.15 -28.15 22.27
CA ARG D 37 30.46 -28.17 21.62
C ARG D 37 30.71 -26.86 20.86
N PRO D 38 31.77 -26.11 21.21
CA PRO D 38 31.99 -24.81 20.55
C PRO D 38 32.41 -24.94 19.06
N PRO D 39 32.21 -23.85 18.25
CA PRO D 39 32.52 -23.86 16.81
C PRO D 39 33.90 -24.40 16.41
N ASP D 40 34.94 -24.06 17.18
CA ASP D 40 36.32 -24.53 16.89
C ASP D 40 36.50 -26.06 16.98
N GLU D 41 35.63 -26.75 17.71
CA GLU D 41 35.62 -28.23 17.77
C GLU D 41 34.64 -28.87 16.76
N GLN D 42 34.02 -28.07 15.89
CA GLN D 42 33.04 -28.57 14.92
C GLN D 42 33.58 -28.52 13.50
N ARG D 43 33.04 -29.39 12.64
CA ARG D 43 33.23 -29.31 11.19
C ARG D 43 31.94 -29.73 10.50
N LEU D 44 31.29 -28.78 9.83
CA LEU D 44 30.06 -29.07 9.09
C LEU D 44 30.38 -29.43 7.66
N TYR D 45 29.62 -30.39 7.11
CA TYR D 45 29.86 -30.91 5.77
C TYR D 45 28.56 -30.90 4.95
N LYS D 46 28.69 -30.66 3.64
CA LYS D 46 27.63 -31.00 2.69
C LYS D 46 28.15 -32.17 1.87
N ASP D 47 27.55 -33.35 2.06
CA ASP D 47 28.05 -34.61 1.49
C ASP D 47 29.48 -34.88 2.01
N ASP D 48 30.51 -34.71 1.17
CA ASP D 48 31.92 -34.83 1.59
C ASP D 48 32.68 -33.50 1.65
N GLN D 49 31.99 -32.40 1.36
CA GLN D 49 32.61 -31.07 1.23
C GLN D 49 32.65 -30.30 2.55
N LEU D 50 33.85 -29.95 2.99
CA LEU D 50 34.05 -29.11 4.18
C LEU D 50 33.51 -27.70 3.94
N LEU D 51 32.67 -27.22 4.86
CA LEU D 51 32.07 -25.90 4.76
C LEU D 51 32.88 -24.85 5.52
N ASP D 52 33.43 -23.86 4.81
CA ASP D 52 34.07 -22.69 5.43
C ASP D 52 33.06 -21.95 6.30
N ASP D 53 33.52 -21.41 7.43
CA ASP D 53 32.66 -20.73 8.41
C ASP D 53 31.92 -19.51 7.85
N GLY D 54 32.64 -18.67 7.10
CA GLY D 54 32.09 -17.41 6.61
C GLY D 54 31.05 -17.49 5.50
N LYS D 55 30.98 -18.64 4.81
CA LYS D 55 30.07 -18.80 3.67
C LYS D 55 28.62 -18.95 4.14
N THR D 56 27.68 -18.43 3.36
CA THR D 56 26.26 -18.59 3.65
C THR D 56 25.78 -19.98 3.23
N LEU D 57 24.63 -20.37 3.77
CA LEU D 57 24.00 -21.63 3.43
C LEU D 57 23.45 -21.61 1.99
N GLY D 58 23.05 -20.44 1.51
CA GLY D 58 22.65 -20.26 0.10
C GLY D 58 23.78 -20.50 -0.89
N GLU D 59 24.97 -20.04 -0.51
CA GLU D 59 26.23 -20.29 -1.25
C GLU D 59 26.64 -21.76 -1.28
N CAS D 60 26.47 -22.48 -0.16
CA CAS D 60 26.77 -23.92 -0.10
CB CAS D 60 27.19 -24.31 1.32
C CAS D 60 25.63 -24.81 -0.55
O CAS D 60 25.57 -25.98 -0.19
SG CAS D 60 28.62 -23.43 1.87
AS CAS D 60 30.25 -23.98 0.41
CE1 CAS D 60 30.71 -22.36 -0.64
CE2 CAS D 60 31.94 -24.61 1.27
N GLY D 61 24.69 -24.28 -1.36
CA GLY D 61 23.65 -25.09 -1.98
C GLY D 61 22.46 -25.51 -1.12
N PHE D 62 22.38 -24.99 0.11
CA PHE D 62 21.22 -25.21 0.96
C PHE D 62 20.25 -24.11 0.66
N THR D 63 19.25 -24.42 -0.16
CA THR D 63 18.21 -23.47 -0.54
C THR D 63 16.87 -23.93 0.00
N SER D 64 15.95 -22.99 0.15
CA SER D 64 14.63 -23.27 0.71
C SER D 64 13.84 -24.27 -0.11
N GLN D 65 14.20 -24.42 -1.39
CA GLN D 65 13.48 -25.31 -2.30
C GLN D 65 14.01 -26.75 -2.28
N THR D 66 15.24 -26.96 -1.84
CA THR D 66 15.78 -28.31 -1.59
C THR D 66 15.64 -28.71 -0.12
N ALA D 67 15.96 -27.77 0.77
CA ALA D 67 15.92 -27.99 2.21
C ALA D 67 14.54 -27.66 2.77
N ARG D 68 13.57 -28.53 2.48
CA ARG D 68 12.15 -28.29 2.78
C ARG D 68 11.77 -28.85 4.15
N PRO D 69 10.61 -28.42 4.71
CA PRO D 69 10.18 -28.92 6.03
C PRO D 69 9.97 -30.44 6.07
N GLN D 70 9.23 -30.95 5.08
CA GLN D 70 8.95 -32.38 4.89
C GLN D 70 10.12 -33.23 4.41
N ALA D 71 11.12 -32.60 3.77
CA ALA D 71 12.25 -33.29 3.16
C ALA D 71 13.50 -32.42 3.31
N PRO D 72 14.03 -32.32 4.55
CA PRO D 72 15.15 -31.42 4.83
C PRO D 72 16.47 -31.95 4.26
N ALA D 73 17.46 -31.05 4.17
CA ALA D 73 18.76 -31.35 3.56
C ALA D 73 19.76 -31.71 4.65
N THR D 74 20.54 -32.76 4.41
CA THR D 74 21.47 -33.28 5.42
C THR D 74 22.79 -32.50 5.51
N VAL D 75 23.14 -32.13 6.73
CA VAL D 75 24.39 -31.46 7.06
C VAL D 75 25.21 -32.43 7.90
N GLY D 76 26.40 -32.77 7.43
CA GLY D 76 27.33 -33.64 8.16
C GLY D 76 27.99 -32.91 9.31
N LEU D 77 28.26 -33.64 10.39
CA LEU D 77 28.98 -33.08 11.55
C LEU D 77 30.02 -34.08 12.06
N ALA D 78 31.19 -33.55 12.40
CA ALA D 78 32.26 -34.29 13.03
C ALA D 78 32.87 -33.41 14.12
N PHE D 79 33.27 -34.03 15.22
CA PHE D 79 33.96 -33.33 16.32
C PHE D 79 35.43 -33.72 16.35
N ARG D 80 36.20 -33.03 17.20
CA ARG D 80 37.59 -33.42 17.49
C ARG D 80 37.80 -33.73 18.98
N ALA D 81 38.51 -34.82 19.25
CA ALA D 81 39.11 -35.08 20.54
C ALA D 81 40.63 -34.84 20.40
N ASP D 82 41.22 -34.24 21.44
CA ASP D 82 42.62 -33.81 21.43
C ASP D 82 42.90 -32.78 20.33
N ASP D 83 43.71 -33.14 19.33
CA ASP D 83 44.24 -32.20 18.34
C ASP D 83 43.50 -32.31 17.00
N THR D 84 43.45 -33.53 16.44
CA THR D 84 42.88 -33.77 15.09
C THR D 84 41.43 -34.27 15.14
N PHE D 85 40.70 -34.00 14.05
CA PHE D 85 39.29 -34.38 13.90
C PHE D 85 39.11 -35.87 13.58
N GLU D 86 37.91 -36.37 13.86
CA GLU D 86 37.46 -37.68 13.37
C GLU D 86 36.82 -37.51 11.98
N ALA D 87 36.80 -38.59 11.21
CA ALA D 87 36.22 -38.59 9.88
C ALA D 87 34.69 -38.51 9.96
N LEU D 88 34.08 -37.94 8.92
CA LEU D 88 32.62 -37.84 8.85
C LEU D 88 32.04 -39.25 8.77
N CAS D 89 31.12 -39.54 9.68
CA CAS D 89 30.44 -40.83 9.74
CB CAS D 89 31.16 -41.70 10.77
C CAS D 89 29.00 -40.55 10.10
O CAS D 89 28.72 -39.99 11.16
SG CAS D 89 30.18 -43.04 11.36
AS CAS D 89 30.33 -44.47 9.67
CE1 CAS D 89 31.95 -45.62 9.91
CE2 CAS D 89 28.69 -45.61 9.60
N ILE D 90 28.10 -40.91 9.19
CA ILE D 90 26.65 -40.81 9.40
C ILE D 90 26.09 -42.23 9.34
N GLU D 91 25.60 -42.73 10.48
CA GLU D 91 24.95 -44.04 10.53
C GLU D 91 23.63 -43.94 9.78
N PRO D 92 23.40 -44.79 8.77
CA PRO D 92 22.13 -44.70 8.03
C PRO D 92 20.95 -45.17 8.87
N PHE D 93 19.74 -44.75 8.50
CA PHE D 93 18.54 -45.25 9.18
C PHE D 93 18.32 -46.71 8.81
N SER D 94 17.41 -47.36 9.53
CA SER D 94 17.11 -48.77 9.28
C SER D 94 16.37 -48.94 7.96
N SER D 95 16.50 -50.12 7.37
CA SER D 95 15.82 -50.44 6.13
C SER D 95 14.33 -50.68 6.39
N PRO D 96 13.45 -50.20 5.50
CA PRO D 96 12.05 -50.64 5.54
C PRO D 96 11.94 -52.15 5.27
N PRO D 97 10.83 -52.78 5.69
CA PRO D 97 10.67 -54.22 5.50
C PRO D 97 10.33 -54.59 4.05
N GLU D 98 10.09 -55.88 3.82
CA GLU D 98 9.50 -56.36 2.57
C GLU D 98 8.11 -55.75 2.42
N LEU D 99 7.78 -55.30 1.21
CA LEU D 99 6.44 -54.78 0.92
C LEU D 99 5.42 -55.91 1.07
N PRO D 100 4.39 -55.72 1.92
CA PRO D 100 3.39 -56.77 2.13
C PRO D 100 2.76 -57.29 0.83
N ASP D 101 2.38 -58.57 0.85
CA ASP D 101 1.80 -59.25 -0.33
C ASP D 101 0.62 -58.48 -0.95
N VAL D 102 -0.09 -57.70 -0.13
CA VAL D 102 -1.16 -56.83 -0.61
C VAL D 102 -0.61 -55.65 -1.41
N MET D 103 0.33 -54.91 -0.79
CA MET D 103 0.88 -53.70 -1.39
C MET D 103 1.84 -54.01 -2.55
N MET E 1 15.61 -21.45 22.43
CA MET E 1 14.47 -22.42 22.47
C MET E 1 14.91 -23.71 23.17
N MET E 2 13.93 -24.44 23.71
CA MET E 2 14.18 -25.70 24.43
C MET E 2 14.02 -26.89 23.48
N TYR E 3 14.99 -27.79 23.49
CA TYR E 3 14.99 -29.01 22.66
C TYR E 3 14.74 -30.27 23.49
N VAL E 4 14.24 -31.32 22.83
CA VAL E 4 14.03 -32.64 23.44
C VAL E 4 14.58 -33.73 22.53
N LYS E 5 14.87 -34.90 23.11
CA LYS E 5 15.53 -36.00 22.41
C LYS E 5 14.60 -37.20 22.28
N LEU E 6 14.51 -37.73 21.06
CA LEU E 6 13.68 -38.90 20.75
C LEU E 6 14.58 -40.01 20.23
N ILE E 7 14.72 -41.09 21.02
CA ILE E 7 15.56 -42.22 20.66
C ILE E 7 14.69 -43.31 20.01
N SER E 8 15.16 -43.83 18.87
CA SER E 8 14.45 -44.88 18.13
C SER E 8 14.71 -46.27 18.73
N SER E 9 14.10 -47.30 18.13
CA SER E 9 14.29 -48.69 18.59
C SER E 9 15.71 -49.20 18.31
N ASP E 10 16.22 -48.95 17.10
CA ASP E 10 17.61 -49.27 16.73
C ASP E 10 18.69 -48.33 17.36
N GLY E 11 18.27 -47.21 17.94
CA GLY E 11 19.13 -46.38 18.80
C GLY E 11 19.52 -44.99 18.29
N HIS E 12 18.83 -44.47 17.26
CA HIS E 12 19.10 -43.12 16.73
C HIS E 12 18.46 -42.04 17.59
N GLU E 13 19.26 -41.01 17.91
CA GLU E 13 18.84 -39.93 18.80
C GLU E 13 18.49 -38.65 18.01
N PHE E 14 17.19 -38.45 17.79
CA PHE E 14 16.68 -37.29 17.07
C PHE E 14 16.37 -36.15 18.03
N ILE E 15 17.06 -35.03 17.85
CA ILE E 15 16.88 -33.85 18.69
C ILE E 15 15.95 -32.91 17.95
N VAL E 16 14.77 -32.67 18.53
CA VAL E 16 13.79 -31.74 17.96
C VAL E 16 13.45 -30.68 19.00
N LYS E 17 12.75 -29.63 18.54
CA LYS E 17 12.29 -28.56 19.44
C LYS E 17 11.23 -29.11 20.41
N ARG E 18 11.15 -28.51 21.60
CA ARG E 18 10.14 -28.91 22.61
C ARG E 18 8.73 -28.65 22.09
N GLU E 19 8.49 -27.44 21.58
CA GLU E 19 7.24 -27.06 20.89
C GLU E 19 6.78 -28.11 19.87
N HIS E 20 7.71 -28.53 19.00
CA HIS E 20 7.41 -29.47 17.89
C HIS E 20 6.99 -30.86 18.37
N ALA E 21 7.67 -31.36 19.39
CA ALA E 21 7.36 -32.68 19.97
C ALA E 21 6.04 -32.70 20.75
N LEU E 22 5.65 -31.57 21.34
CA LEU E 22 4.39 -31.47 22.08
C LEU E 22 3.12 -31.31 21.19
N THR E 23 3.30 -31.36 19.87
CA THR E 23 2.24 -31.74 18.93
C THR E 23 1.60 -33.04 19.40
N SER E 24 2.44 -34.04 19.66
CA SER E 24 2.00 -35.33 20.18
C SER E 24 1.66 -35.24 21.66
N GLY E 25 0.40 -35.52 22.00
CA GLY E 25 -0.03 -35.64 23.38
C GLY E 25 0.60 -36.81 24.13
N THR E 26 0.91 -37.90 23.40
CA THR E 26 1.57 -39.07 24.00
C THR E 26 2.98 -38.73 24.48
N ILE E 27 3.75 -38.04 23.65
CA ILE E 27 5.11 -37.62 23.99
C ILE E 27 5.09 -36.66 25.20
N LYS E 28 4.15 -35.73 25.22
CA LYS E 28 3.98 -34.81 26.35
C LYS E 28 3.81 -35.55 27.69
N ALA E 29 3.06 -36.66 27.67
CA ALA E 29 2.86 -37.50 28.85
C ALA E 29 4.10 -38.31 29.19
N MET E 30 4.81 -38.75 28.15
CA MET E 30 6.11 -39.42 28.32
C MET E 30 7.21 -38.51 28.88
N LEU E 31 7.10 -37.20 28.69
CA LEU E 31 8.10 -36.23 29.19
C LEU E 31 7.96 -35.91 30.68
N SER E 32 6.72 -35.78 31.15
CA SER E 32 6.44 -35.47 32.56
C SER E 32 5.32 -36.37 33.08
N GLY E 33 5.69 -37.59 33.49
CA GLY E 33 4.73 -38.56 34.01
C GLY E 33 5.35 -39.92 34.27
N ASN E 40 14.05 -43.24 32.25
CA ASN E 40 14.58 -42.37 31.20
C ASN E 40 15.36 -41.20 31.78
N GLU E 41 16.09 -40.52 30.90
CA GLU E 41 16.76 -39.25 31.20
C GLU E 41 15.71 -38.14 31.13
N THR E 42 15.97 -37.00 31.77
CA THR E 42 15.12 -35.81 31.60
C THR E 42 15.26 -35.31 30.16
N ASN E 43 14.14 -34.85 29.59
CA ASN E 43 14.08 -34.43 28.17
C ASN E 43 14.29 -35.52 27.11
N GLU E 44 14.46 -36.79 27.50
CA GLU E 44 14.63 -37.90 26.57
C GLU E 44 13.41 -38.83 26.65
N VAL E 45 12.99 -39.34 25.50
CA VAL E 45 11.91 -40.32 25.40
C VAL E 45 12.35 -41.45 24.47
N ASN E 46 12.25 -42.70 24.93
CA ASN E 46 12.63 -43.87 24.12
C ASN E 46 11.42 -44.60 23.53
N PHE E 47 11.59 -45.11 22.31
CA PHE E 47 10.55 -45.87 21.62
C PHE E 47 11.12 -47.21 21.24
N ARG E 48 10.62 -48.27 21.87
CA ARG E 48 11.07 -49.63 21.59
C ARG E 48 10.51 -50.18 20.29
N GLU E 49 9.37 -49.65 19.84
CA GLU E 49 8.70 -50.13 18.63
C GLU E 49 8.95 -49.29 17.38
N ILE E 50 9.28 -48.01 17.54
CA ILE E 50 9.41 -47.10 16.40
C ILE E 50 10.87 -47.06 15.90
N PRO E 51 11.17 -47.69 14.74
CA PRO E 51 12.54 -47.62 14.23
C PRO E 51 12.94 -46.22 13.74
N SER E 52 14.23 -46.06 13.43
CA SER E 52 14.79 -44.76 13.03
C SER E 52 14.20 -44.26 11.72
N HIS E 53 13.99 -45.16 10.76
CA HIS E 53 13.39 -44.79 9.48
C HIS E 53 11.94 -44.30 9.60
N VAL E 54 11.24 -44.76 10.61
CA VAL E 54 9.88 -44.26 10.91
C VAL E 54 9.95 -42.98 11.75
N LEU E 55 10.76 -42.99 12.81
CA LEU E 55 10.87 -41.82 13.71
C LEU E 55 11.35 -40.52 13.03
N SER E 56 12.30 -40.65 12.09
CA SER E 56 12.82 -39.50 11.34
C SER E 56 11.70 -38.83 10.53
N LYS E 57 10.83 -39.64 9.95
CA LYS E 57 9.64 -39.12 9.25
C LYS E 57 8.65 -38.44 10.18
N VAL E 58 8.56 -38.91 11.43
CA VAL E 58 7.73 -38.27 12.43
C VAL E 58 8.28 -36.90 12.80
N CYS E 59 9.61 -36.81 12.97
CA CYS E 59 10.25 -35.53 13.24
C CYS E 59 10.14 -34.56 12.06
N MET E 60 10.14 -35.08 10.84
CA MET E 60 9.89 -34.24 9.65
C MET E 60 8.45 -33.78 9.61
N TYR E 61 7.52 -34.65 10.00
CA TYR E 61 6.12 -34.27 10.09
C TYR E 61 5.89 -33.12 11.06
N PHE E 62 6.56 -33.15 12.22
CA PHE E 62 6.45 -32.04 13.19
C PHE E 62 6.84 -30.73 12.52
N THR E 63 7.99 -30.73 11.82
CA THR E 63 8.49 -29.57 11.10
C THR E 63 7.45 -29.08 10.08
N TYR E 64 6.93 -30.03 9.31
CA TYR E 64 5.96 -29.74 8.27
C TYR E 64 4.63 -29.19 8.83
N LYS E 65 4.19 -29.71 9.97
CA LYS E 65 2.96 -29.23 10.62
C LYS E 65 3.09 -27.81 11.17
N VAL E 66 4.17 -27.57 11.91
CA VAL E 66 4.39 -26.26 12.55
C VAL E 66 4.63 -25.15 11.52
N ARG E 67 5.19 -25.53 10.38
CA ARG E 67 5.47 -24.59 9.30
C ARG E 67 4.21 -24.24 8.52
N TYR E 68 3.52 -25.24 8.02
CA TYR E 68 2.39 -25.03 7.08
C TYR E 68 0.99 -24.85 7.69
N THR E 69 0.84 -24.97 9.02
CA THR E 69 -0.44 -24.72 9.69
C THR E 69 -0.76 -23.22 9.67
N ASN E 70 -2.03 -22.89 9.38
CA ASN E 70 -2.51 -21.49 9.24
C ASN E 70 -1.76 -20.68 8.18
N SER E 71 -1.30 -21.35 7.13
CA SER E 71 -0.56 -20.71 6.05
C SER E 71 -1.52 -20.51 4.88
N SER E 72 -1.63 -19.27 4.40
CA SER E 72 -2.48 -18.96 3.24
C SER E 72 -1.76 -19.22 1.89
N THR E 73 -0.48 -19.60 1.94
CA THR E 73 0.27 -20.02 0.74
C THR E 73 -0.15 -21.43 0.29
N GLU E 74 0.41 -21.89 -0.83
CA GLU E 74 0.28 -23.29 -1.24
C GLU E 74 0.98 -24.19 -0.21
N ILE E 75 0.42 -25.37 -0.02
CA ILE E 75 0.94 -26.36 0.90
C ILE E 75 1.27 -27.60 0.08
N PRO E 76 2.51 -28.13 0.18
CA PRO E 76 2.84 -29.36 -0.52
C PRO E 76 2.30 -30.61 0.17
N GLU E 77 2.23 -31.69 -0.58
CA GLU E 77 1.84 -32.98 -0.05
C GLU E 77 2.95 -33.51 0.85
N PHE E 78 2.59 -33.99 2.03
CA PHE E 78 3.56 -34.68 2.89
C PHE E 78 3.87 -36.07 2.32
N PRO E 79 5.13 -36.31 1.89
CA PRO E 79 5.45 -37.59 1.25
C PRO E 79 5.57 -38.75 2.24
N ILE E 80 4.88 -39.85 1.94
CA ILE E 80 5.07 -41.09 2.68
C ILE E 80 5.34 -42.20 1.67
N ALA E 81 6.56 -42.72 1.71
CA ALA E 81 6.97 -43.85 0.87
C ALA E 81 6.06 -45.05 1.16
N PRO E 82 5.62 -45.77 0.12
CA PRO E 82 4.81 -46.97 0.34
C PRO E 82 5.42 -48.02 1.29
N GLU E 83 6.75 -48.10 1.34
CA GLU E 83 7.46 -49.10 2.16
C GLU E 83 7.34 -48.84 3.66
N ILE E 84 7.22 -47.56 4.07
CA ILE E 84 7.14 -47.17 5.49
C ILE E 84 5.71 -46.84 5.97
N ALA E 85 4.71 -47.04 5.11
CA ALA E 85 3.38 -46.49 5.35
C ALA E 85 2.65 -47.13 6.53
N LEU E 86 2.74 -48.46 6.65
CA LEU E 86 2.09 -49.18 7.77
C LEU E 86 2.68 -48.81 9.11
N GLU E 87 4.01 -48.80 9.21
CA GLU E 87 4.68 -48.52 10.48
C GLU E 87 4.46 -47.07 10.91
N LEU E 88 4.47 -46.16 9.93
CA LEU E 88 4.21 -44.74 10.21
C LEU E 88 2.76 -44.53 10.64
N LEU E 89 1.83 -45.33 10.10
CA LEU E 89 0.45 -45.35 10.57
C LEU E 89 0.39 -45.77 12.03
N MET E 90 1.06 -46.88 12.35
CA MET E 90 1.07 -47.42 13.72
C MET E 90 1.74 -46.48 14.71
N ALA E 91 2.85 -45.85 14.30
CA ALA E 91 3.49 -44.80 15.09
C ALA E 91 2.54 -43.63 15.32
N ALA E 92 1.93 -43.13 14.23
CA ALA E 92 0.99 -42.01 14.30
C ALA E 92 -0.24 -42.31 15.15
N ASN E 93 -0.66 -43.56 15.15
CA ASN E 93 -1.77 -44.02 16.00
C ASN E 93 -1.38 -43.96 17.47
N PHE E 94 -0.18 -44.46 17.77
CA PHE E 94 0.37 -44.48 19.13
C PHE E 94 0.64 -43.08 19.69
N LEU E 95 1.19 -42.20 18.84
CA LEU E 95 1.59 -40.85 19.25
C LEU E 95 0.46 -39.82 19.25
N ASP E 96 -0.65 -40.11 18.56
CA ASP E 96 -1.80 -39.19 18.42
C ASP E 96 -1.41 -37.87 17.74
N CYS E 97 -0.75 -37.99 16.59
CA CYS E 97 -0.41 -36.82 15.76
C CYS E 97 -0.83 -37.02 14.30
N VAL F 11 -30.17 -27.20 7.58
CA VAL F 11 -29.22 -26.14 7.99
C VAL F 11 -28.06 -25.90 6.99
N LEU F 12 -27.40 -26.98 6.55
CA LEU F 12 -26.37 -26.87 5.50
C LEU F 12 -27.02 -27.00 4.13
N ARG F 13 -27.44 -25.84 3.62
CA ARG F 13 -28.22 -25.71 2.40
C ARG F 13 -27.82 -24.40 1.71
N SER F 14 -27.98 -24.33 0.38
CA SER F 14 -27.70 -23.08 -0.33
C SER F 14 -28.89 -22.14 -0.20
N VAL F 15 -28.59 -20.86 0.02
CA VAL F 15 -29.63 -19.83 0.11
C VAL F 15 -30.08 -19.45 -1.30
N ASN F 16 -31.38 -19.49 -1.57
CA ASN F 16 -31.92 -19.17 -2.89
C ASN F 16 -31.98 -17.65 -3.09
N SER F 17 -30.81 -17.04 -3.27
CA SER F 17 -30.68 -15.59 -3.36
C SER F 17 -31.08 -15.06 -4.74
N ARG F 18 -30.66 -15.77 -5.79
CA ARG F 18 -30.84 -15.35 -7.19
C ARG F 18 -30.08 -14.04 -7.43
N GLU F 19 -28.88 -13.99 -6.83
CA GLU F 19 -28.01 -12.80 -6.82
C GLU F 19 -26.63 -13.25 -7.31
N PRO F 20 -26.33 -13.08 -8.62
CA PRO F 20 -25.08 -13.63 -9.19
C PRO F 20 -23.79 -13.13 -8.51
N SER F 21 -22.78 -13.98 -8.51
CA SER F 21 -21.51 -13.73 -7.82
C SER F 21 -20.42 -14.61 -8.45
N GLN F 22 -19.62 -14.03 -9.35
CA GLN F 22 -18.60 -14.81 -10.08
C GLN F 22 -17.47 -15.29 -9.16
N VAL F 23 -16.97 -16.49 -9.44
CA VAL F 23 -15.94 -17.13 -8.62
C VAL F 23 -14.80 -17.68 -9.49
N ILE F 24 -13.57 -17.56 -8.98
CA ILE F 24 -12.43 -18.32 -9.50
C ILE F 24 -12.17 -19.46 -8.53
N PHE F 25 -12.54 -20.68 -8.92
CA PHE F 25 -12.04 -21.87 -8.25
C PHE F 25 -10.61 -22.03 -8.72
N CAS F 26 -9.65 -21.98 -7.80
CA CAS F 26 -8.23 -22.05 -8.15
CB CAS F 26 -7.61 -20.69 -7.85
C CAS F 26 -7.64 -23.21 -7.37
O CAS F 26 -7.43 -23.10 -6.16
SG CAS F 26 -5.85 -20.62 -8.04
AS CAS F 26 -5.38 -20.66 -10.22
CE1 CAS F 26 -4.55 -22.40 -10.63
CE2 CAS F 26 -4.01 -19.30 -10.64
N ASN F 27 -7.39 -24.31 -8.07
CA ASN F 27 -6.81 -25.53 -7.47
C ASN F 27 -5.32 -25.37 -7.17
N ARG F 28 -5.00 -24.93 -5.96
CA ARG F 28 -3.61 -24.85 -5.49
C ARG F 28 -3.19 -26.11 -4.72
N SER F 29 -3.58 -27.27 -5.24
CA SER F 29 -3.31 -28.56 -4.62
C SER F 29 -2.78 -29.50 -5.69
N PRO F 30 -2.11 -30.59 -5.27
CA PRO F 30 -1.69 -31.60 -6.25
C PRO F 30 -2.81 -32.60 -6.60
N ARG F 31 -3.97 -32.49 -5.96
CA ARG F 31 -5.09 -33.41 -6.18
C ARG F 31 -5.99 -32.93 -7.32
N VAL F 32 -6.71 -33.89 -7.91
CA VAL F 32 -7.80 -33.59 -8.83
C VAL F 32 -8.97 -33.16 -7.95
N VAL F 33 -9.48 -31.94 -8.15
CA VAL F 33 -10.50 -31.37 -7.26
C VAL F 33 -11.93 -31.61 -7.77
N LEU F 34 -12.78 -32.12 -6.89
CA LEU F 34 -14.22 -32.24 -7.13
C LEU F 34 -14.96 -31.14 -6.35
N PRO F 35 -15.41 -30.07 -7.05
CA PRO F 35 -16.28 -29.10 -6.39
C PRO F 35 -17.67 -29.68 -6.12
N VAL F 36 -18.14 -29.53 -4.88
CA VAL F 36 -19.45 -30.03 -4.47
C VAL F 36 -20.29 -28.85 -3.98
N TRP F 37 -21.40 -28.61 -4.67
CA TRP F 37 -22.36 -27.59 -4.29
C TRP F 37 -23.42 -28.26 -3.43
N LEU F 38 -23.78 -27.62 -2.32
CA LEU F 38 -24.92 -28.05 -1.52
C LEU F 38 -26.19 -27.40 -2.04
N ASN F 39 -27.06 -28.18 -2.67
CA ASN F 39 -28.23 -27.63 -3.37
C ASN F 39 -29.35 -27.16 -2.44
N PHE F 40 -30.50 -26.82 -3.01
CA PHE F 40 -31.61 -26.26 -2.25
C PHE F 40 -32.34 -27.24 -1.32
N ASP F 41 -32.07 -28.55 -1.44
CA ASP F 41 -32.48 -29.56 -0.43
C ASP F 41 -31.36 -29.91 0.58
N GLY F 42 -30.21 -29.23 0.50
CA GLY F 42 -29.02 -29.64 1.25
C GLY F 42 -28.38 -30.93 0.75
N GLU F 43 -28.60 -31.27 -0.53
CA GLU F 43 -28.07 -32.49 -1.15
C GLU F 43 -26.82 -32.16 -1.95
N PRO F 44 -25.72 -32.92 -1.75
CA PRO F 44 -24.47 -32.60 -2.45
C PRO F 44 -24.56 -32.88 -3.94
N GLN F 45 -24.33 -31.85 -4.74
CA GLN F 45 -24.27 -31.97 -6.20
C GLN F 45 -22.83 -31.88 -6.66
N PRO F 46 -22.33 -32.90 -7.41
CA PRO F 46 -20.98 -32.83 -7.92
C PRO F 46 -20.91 -32.01 -9.20
N TYR F 47 -19.86 -31.20 -9.30
CA TYR F 47 -19.59 -30.38 -10.48
C TYR F 47 -18.34 -30.91 -11.22
N PRO F 48 -18.05 -30.39 -12.45
CA PRO F 48 -16.87 -30.86 -13.20
C PRO F 48 -15.57 -30.77 -12.42
N THR F 49 -14.69 -31.76 -12.59
CA THR F 49 -13.43 -31.78 -11.83
C THR F 49 -12.45 -30.75 -12.36
N LEU F 50 -11.62 -30.23 -11.46
CA LEU F 50 -10.48 -29.39 -11.83
C LEU F 50 -9.19 -30.20 -11.66
N PRO F 51 -8.38 -30.31 -12.73
CA PRO F 51 -7.04 -30.91 -12.57
C PRO F 51 -6.14 -30.12 -11.60
N PRO F 52 -4.98 -30.68 -11.21
CA PRO F 52 -4.08 -29.97 -10.28
C PRO F 52 -3.47 -28.71 -10.87
N GLY F 53 -3.44 -27.63 -10.09
CA GLY F 53 -2.79 -26.38 -10.50
C GLY F 53 -3.52 -25.62 -11.59
N THR F 54 -4.81 -25.90 -11.75
CA THR F 54 -5.65 -25.25 -12.75
C THR F 54 -6.75 -24.46 -12.07
N GLY F 55 -7.34 -23.55 -12.83
CA GLY F 55 -8.44 -22.73 -12.33
C GLY F 55 -9.48 -22.51 -13.41
N ARG F 56 -10.73 -22.32 -12.97
CA ARG F 56 -11.83 -21.98 -13.85
C ARG F 56 -12.62 -20.83 -13.23
N ARG F 57 -12.98 -19.86 -14.08
CA ARG F 57 -13.94 -18.81 -13.70
C ARG F 57 -15.34 -19.39 -13.88
N ILE F 58 -16.16 -19.30 -12.84
CA ILE F 58 -17.51 -19.90 -12.84
C ILE F 58 -18.61 -18.98 -12.29
N HIS F 59 -19.84 -19.24 -12.73
CA HIS F 59 -21.04 -18.50 -12.33
C HIS F 59 -21.75 -19.19 -11.18
N SER F 60 -21.77 -18.53 -10.02
CA SER F 60 -22.52 -18.96 -8.84
C SER F 60 -23.24 -17.75 -8.22
N TYR F 61 -23.81 -17.94 -7.03
CA TYR F 61 -24.69 -16.95 -6.40
C TYR F 61 -24.34 -16.73 -4.93
N ARG F 62 -24.73 -15.56 -4.40
CA ARG F 62 -24.45 -15.20 -3.02
C ARG F 62 -25.28 -16.07 -2.06
N GLY F 63 -24.65 -16.48 -0.96
CA GLY F 63 -25.28 -17.39 0.01
C GLY F 63 -25.25 -18.87 -0.35
N HIS F 64 -24.59 -19.21 -1.47
CA HIS F 64 -24.49 -20.61 -1.93
C HIS F 64 -23.33 -21.31 -1.24
N LEU F 65 -23.53 -22.57 -0.89
CA LEU F 65 -22.54 -23.35 -0.15
C LEU F 65 -21.79 -24.28 -1.11
N TRP F 66 -20.46 -24.26 -1.01
CA TRP F 66 -19.58 -25.10 -1.79
C TRP F 66 -18.58 -25.76 -0.87
N LEU F 67 -18.20 -26.99 -1.18
CA LEU F 67 -17.02 -27.60 -0.56
C LEU F 67 -16.33 -28.53 -1.56
N PHE F 68 -15.02 -28.73 -1.35
CA PHE F 68 -14.12 -29.28 -2.36
C PHE F 68 -13.41 -30.53 -1.84
N ARG F 69 -13.46 -31.61 -2.61
CA ARG F 69 -12.82 -32.88 -2.25
C ARG F 69 -11.90 -33.39 -3.35
N ASP F 70 -11.03 -34.32 -3.00
CA ASP F 70 -10.28 -35.09 -3.98
C ASP F 70 -11.27 -35.95 -4.78
N ALA F 71 -11.27 -35.80 -6.11
CA ALA F 71 -12.23 -36.51 -6.97
C ALA F 71 -12.08 -38.04 -6.94
N GLY F 72 -10.87 -38.52 -6.71
CA GLY F 72 -10.60 -39.95 -6.64
C GLY F 72 -10.92 -40.57 -5.29
N THR F 73 -10.55 -39.88 -4.22
CA THR F 73 -10.61 -40.44 -2.86
C THR F 73 -11.58 -39.76 -1.90
N HIS F 74 -12.09 -38.58 -2.26
CA HIS F 74 -12.95 -37.77 -1.40
C HIS F 74 -12.29 -37.24 -0.11
N ASP F 75 -10.96 -37.19 -0.09
CA ASP F 75 -10.23 -36.54 1.01
C ASP F 75 -10.61 -35.06 1.06
N GLY F 76 -10.67 -34.51 2.28
CA GLY F 76 -11.07 -33.12 2.46
C GLY F 76 -10.05 -32.15 1.91
N LEU F 77 -10.52 -31.07 1.31
CA LEU F 77 -9.66 -29.97 0.88
C LEU F 77 -10.18 -28.67 1.45
N LEU F 78 -9.29 -27.77 1.85
CA LEU F 78 -9.70 -26.44 2.29
C LEU F 78 -9.93 -25.54 1.10
N VAL F 79 -10.82 -24.56 1.29
CA VAL F 79 -11.03 -23.46 0.35
C VAL F 79 -10.96 -22.18 1.20
N ASN F 80 -10.03 -21.30 0.84
CA ASN F 80 -9.68 -20.12 1.65
C ASN F 80 -9.60 -20.44 3.15
N GLN F 81 -8.69 -21.36 3.49
CA GLN F 81 -8.36 -21.71 4.88
C GLN F 81 -9.48 -22.39 5.68
N THR F 82 -10.49 -22.94 5.01
CA THR F 82 -11.63 -23.56 5.71
C THR F 82 -12.43 -24.52 4.82
N GLU F 83 -13.38 -25.23 5.40
CA GLU F 83 -14.15 -26.26 4.69
C GLU F 83 -15.19 -25.69 3.73
N LEU F 84 -16.10 -24.87 4.24
CA LEU F 84 -17.19 -24.32 3.43
C LEU F 84 -16.79 -23.01 2.75
N PHE F 85 -17.28 -22.81 1.52
CA PHE F 85 -17.07 -21.57 0.77
C PHE F 85 -18.39 -20.95 0.36
N VAL F 86 -18.64 -19.73 0.82
CA VAL F 86 -19.84 -18.99 0.49
C VAL F 86 -19.46 -17.79 -0.36
N PRO F 87 -19.80 -17.78 -1.67
CA PRO F 87 -19.50 -16.60 -2.49
C PRO F 87 -20.07 -15.33 -1.87
N SER F 88 -19.21 -14.33 -1.72
CA SER F 88 -19.57 -13.02 -1.15
C SER F 88 -19.84 -11.99 -2.26
N LEU F 89 -20.14 -10.75 -1.85
CA LEU F 89 -20.35 -9.62 -2.76
C LEU F 89 -19.11 -9.35 -3.63
N ASN F 90 -19.31 -9.17 -4.93
CA ASN F 90 -18.23 -8.83 -5.88
C ASN F 90 -18.06 -7.31 -5.92
N VAL F 91 -16.93 -6.83 -5.42
CA VAL F 91 -16.64 -5.40 -5.38
C VAL F 91 -16.02 -4.99 -6.72
N ASP F 92 -16.63 -3.99 -7.37
CA ASP F 92 -16.19 -3.47 -8.70
C ASP F 92 -16.16 -4.54 -9.82
N GLY F 93 -17.06 -5.52 -9.73
CA GLY F 93 -17.15 -6.61 -10.70
C GLY F 93 -16.09 -7.70 -10.63
N GLN F 94 -15.22 -7.62 -9.61
CA GLN F 94 -14.09 -8.53 -9.50
C GLN F 94 -14.56 -9.87 -8.93
N PRO F 95 -14.12 -11.00 -9.51
CA PRO F 95 -14.60 -12.30 -9.02
C PRO F 95 -13.96 -12.65 -7.68
N ILE F 96 -14.70 -13.39 -6.86
CA ILE F 96 -14.20 -13.87 -5.57
C ILE F 96 -13.19 -14.96 -5.89
N PHE F 97 -12.06 -14.96 -5.18
CA PHE F 97 -11.04 -15.97 -5.39
C PHE F 97 -11.23 -17.10 -4.38
N ALA F 98 -11.38 -18.32 -4.88
CA ALA F 98 -11.51 -19.52 -4.03
C ALA F 98 -10.22 -20.38 -4.14
N ASN F 99 -9.30 -20.14 -3.20
CA ASN F 99 -8.04 -20.90 -3.12
C ASN F 99 -8.25 -22.27 -2.50
N ILE F 100 -8.23 -23.29 -3.35
CA ILE F 100 -8.36 -24.67 -2.94
C ILE F 100 -6.95 -25.23 -2.67
N THR F 101 -6.70 -25.61 -1.42
CA THR F 101 -5.41 -26.17 -1.01
C THR F 101 -5.66 -27.46 -0.25
N LEU F 102 -4.58 -28.23 -0.10
CA LEU F 102 -4.53 -29.32 0.87
C LEU F 102 -4.60 -28.70 2.26
N PRO F 103 -5.25 -29.39 3.20
CA PRO F 103 -5.08 -29.03 4.60
C PRO F 103 -3.81 -29.68 5.12
N VAL F 104 -3.37 -29.26 6.29
CA VAL F 104 -2.34 -30.01 7.00
C VAL F 104 -3.05 -31.18 7.67
N TYR F 105 -3.20 -32.28 6.93
CA TYR F 105 -3.75 -33.54 7.45
C TYR F 105 -2.94 -33.97 8.64
N THR F 106 -3.59 -34.69 9.56
CA THR F 106 -2.87 -35.33 10.66
C THR F 106 -2.02 -36.43 10.04
N LEU F 107 -0.90 -36.75 10.69
CA LEU F 107 -0.01 -37.81 10.22
C LEU F 107 -0.77 -39.11 10.04
N LYS F 108 -1.60 -39.45 11.03
CA LYS F 108 -2.48 -40.63 10.96
C LYS F 108 -3.33 -40.62 9.71
N GLU F 109 -4.11 -39.55 9.49
CA GLU F 109 -5.03 -39.49 8.35
C GLU F 109 -4.27 -39.52 7.02
N ARG F 110 -3.11 -38.87 6.99
CA ARG F 110 -2.21 -38.92 5.83
C ARG F 110 -1.69 -40.34 5.61
N CYS F 111 -1.34 -41.05 6.69
CA CYS F 111 -0.92 -42.46 6.59
C CYS F 111 -2.05 -43.33 6.06
N LEU F 112 -3.29 -43.04 6.46
CA LEU F 112 -4.46 -43.76 5.98
C LEU F 112 -4.74 -43.56 4.48
N GLN F 113 -4.49 -42.35 3.98
CA GLN F 113 -4.62 -42.06 2.53
C GLN F 113 -3.66 -42.88 1.69
N VAL F 114 -2.41 -42.97 2.13
CA VAL F 114 -1.36 -43.71 1.44
C VAL F 114 -1.65 -45.20 1.43
N VAL F 115 -2.08 -45.73 2.58
CA VAL F 115 -2.45 -47.14 2.69
C VAL F 115 -3.73 -47.44 1.89
N ARG F 116 -4.69 -46.52 1.91
CA ARG F 116 -5.90 -46.63 1.08
C ARG F 116 -5.59 -46.56 -0.43
N SER F 117 -4.61 -45.74 -0.81
CA SER F 117 -4.18 -45.64 -2.21
C SER F 117 -3.49 -46.93 -2.71
N LEU F 118 -2.83 -47.65 -1.81
CA LEU F 118 -2.13 -48.90 -2.16
C LEU F 118 -3.03 -50.12 -2.05
N VAL F 119 -3.64 -50.31 -0.88
CA VAL F 119 -4.39 -51.53 -0.57
C VAL F 119 -5.84 -51.47 -1.11
N LYS F 120 -6.29 -52.58 -1.70
CA LYS F 120 -7.69 -52.69 -2.15
C LYS F 120 -8.58 -52.82 -0.92
N PRO F 121 -9.79 -52.23 -0.94
CA PRO F 121 -10.68 -52.34 0.24
C PRO F 121 -10.91 -53.76 0.79
N GLU F 122 -10.88 -54.78 -0.08
CA GLU F 122 -11.02 -56.18 0.33
C GLU F 122 -9.87 -56.64 1.25
N ASN F 123 -8.66 -56.20 0.95
CA ASN F 123 -7.44 -56.69 1.60
C ASN F 123 -7.00 -55.92 2.85
N TYR F 124 -7.81 -54.96 3.32
CA TYR F 124 -7.53 -54.31 4.63
C TYR F 124 -7.45 -55.37 5.72
N ARG F 125 -8.38 -56.32 5.67
CA ARG F 125 -8.55 -57.37 6.68
C ARG F 125 -7.25 -58.11 7.04
N ARG F 126 -6.44 -58.41 6.02
CA ARG F 126 -5.19 -59.19 6.21
C ARG F 126 -3.91 -58.35 6.34
N LEU F 127 -4.04 -57.04 6.62
CA LEU F 127 -2.90 -56.24 7.09
C LEU F 127 -2.69 -56.52 8.57
N ASP F 128 -1.44 -56.77 8.97
CA ASP F 128 -1.12 -57.15 10.35
C ASP F 128 -1.06 -55.92 11.29
N ILE F 129 -2.24 -55.35 11.57
CA ILE F 129 -2.38 -54.18 12.43
C ILE F 129 -3.59 -54.34 13.35
N VAL F 130 -3.73 -53.46 14.34
CA VAL F 130 -4.82 -53.54 15.33
C VAL F 130 -6.19 -53.24 14.71
N ARG F 131 -7.24 -53.73 15.37
CA ARG F 131 -8.60 -53.68 14.83
C ARG F 131 -9.13 -52.26 14.57
N SER F 132 -8.82 -51.32 15.47
CA SER F 132 -9.27 -49.93 15.30
C SER F 132 -8.71 -49.31 14.03
N LEU F 133 -7.51 -49.71 13.61
CA LEU F 133 -6.94 -49.24 12.35
C LEU F 133 -7.68 -49.74 11.08
N TYR F 134 -8.29 -50.93 11.13
CA TYR F 134 -9.17 -51.38 10.04
C TYR F 134 -10.39 -50.47 9.94
N GLU F 135 -11.04 -50.23 11.08
CA GLU F 135 -12.22 -49.36 11.13
C GLU F 135 -11.92 -47.91 10.75
N ASP F 136 -10.68 -47.46 10.97
CA ASP F 136 -10.23 -46.14 10.50
C ASP F 136 -9.97 -46.17 8.99
N LEU F 137 -9.39 -47.24 8.47
CA LEU F 137 -9.23 -47.43 7.02
C LEU F 137 -10.57 -47.54 6.30
N GLU F 138 -11.48 -48.33 6.84
CA GLU F 138 -12.81 -48.56 6.24
C GLU F 138 -13.74 -47.35 6.32
N ASP F 139 -13.55 -46.48 7.32
CA ASP F 139 -14.25 -45.20 7.39
C ASP F 139 -13.52 -44.19 6.50
N HIS F 140 -13.55 -44.42 5.19
CA HIS F 140 -12.87 -43.52 4.25
C HIS F 140 -13.78 -42.32 4.03
N PRO F 141 -13.18 -41.12 3.85
CA PRO F 141 -13.97 -39.89 3.96
C PRO F 141 -15.15 -39.84 3.00
N ASN F 142 -16.32 -39.49 3.54
CA ASN F 142 -17.56 -39.41 2.79
C ASN F 142 -18.13 -38.00 2.95
N VAL F 143 -18.74 -37.47 1.90
CA VAL F 143 -19.24 -36.09 1.91
C VAL F 143 -20.47 -35.98 2.80
N GLN F 144 -21.34 -36.98 2.76
CA GLN F 144 -22.54 -37.03 3.62
C GLN F 144 -22.14 -37.03 5.10
N LYS F 145 -21.19 -37.88 5.46
CA LYS F 145 -20.73 -38.01 6.86
C LYS F 145 -20.14 -36.71 7.44
N ASP F 146 -19.34 -36.01 6.63
CA ASP F 146 -18.76 -34.72 7.06
C ASP F 146 -19.79 -33.59 7.17
N LEU F 147 -20.90 -33.69 6.43
CA LEU F 147 -22.00 -32.73 6.60
C LEU F 147 -22.76 -32.95 7.91
N GLU F 148 -22.96 -34.21 8.29
CA GLU F 148 -23.59 -34.56 9.57
C GLU F 148 -22.76 -34.08 10.76
N ARG F 149 -21.45 -34.20 10.62
CA ARG F 149 -20.50 -33.69 11.61
C ARG F 149 -20.50 -32.15 11.63
N LEU F 150 -20.41 -31.53 10.45
CA LEU F 150 -20.52 -30.05 10.30
C LEU F 150 -21.83 -29.47 10.85
N THR F 151 -22.93 -30.21 10.68
CA THR F 151 -24.25 -29.81 11.19
C THR F 151 -24.30 -29.78 12.73
N GLN F 152 -23.72 -30.79 13.37
CA GLN F 152 -23.65 -30.86 14.84
C GLN F 152 -22.86 -29.70 15.48
N GLU F 153 -21.80 -29.25 14.82
CA GLU F 153 -20.97 -28.13 15.32
C GLU F 153 -21.73 -26.80 15.34
N MET G 1 5.24 7.94 -34.02
CA MET G 1 4.28 6.82 -33.91
C MET G 1 4.82 5.73 -32.99
N ASP G 2 3.91 5.00 -32.32
CA ASP G 2 4.29 3.90 -31.43
C ASP G 2 4.65 2.63 -32.20
N VAL G 3 5.45 1.77 -31.57
CA VAL G 3 5.75 0.43 -32.06
C VAL G 3 5.64 -0.55 -30.90
N PHE G 4 5.35 -1.80 -31.22
CA PHE G 4 5.00 -2.80 -30.21
C PHE G 4 5.83 -4.04 -30.44
N LEU G 5 6.56 -4.45 -29.40
CA LEU G 5 7.71 -5.33 -29.54
C LEU G 5 7.62 -6.54 -28.62
N MET G 6 8.15 -7.66 -29.13
CA MET G 6 8.44 -8.82 -28.31
C MET G 6 9.96 -8.97 -28.18
N ILE G 7 10.48 -8.71 -26.99
CA ILE G 7 11.90 -8.98 -26.69
C ILE G 7 11.98 -10.42 -26.17
N ARG G 8 12.77 -11.26 -26.86
CA ARG G 8 12.78 -12.70 -26.62
C ARG G 8 14.18 -13.29 -26.43
N ARG G 9 14.37 -13.99 -25.31
CA ARG G 9 15.58 -14.75 -25.00
C ARG G 9 15.16 -16.07 -24.38
N HIS G 10 15.59 -17.18 -24.99
CA HIS G 10 15.28 -18.55 -24.52
C HIS G 10 13.75 -18.74 -24.37
N LYS G 11 13.23 -18.89 -23.14
CA LYS G 11 11.78 -18.99 -22.91
C LYS G 11 11.17 -17.71 -22.33
N THR G 12 12.00 -16.68 -22.11
CA THR G 12 11.54 -15.35 -21.73
C THR G 12 11.05 -14.61 -22.97
N THR G 13 9.88 -13.96 -22.84
CA THR G 13 9.27 -13.18 -23.93
C THR G 13 8.62 -11.91 -23.35
N ILE G 14 9.34 -10.79 -23.43
CA ILE G 14 8.83 -9.52 -22.90
C ILE G 14 7.92 -8.86 -23.92
N PHE G 15 6.82 -8.28 -23.45
CA PHE G 15 5.89 -7.51 -24.27
C PHE G 15 5.97 -6.06 -23.83
N THR G 16 6.39 -5.19 -24.74
CA THR G 16 6.51 -3.76 -24.45
C THR G 16 6.42 -2.91 -25.72
N ASP G 17 6.38 -1.61 -25.52
CA ASP G 17 6.28 -0.66 -26.61
C ASP G 17 7.26 0.49 -26.42
N ALA G 18 7.51 1.19 -27.52
CA ALA G 18 8.34 2.38 -27.54
C ALA G 18 7.88 3.25 -28.72
N LYS G 19 8.61 4.33 -28.97
CA LYS G 19 8.38 5.17 -30.15
C LYS G 19 9.34 4.76 -31.26
N GLU G 20 8.99 5.07 -32.51
CA GLU G 20 9.92 4.91 -33.64
C GLU G 20 11.18 5.75 -33.43
N SER G 21 11.00 6.95 -32.87
CA SER G 21 12.11 7.86 -32.58
C SER G 21 13.10 7.36 -31.52
N SER G 22 12.63 6.55 -30.57
CA SER G 22 13.44 6.13 -29.42
C SER G 22 14.60 5.20 -29.81
N THR G 23 15.72 5.33 -29.08
CA THR G 23 16.94 4.58 -29.39
C THR G 23 16.92 3.17 -28.84
N VAL G 24 17.88 2.36 -29.28
CA VAL G 24 18.02 0.98 -28.82
C VAL G 24 18.53 0.93 -27.36
N PHE G 25 19.36 1.91 -26.97
CA PHE G 25 19.80 2.02 -25.58
C PHE G 25 18.62 2.23 -24.63
N GLU G 26 17.70 3.11 -25.02
CA GLU G 26 16.49 3.39 -24.23
C GLU G 26 15.58 2.17 -24.09
N LEU G 27 15.63 1.29 -25.09
CA LEU G 27 14.97 -0.02 -25.06
C LEU G 27 15.72 -1.04 -24.17
N LYS G 28 17.05 -0.95 -24.12
CA LYS G 28 17.87 -1.76 -23.18
C LYS G 28 17.64 -1.36 -21.72
N ARG G 29 17.30 -0.09 -21.46
CA ARG G 29 16.88 0.36 -20.12
C ARG G 29 15.53 -0.26 -19.71
N ILE G 30 14.66 -0.52 -20.68
CA ILE G 30 13.41 -1.24 -20.42
C ILE G 30 13.69 -2.70 -20.01
N VAL G 31 14.69 -3.31 -20.63
CA VAL G 31 15.12 -4.68 -20.28
C VAL G 31 15.76 -4.73 -18.88
N GLU G 32 16.62 -3.75 -18.59
CA GLU G 32 17.33 -3.66 -17.30
C GLU G 32 16.37 -3.55 -16.10
N GLY G 33 15.31 -2.77 -16.26
CA GLY G 33 14.28 -2.64 -15.23
C GLY G 33 13.56 -3.95 -14.97
N ILE G 34 13.35 -4.72 -16.04
CA ILE G 34 12.69 -6.03 -15.96
C ILE G 34 13.62 -7.13 -15.46
N LEU G 35 14.60 -7.50 -16.28
CA LEU G 35 15.45 -8.68 -16.04
C LEU G 35 16.70 -8.41 -15.19
N LYS G 36 16.93 -7.15 -14.78
CA LYS G 36 18.01 -6.78 -13.85
C LYS G 36 19.44 -6.96 -14.42
N ARG G 37 19.60 -6.69 -15.72
CA ARG G 37 20.90 -6.79 -16.39
C ARG G 37 21.19 -5.48 -17.12
N PRO G 38 22.36 -4.86 -16.88
CA PRO G 38 22.61 -3.53 -17.45
C PRO G 38 22.84 -3.54 -18.97
N PRO G 39 22.60 -2.39 -19.66
CA PRO G 39 22.75 -2.22 -21.13
C PRO G 39 24.00 -2.85 -21.76
N ASP G 40 25.16 -2.64 -21.13
CA ASP G 40 26.44 -3.15 -21.66
C ASP G 40 26.63 -4.68 -21.50
N GLU G 41 25.69 -5.35 -20.82
CA GLU G 41 25.72 -6.79 -20.61
C GLU G 41 24.62 -7.53 -21.41
N GLN G 42 24.04 -6.87 -22.41
CA GLN G 42 22.95 -7.42 -23.21
C GLN G 42 23.03 -6.94 -24.66
N ARG G 43 22.93 -7.88 -25.59
CA ARG G 43 22.87 -7.57 -27.03
C ARG G 43 21.44 -7.78 -27.52
N LEU G 44 20.96 -6.88 -28.37
CA LEU G 44 19.65 -7.00 -28.99
C LEU G 44 19.80 -7.13 -30.51
N TYR G 45 19.01 -8.03 -31.09
CA TYR G 45 19.09 -8.40 -32.50
C TYR G 45 17.76 -8.12 -33.19
N LYS G 46 17.84 -7.83 -34.50
CA LYS G 46 16.69 -7.89 -35.40
C LYS G 46 16.97 -9.06 -36.34
N ASP G 47 16.28 -10.18 -36.12
CA ASP G 47 16.65 -11.48 -36.70
C ASP G 47 18.10 -11.80 -36.30
N ASP G 48 19.03 -11.87 -37.26
CA ASP G 48 20.46 -12.09 -36.97
C ASP G 48 21.26 -10.78 -36.82
N GLN G 49 20.71 -9.64 -37.23
CA GLN G 49 21.43 -8.35 -37.18
C GLN G 49 21.55 -7.76 -35.77
N LEU G 50 22.78 -7.61 -35.30
CA LEU G 50 23.07 -6.95 -34.03
C LEU G 50 22.75 -5.45 -34.12
N LEU G 51 22.03 -4.93 -33.12
CA LEU G 51 21.53 -3.56 -33.13
C LEU G 51 22.45 -2.61 -32.37
N ASP G 52 22.72 -1.45 -32.96
CA ASP G 52 23.58 -0.43 -32.36
C ASP G 52 22.76 0.45 -31.41
N ASP G 53 23.40 0.93 -30.34
CA ASP G 53 22.73 1.74 -29.31
C ASP G 53 22.33 3.14 -29.79
N GLY G 54 23.16 3.75 -30.63
CA GLY G 54 22.89 5.08 -31.17
C GLY G 54 21.76 5.16 -32.18
N LYS G 55 21.38 4.02 -32.76
CA LYS G 55 20.32 3.97 -33.78
C LYS G 55 18.92 3.96 -33.17
N THR G 56 17.96 4.53 -33.90
CA THR G 56 16.55 4.50 -33.52
C THR G 56 15.93 3.18 -33.96
N LEU G 57 14.77 2.86 -33.40
CA LEU G 57 14.02 1.66 -33.76
C LEU G 57 13.48 1.78 -35.19
N GLY G 58 13.05 2.98 -35.57
CA GLY G 58 12.62 3.27 -36.93
C GLY G 58 13.72 3.10 -37.98
N GLU G 59 14.94 3.51 -37.63
CA GLU G 59 16.12 3.33 -38.49
C GLU G 59 16.39 1.85 -38.76
N CAS G 60 16.23 1.01 -37.74
CA CAS G 60 16.35 -0.44 -37.88
CB CAS G 60 16.76 -1.09 -36.55
C CAS G 60 15.08 -1.10 -38.37
O CAS G 60 14.87 -2.27 -38.11
SG CAS G 60 18.21 -0.38 -35.87
AS CAS G 60 19.83 -0.85 -37.36
CE1 CAS G 60 20.16 0.77 -38.46
CE2 CAS G 60 21.58 -1.34 -36.57
N GLY G 61 14.21 -0.35 -39.07
CA GLY G 61 13.05 -0.93 -39.73
C GLY G 61 11.94 -1.52 -38.87
N PHE G 62 11.86 -1.10 -37.60
CA PHE G 62 10.68 -1.37 -36.79
C PHE G 62 9.77 -0.18 -37.02
N THR G 63 8.67 -0.40 -37.73
CA THR G 63 7.69 0.65 -38.01
C THR G 63 6.41 0.38 -37.25
N SER G 64 5.60 1.42 -37.10
CA SER G 64 4.29 1.30 -36.48
C SER G 64 3.40 0.31 -37.23
N GLN G 65 3.57 0.22 -38.54
CA GLN G 65 2.74 -0.66 -39.39
C GLN G 65 3.24 -2.11 -39.49
N THR G 66 4.41 -2.41 -38.95
CA THR G 66 4.88 -3.79 -38.90
C THR G 66 4.88 -4.29 -37.45
N ALA G 67 5.52 -3.53 -36.58
CA ALA G 67 5.53 -3.84 -35.15
C ALA G 67 4.27 -3.30 -34.52
N ARG G 68 3.16 -4.04 -34.72
CA ARG G 68 1.79 -3.63 -34.32
C ARG G 68 1.38 -4.29 -32.99
N PRO G 69 0.34 -3.76 -32.31
CA PRO G 69 -0.09 -4.38 -31.03
C PRO G 69 -0.56 -5.82 -31.13
N GLN G 70 -1.40 -6.10 -32.13
CA GLN G 70 -1.94 -7.45 -32.37
C GLN G 70 -0.94 -8.45 -32.97
N ALA G 71 0.16 -7.94 -33.54
CA ALA G 71 1.18 -8.74 -34.21
C ALA G 71 2.57 -8.07 -34.06
N PRO G 72 3.13 -8.08 -32.84
CA PRO G 72 4.37 -7.35 -32.53
C PRO G 72 5.61 -7.94 -33.17
N ALA G 73 6.66 -7.13 -33.27
CA ALA G 73 7.88 -7.53 -33.96
C ALA G 73 8.85 -8.14 -32.95
N THR G 74 9.49 -9.24 -33.34
CA THR G 74 10.45 -9.92 -32.47
C THR G 74 11.79 -9.15 -32.45
N VAL G 75 12.31 -9.00 -31.24
CA VAL G 75 13.65 -8.48 -31.01
C VAL G 75 14.40 -9.56 -30.25
N GLY G 76 15.57 -9.97 -30.78
CA GLY G 76 16.44 -10.93 -30.12
C GLY G 76 17.10 -10.36 -28.88
N LEU G 77 17.48 -11.24 -27.96
CA LEU G 77 18.17 -10.85 -26.72
C LEU G 77 19.12 -11.95 -26.30
N ALA G 78 20.37 -11.58 -26.08
CA ALA G 78 21.38 -12.47 -25.54
C ALA G 78 22.10 -11.72 -24.43
N PHE G 79 22.43 -12.43 -23.34
CA PHE G 79 23.20 -11.86 -22.24
C PHE G 79 24.68 -12.19 -22.33
N ARG G 80 25.49 -11.29 -21.79
CA ARG G 80 26.87 -11.60 -21.44
C ARG G 80 26.82 -12.31 -20.09
N ALA G 81 27.31 -13.55 -20.08
CA ALA G 81 27.47 -14.33 -18.87
C ALA G 81 28.96 -14.38 -18.57
N ASP G 82 29.36 -13.69 -17.50
CA ASP G 82 30.77 -13.58 -17.09
C ASP G 82 31.67 -12.98 -18.20
N ASP G 83 32.37 -13.83 -18.94
CA ASP G 83 33.49 -13.40 -19.79
C ASP G 83 32.99 -12.81 -21.11
N THR G 84 32.21 -13.60 -21.85
CA THR G 84 31.77 -13.27 -23.21
C THR G 84 30.27 -13.47 -23.37
N PHE G 85 29.74 -13.01 -24.50
CA PHE G 85 28.31 -13.11 -24.80
C PHE G 85 27.87 -14.51 -25.21
N GLU G 86 26.66 -14.89 -24.80
CA GLU G 86 26.02 -16.11 -25.28
C GLU G 86 25.48 -15.86 -26.70
N ALA G 87 25.26 -16.95 -27.43
CA ALA G 87 24.66 -16.87 -28.75
C ALA G 87 23.17 -16.60 -28.62
N LEU G 88 22.61 -15.93 -29.60
CA LEU G 88 21.16 -15.69 -29.67
C LEU G 88 20.43 -17.04 -29.69
N CAS G 89 19.51 -17.22 -28.75
CA CAS G 89 18.62 -18.38 -28.73
CB CAS G 89 19.08 -19.42 -27.71
C CAS G 89 17.23 -17.93 -28.40
O CAS G 89 17.02 -17.26 -27.39
SG CAS G 89 17.83 -20.64 -27.37
AS CAS G 89 17.91 -22.06 -29.11
CE1 CAS G 89 19.48 -21.65 -30.30
CE2 CAS G 89 16.24 -21.96 -30.21
N ILE G 90 16.27 -18.27 -29.26
CA ILE G 90 14.86 -18.00 -29.03
C ILE G 90 14.10 -19.33 -29.15
N GLU G 91 13.72 -19.90 -28.01
CA GLU G 91 12.88 -21.11 -27.99
C GLU G 91 11.53 -20.80 -28.63
N PRO G 92 11.12 -21.60 -29.62
CA PRO G 92 9.84 -21.34 -30.24
C PRO G 92 8.70 -21.76 -29.31
N PHE G 93 7.53 -21.18 -29.56
CA PHE G 93 6.31 -21.55 -28.86
C PHE G 93 5.90 -22.93 -29.34
N SER G 94 4.97 -23.55 -28.62
CA SER G 94 4.57 -24.92 -28.91
C SER G 94 3.88 -25.05 -30.28
N SER G 95 3.83 -26.28 -30.79
CA SER G 95 3.13 -26.57 -32.03
C SER G 95 1.64 -26.73 -31.73
N PRO G 96 0.77 -26.00 -32.47
CA PRO G 96 -0.64 -26.31 -32.31
C PRO G 96 -0.90 -27.70 -32.88
N PRO G 97 -1.91 -28.41 -32.37
CA PRO G 97 -2.17 -29.75 -32.87
C PRO G 97 -2.78 -29.69 -34.26
N GLU G 98 -2.82 -30.84 -34.93
CA GLU G 98 -3.49 -30.95 -36.23
C GLU G 98 -4.95 -30.54 -36.07
N LEU G 99 -5.43 -29.69 -36.99
CA LEU G 99 -6.84 -29.33 -37.04
C LEU G 99 -7.72 -30.58 -37.05
N PRO G 100 -8.80 -30.61 -36.26
CA PRO G 100 -9.76 -31.70 -36.39
C PRO G 100 -10.30 -31.85 -37.81
N ASP G 101 -10.78 -33.04 -38.15
CA ASP G 101 -11.31 -33.32 -39.51
C ASP G 101 -12.40 -32.32 -39.98
N VAL G 102 -13.14 -31.75 -39.03
CA VAL G 102 -14.15 -30.72 -39.33
C VAL G 102 -13.58 -29.34 -39.73
N MET G 103 -12.39 -28.99 -39.25
CA MET G 103 -11.74 -27.71 -39.59
C MET G 103 -10.75 -27.85 -40.73
N MET H 1 7.09 1.57 -15.28
CA MET H 1 5.94 0.92 -14.60
C MET H 1 6.21 -0.57 -14.34
N MET H 2 5.38 -1.17 -13.49
CA MET H 2 5.57 -2.53 -13.03
C MET H 2 5.20 -3.56 -14.09
N TYR H 3 5.65 -4.80 -13.88
CA TYR H 3 5.37 -5.94 -14.76
C TYR H 3 4.91 -7.18 -13.98
N VAL H 4 4.33 -8.13 -14.70
CA VAL H 4 3.92 -9.43 -14.16
C VAL H 4 4.42 -10.53 -15.09
N LYS H 5 4.39 -11.77 -14.60
CA LYS H 5 4.99 -12.90 -15.31
C LYS H 5 3.94 -13.99 -15.51
N LEU H 6 3.56 -14.21 -16.76
CA LEU H 6 2.59 -15.25 -17.13
C LEU H 6 3.36 -16.44 -17.71
N ILE H 7 3.30 -17.58 -17.03
CA ILE H 7 4.09 -18.76 -17.40
C ILE H 7 3.16 -19.81 -18.01
N SER H 8 3.47 -20.27 -19.22
CA SER H 8 2.63 -21.24 -19.93
C SER H 8 2.86 -22.68 -19.42
N SER H 9 2.09 -23.64 -19.96
CA SER H 9 2.17 -25.04 -19.56
C SER H 9 3.49 -25.70 -19.95
N ASP H 10 4.01 -25.37 -21.13
CA ASP H 10 5.33 -25.82 -21.58
C ASP H 10 6.49 -24.89 -21.18
N GLY H 11 6.27 -24.07 -20.14
CA GLY H 11 7.36 -23.35 -19.46
C GLY H 11 7.74 -21.98 -19.98
N HIS H 12 6.95 -21.43 -20.91
CA HIS H 12 7.26 -20.10 -21.47
C HIS H 12 6.84 -18.98 -20.52
N GLU H 13 7.77 -18.07 -20.24
CA GLU H 13 7.55 -16.95 -19.34
C GLU H 13 7.28 -15.69 -20.16
N PHE H 14 6.06 -15.16 -20.04
CA PHE H 14 5.62 -13.96 -20.77
C PHE H 14 5.51 -12.77 -19.82
N ILE H 15 6.39 -11.79 -19.99
CA ILE H 15 6.39 -10.59 -19.17
C ILE H 15 5.57 -9.50 -19.89
N VAL H 16 4.54 -9.00 -19.21
CA VAL H 16 3.66 -7.93 -19.74
C VAL H 16 3.49 -6.85 -18.69
N LYS H 17 3.11 -5.65 -19.12
CA LYS H 17 2.86 -4.55 -18.19
C LYS H 17 1.68 -4.88 -17.28
N ARG H 18 1.76 -4.44 -16.02
CA ARG H 18 0.73 -4.73 -15.02
C ARG H 18 -0.63 -4.15 -15.45
N GLU H 19 -0.64 -2.88 -15.86
CA GLU H 19 -1.85 -2.21 -16.37
C GLU H 19 -2.53 -2.98 -17.51
N HIS H 20 -1.72 -3.51 -18.43
CA HIS H 20 -2.22 -4.33 -19.55
C HIS H 20 -2.78 -5.68 -19.08
N ALA H 21 -2.17 -6.25 -18.04
CA ALA H 21 -2.66 -7.50 -17.45
C ALA H 21 -4.01 -7.32 -16.77
N LEU H 22 -4.16 -6.22 -16.01
CA LEU H 22 -5.40 -5.95 -15.26
C LEU H 22 -6.66 -5.79 -16.13
N THR H 23 -6.48 -5.62 -17.44
CA THR H 23 -7.55 -5.77 -18.44
C THR H 23 -8.41 -7.01 -18.19
N SER H 24 -7.74 -8.14 -18.03
CA SER H 24 -8.40 -9.40 -17.63
C SER H 24 -8.75 -9.35 -16.15
N GLY H 25 -10.02 -9.59 -15.84
CA GLY H 25 -10.50 -9.61 -14.46
C GLY H 25 -9.99 -10.80 -13.68
N THR H 26 -9.89 -11.95 -14.34
CA THR H 26 -9.33 -13.15 -13.72
C THR H 26 -7.87 -12.96 -13.35
N ILE H 27 -7.12 -12.25 -14.20
CA ILE H 27 -5.72 -11.91 -13.91
C ILE H 27 -5.63 -10.93 -12.74
N LYS H 28 -6.50 -9.91 -12.73
CA LYS H 28 -6.51 -8.90 -11.67
C LYS H 28 -6.73 -9.50 -10.27
N ALA H 29 -7.64 -10.48 -10.19
CA ALA H 29 -7.88 -11.24 -8.96
C ALA H 29 -6.75 -12.24 -8.66
N MET H 30 -6.20 -12.85 -9.71
CA MET H 30 -5.08 -13.81 -9.61
C MET H 30 -3.86 -13.23 -8.90
N LEU H 31 -3.61 -11.95 -9.13
CA LEU H 31 -2.53 -11.21 -8.45
C LEU H 31 -2.92 -10.83 -7.03
N SER H 32 -4.20 -10.50 -6.83
CA SER H 32 -4.76 -10.26 -5.49
C SER H 32 -4.86 -11.51 -4.60
N GLY H 33 -4.67 -12.71 -5.16
CA GLY H 33 -4.58 -13.94 -4.38
C GLY H 33 -5.93 -14.43 -3.89
N THR H 42 2.89 -11.18 -4.95
CA THR H 42 2.87 -12.27 -5.92
C THR H 42 2.63 -11.77 -7.36
N ASN H 43 3.74 -11.55 -8.08
CA ASN H 43 3.70 -11.05 -9.48
C ASN H 43 3.78 -12.14 -10.55
N GLU H 44 4.21 -13.34 -10.17
CA GLU H 44 4.24 -14.49 -11.09
C GLU H 44 2.91 -15.25 -11.05
N VAL H 45 2.41 -15.60 -12.23
CA VAL H 45 1.12 -16.29 -12.39
C VAL H 45 1.32 -17.48 -13.32
N ASN H 46 0.90 -18.67 -12.88
CA ASN H 46 1.25 -19.93 -13.56
C ASN H 46 0.03 -20.58 -14.20
N PHE H 47 0.19 -21.07 -15.45
CA PHE H 47 -0.90 -21.66 -16.23
C PHE H 47 -0.55 -23.07 -16.73
N ARG H 48 -0.80 -24.08 -15.89
CA ARG H 48 -0.54 -25.49 -16.25
C ARG H 48 -1.34 -26.03 -17.46
N GLU H 49 -2.47 -25.40 -17.80
CA GLU H 49 -3.29 -25.82 -18.93
C GLU H 49 -2.85 -25.18 -20.25
N ILE H 50 -2.73 -23.86 -20.24
CA ILE H 50 -2.67 -23.06 -21.47
C ILE H 50 -1.25 -23.05 -22.05
N PRO H 51 -1.06 -23.59 -23.28
CA PRO H 51 0.28 -23.62 -23.87
C PRO H 51 0.78 -22.25 -24.36
N SER H 52 2.05 -22.21 -24.76
CA SER H 52 2.73 -20.96 -25.14
C SER H 52 2.13 -20.30 -26.38
N HIS H 53 1.81 -21.11 -27.39
CA HIS H 53 1.21 -20.58 -28.62
C HIS H 53 -0.16 -19.93 -28.40
N VAL H 54 -0.86 -20.38 -27.35
CA VAL H 54 -2.11 -19.74 -26.93
C VAL H 54 -1.78 -18.51 -26.08
N LEU H 55 -1.00 -18.70 -25.02
CA LEU H 55 -0.74 -17.63 -24.04
C LEU H 55 -0.02 -16.42 -24.65
N SER H 56 0.81 -16.66 -25.66
CA SER H 56 1.43 -15.57 -26.42
C SER H 56 0.38 -14.67 -27.05
N LYS H 57 -0.66 -15.27 -27.63
CA LYS H 57 -1.75 -14.50 -28.26
C LYS H 57 -2.62 -13.76 -27.24
N VAL H 58 -2.79 -14.32 -26.06
CA VAL H 58 -3.47 -13.63 -24.97
C VAL H 58 -2.76 -12.31 -24.63
N CYS H 59 -1.43 -12.36 -24.54
CA CYS H 59 -0.63 -11.17 -24.25
C CYS H 59 -0.66 -10.15 -25.38
N MET H 60 -0.76 -10.64 -26.61
CA MET H 60 -0.96 -9.76 -27.77
C MET H 60 -2.31 -9.05 -27.65
N TYR H 61 -3.35 -9.80 -27.27
CA TYR H 61 -4.68 -9.23 -27.08
C TYR H 61 -4.71 -8.12 -26.03
N PHE H 62 -3.97 -8.27 -24.94
CA PHE H 62 -3.87 -7.22 -23.90
C PHE H 62 -3.35 -5.92 -24.50
N THR H 63 -2.38 -6.03 -25.40
CA THR H 63 -1.79 -4.88 -26.07
C THR H 63 -2.82 -4.27 -27.01
N TYR H 64 -3.51 -5.15 -27.76
CA TYR H 64 -4.57 -4.76 -28.69
C TYR H 64 -5.72 -4.04 -27.98
N LYS H 65 -6.14 -4.59 -26.84
CA LYS H 65 -7.25 -4.01 -26.08
C LYS H 65 -6.92 -2.65 -25.44
N VAL H 66 -5.74 -2.51 -24.84
CA VAL H 66 -5.35 -1.26 -24.16
C VAL H 66 -5.09 -0.17 -25.19
N ARG H 67 -4.54 -0.53 -26.34
CA ARG H 67 -4.23 0.44 -27.40
C ARG H 67 -5.51 1.01 -28.01
N TYR H 68 -6.47 0.13 -28.35
CA TYR H 68 -7.65 0.52 -29.13
C TYR H 68 -8.93 0.84 -28.34
N THR H 69 -9.03 0.42 -27.08
CA THR H 69 -10.20 0.75 -26.25
C THR H 69 -10.30 2.27 -26.05
N ASN H 70 -11.45 2.83 -26.46
CA ASN H 70 -11.70 4.28 -26.44
C ASN H 70 -10.69 5.04 -27.31
N SER H 71 -10.85 4.91 -28.63
CA SER H 71 -9.91 5.46 -29.62
C SER H 71 -10.64 6.01 -30.85
N SER H 72 -10.14 7.13 -31.37
CA SER H 72 -10.63 7.70 -32.63
C SER H 72 -10.08 6.89 -33.82
N THR H 73 -8.82 6.49 -33.71
CA THR H 73 -8.14 5.65 -34.72
C THR H 73 -8.98 4.44 -35.15
N GLU H 74 -8.94 4.13 -36.44
CA GLU H 74 -9.63 2.97 -37.00
C GLU H 74 -9.03 1.68 -36.43
N ILE H 75 -9.90 0.82 -35.90
CA ILE H 75 -9.49 -0.44 -35.28
C ILE H 75 -9.35 -1.49 -36.37
N PRO H 76 -8.22 -2.23 -36.38
CA PRO H 76 -8.08 -3.38 -37.27
C PRO H 76 -8.55 -4.67 -36.60
N GLU H 77 -8.72 -5.72 -37.38
CA GLU H 77 -9.14 -7.02 -36.87
C GLU H 77 -8.05 -7.64 -35.99
N PHE H 78 -8.46 -8.34 -34.92
CA PHE H 78 -7.52 -9.14 -34.12
C PHE H 78 -7.39 -10.55 -34.73
N PRO H 79 -6.22 -10.86 -35.33
CA PRO H 79 -6.12 -12.11 -36.06
C PRO H 79 -6.00 -13.32 -35.13
N ILE H 80 -6.63 -14.42 -35.51
CA ILE H 80 -6.49 -15.69 -34.82
C ILE H 80 -6.33 -16.77 -35.88
N ALA H 81 -5.16 -17.41 -35.90
CA ALA H 81 -4.90 -18.54 -36.80
C ALA H 81 -5.89 -19.68 -36.55
N PRO H 82 -6.36 -20.34 -37.63
CA PRO H 82 -7.28 -21.48 -37.46
C PRO H 82 -6.76 -22.60 -36.54
N GLU H 83 -5.46 -22.85 -36.55
CA GLU H 83 -4.87 -23.99 -35.84
C GLU H 83 -4.82 -23.79 -34.31
N ILE H 84 -4.84 -22.53 -33.87
CA ILE H 84 -4.87 -22.18 -32.43
C ILE H 84 -6.25 -21.73 -31.93
N ALA H 85 -7.26 -21.78 -32.80
CA ALA H 85 -8.56 -21.14 -32.52
C ALA H 85 -9.30 -21.79 -31.37
N LEU H 86 -9.40 -23.13 -31.41
CA LEU H 86 -10.09 -23.89 -30.35
C LEU H 86 -9.47 -23.66 -28.99
N GLU H 87 -8.14 -23.69 -28.93
CA GLU H 87 -7.42 -23.62 -27.65
C GLU H 87 -7.44 -22.22 -27.03
N LEU H 88 -7.47 -21.18 -27.87
CA LEU H 88 -7.57 -19.80 -27.40
C LEU H 88 -8.97 -19.48 -26.85
N LEU H 89 -10.00 -20.10 -27.43
CA LEU H 89 -11.37 -20.01 -26.90
C LEU H 89 -11.48 -20.58 -25.49
N MET H 90 -10.76 -21.66 -25.21
CA MET H 90 -10.73 -22.28 -23.87
C MET H 90 -10.03 -21.37 -22.86
N ALA H 91 -8.93 -20.76 -23.27
CA ALA H 91 -8.21 -19.80 -22.43
C ALA H 91 -9.05 -18.56 -22.13
N ALA H 92 -9.84 -18.12 -23.12
CA ALA H 92 -10.68 -16.94 -23.00
C ALA H 92 -11.84 -17.09 -22.00
N ASN H 93 -12.40 -18.30 -21.92
CA ASN H 93 -13.48 -18.59 -20.95
C ASN H 93 -12.98 -18.42 -19.51
N PHE H 94 -11.79 -18.97 -19.24
CA PHE H 94 -11.10 -18.86 -17.95
C PHE H 94 -10.72 -17.42 -17.61
N LEU H 95 -10.03 -16.75 -18.53
CA LEU H 95 -9.44 -15.43 -18.28
C LEU H 95 -10.45 -14.26 -18.15
N ASP H 96 -11.61 -14.36 -18.80
CA ASP H 96 -12.58 -13.25 -18.86
C ASP H 96 -11.90 -11.97 -19.37
N CYS H 97 -11.51 -12.04 -20.65
CA CYS H 97 -10.91 -10.92 -21.37
C CYS H 97 -11.62 -10.75 -22.73
N VAL I 11 -40.88 -0.02 -28.80
CA VAL I 11 -40.25 1.18 -28.17
C VAL I 11 -38.96 1.64 -28.92
N LEU I 12 -38.14 0.69 -29.38
CA LEU I 12 -37.02 0.99 -30.29
C LEU I 12 -37.50 0.84 -31.74
N ARG I 13 -37.96 1.95 -32.31
CA ARG I 13 -38.41 2.03 -33.70
C ARG I 13 -37.97 3.36 -34.30
N SER I 14 -38.23 3.54 -35.60
CA SER I 14 -38.00 4.82 -36.27
C SER I 14 -39.19 5.74 -36.06
N VAL I 15 -38.90 7.05 -35.96
CA VAL I 15 -39.92 8.09 -35.83
C VAL I 15 -40.34 8.51 -37.23
N ASN I 16 -41.64 8.41 -37.55
CA ASN I 16 -42.13 8.77 -38.89
C ASN I 16 -42.28 10.28 -39.03
N SER I 17 -41.15 10.97 -39.07
CA SER I 17 -41.09 12.42 -39.16
C SER I 17 -41.28 12.95 -40.60
N ARG I 18 -40.83 12.18 -41.59
CA ARG I 18 -40.78 12.61 -42.99
C ARG I 18 -39.93 13.89 -43.13
N GLU I 19 -38.85 13.95 -42.37
CA GLU I 19 -37.87 15.03 -42.44
C GLU I 19 -36.66 14.41 -43.08
N PRO I 20 -36.37 14.72 -44.36
CA PRO I 20 -35.18 14.12 -44.96
C PRO I 20 -33.89 14.56 -44.28
N SER I 21 -33.00 13.60 -44.05
CA SER I 21 -31.67 13.84 -43.53
C SER I 21 -30.73 13.03 -44.39
N GLN I 22 -29.83 13.69 -45.11
CA GLN I 22 -28.81 12.99 -45.92
C GLN I 22 -27.70 12.52 -45.00
N VAL I 23 -27.18 11.32 -45.28
CA VAL I 23 -26.20 10.64 -44.41
C VAL I 23 -25.06 10.05 -45.26
N ILE I 24 -23.88 9.92 -44.65
CA ILE I 24 -22.75 9.19 -45.23
C ILE I 24 -22.49 7.92 -44.40
N PHE I 25 -22.81 6.74 -44.96
CA PHE I 25 -22.43 5.47 -44.35
C PHE I 25 -20.99 5.20 -44.75
N CAS I 26 -20.07 5.39 -43.82
CA CAS I 26 -18.64 5.25 -44.09
CB CAS I 26 -17.96 6.53 -43.64
C CAS I 26 -18.20 4.03 -43.34
O CAS I 26 -18.31 4.00 -42.12
SG CAS I 26 -16.21 6.42 -43.80
AS CAS I 26 -15.81 6.28 -45.99
CE1 CAS I 26 -14.25 5.09 -46.33
CE2 CAS I 26 -15.42 8.11 -46.68
N ASN I 27 -17.73 3.03 -44.07
CA ASN I 27 -17.29 1.76 -43.48
C ASN I 27 -15.79 1.78 -43.17
N ARG I 28 -15.46 2.16 -41.94
CA ARG I 28 -14.08 2.15 -41.46
C ARG I 28 -13.82 0.86 -40.69
N SER I 29 -14.11 -0.28 -41.33
CA SER I 29 -13.93 -1.61 -40.74
C SER I 29 -13.55 -2.61 -41.84
N PRO I 30 -12.99 -3.78 -41.45
CA PRO I 30 -12.59 -4.77 -42.42
C PRO I 30 -13.70 -5.77 -42.77
N ARG I 31 -14.92 -5.53 -42.28
CA ARG I 31 -16.06 -6.38 -42.58
C ARG I 31 -16.87 -5.79 -43.73
N VAL I 32 -17.52 -6.69 -44.48
CA VAL I 32 -18.63 -6.31 -45.34
C VAL I 32 -19.73 -5.96 -44.35
N VAL I 33 -20.23 -4.73 -44.40
CA VAL I 33 -21.22 -4.24 -43.42
C VAL I 33 -22.65 -4.28 -43.99
N LEU I 34 -23.58 -4.77 -43.17
CA LEU I 34 -25.00 -4.74 -43.48
C LEU I 34 -25.63 -3.59 -42.67
N PRO I 35 -26.07 -2.50 -43.34
CA PRO I 35 -26.89 -1.53 -42.63
C PRO I 35 -28.27 -2.10 -42.40
N VAL I 36 -28.78 -1.97 -41.18
CA VAL I 36 -30.09 -2.48 -40.80
C VAL I 36 -30.91 -1.32 -40.24
N TRP I 37 -32.02 -1.03 -40.89
CA TRP I 37 -32.94 0.02 -40.48
C TRP I 37 -34.00 -0.62 -39.60
N LEU I 38 -34.31 0.00 -38.45
CA LEU I 38 -35.49 -0.38 -37.68
C LEU I 38 -36.68 0.35 -38.26
N ASN I 39 -37.66 -0.40 -38.77
CA ASN I 39 -38.84 0.21 -39.42
C ASN I 39 -39.87 0.71 -38.39
N PHE I 40 -41.03 1.15 -38.87
CA PHE I 40 -42.00 1.85 -38.00
C PHE I 40 -42.69 0.92 -37.00
N ASP I 41 -42.77 -0.37 -37.33
CA ASP I 41 -43.25 -1.40 -36.39
C ASP I 41 -42.10 -2.05 -35.59
N GLY I 42 -40.95 -1.37 -35.47
CA GLY I 42 -39.78 -1.88 -34.73
C GLY I 42 -39.07 -3.08 -35.32
N GLU I 43 -39.37 -3.42 -36.58
CA GLU I 43 -38.83 -4.61 -37.23
C GLU I 43 -37.55 -4.28 -38.00
N PRO I 44 -36.46 -5.01 -37.74
CA PRO I 44 -35.23 -4.71 -38.47
C PRO I 44 -35.39 -5.03 -39.94
N GLN I 45 -34.83 -4.18 -40.79
CA GLN I 45 -34.95 -4.28 -42.24
C GLN I 45 -33.56 -4.15 -42.87
N PRO I 46 -33.11 -5.20 -43.58
CA PRO I 46 -31.78 -5.13 -44.18
C PRO I 46 -31.71 -4.21 -45.39
N TYR I 47 -30.61 -3.48 -45.49
CA TYR I 47 -30.32 -2.61 -46.63
C TYR I 47 -29.07 -3.15 -47.36
N PRO I 48 -28.75 -2.60 -48.55
CA PRO I 48 -27.60 -3.10 -49.30
C PRO I 48 -26.28 -3.03 -48.53
N THR I 49 -25.43 -4.04 -48.70
CA THR I 49 -24.20 -4.15 -47.91
C THR I 49 -23.11 -3.22 -48.43
N LEU I 50 -22.32 -2.65 -47.51
CA LEU I 50 -21.14 -1.85 -47.86
C LEU I 50 -19.87 -2.70 -47.76
N PRO I 51 -19.13 -2.88 -48.87
CA PRO I 51 -17.82 -3.56 -48.78
C PRO I 51 -16.82 -2.83 -47.86
N PRO I 52 -15.77 -3.53 -47.40
CA PRO I 52 -14.85 -2.92 -46.43
C PRO I 52 -14.09 -1.71 -47.00
N GLY I 53 -14.01 -0.64 -46.19
CA GLY I 53 -13.27 0.57 -46.58
C GLY I 53 -13.93 1.45 -47.62
N THR I 54 -15.25 1.32 -47.78
CA THR I 54 -16.01 2.11 -48.74
C THR I 54 -16.96 3.03 -48.00
N GLY I 55 -17.63 3.89 -48.75
CA GLY I 55 -18.71 4.73 -48.23
C GLY I 55 -19.75 5.04 -49.29
N ARG I 56 -20.98 5.31 -48.84
CA ARG I 56 -22.09 5.73 -49.71
C ARG I 56 -22.85 6.89 -49.08
N ARG I 57 -23.34 7.79 -49.93
CA ARG I 57 -24.23 8.86 -49.52
C ARG I 57 -25.65 8.34 -49.67
N ILE I 58 -26.38 8.28 -48.56
CA ILE I 58 -27.73 7.70 -48.53
C ILE I 58 -28.76 8.68 -47.98
N HIS I 59 -29.99 8.53 -48.47
CA HIS I 59 -31.12 9.38 -48.08
C HIS I 59 -31.95 8.70 -47.00
N SER I 60 -31.92 9.28 -45.79
CA SER I 60 -32.69 8.79 -44.65
C SER I 60 -33.53 9.92 -44.08
N TYR I 61 -34.03 9.77 -42.86
CA TYR I 61 -34.91 10.78 -42.25
C TYR I 61 -34.59 10.99 -40.78
N ARG I 62 -34.89 12.17 -40.25
CA ARG I 62 -34.58 12.48 -38.87
C ARG I 62 -35.37 11.59 -37.91
N GLY I 63 -34.72 11.12 -36.86
CA GLY I 63 -35.34 10.24 -35.87
C GLY I 63 -35.45 8.77 -36.25
N HIS I 64 -34.91 8.39 -37.42
CA HIS I 64 -34.91 6.99 -37.85
C HIS I 64 -33.78 6.24 -37.16
N LEU I 65 -34.05 5.00 -36.75
CA LEU I 65 -33.04 4.17 -36.09
C LEU I 65 -32.32 3.31 -37.11
N TRP I 66 -31.00 3.27 -37.01
CA TRP I 66 -30.18 2.36 -37.80
C TRP I 66 -29.28 1.58 -36.87
N LEU I 67 -28.88 0.38 -37.27
CA LEU I 67 -27.71 -0.28 -36.72
C LEU I 67 -26.98 -1.11 -37.79
N PHE I 68 -25.75 -1.55 -37.50
CA PHE I 68 -24.87 -2.12 -38.50
C PHE I 68 -24.21 -3.40 -38.02
N ARG I 69 -24.13 -4.40 -38.91
CA ARG I 69 -23.60 -5.74 -38.59
C ARG I 69 -22.73 -6.25 -39.72
N ASP I 70 -21.95 -7.27 -39.43
CA ASP I 70 -21.25 -8.03 -40.46
C ASP I 70 -22.30 -8.75 -41.31
N ALA I 71 -22.16 -8.67 -42.63
CA ALA I 71 -23.14 -9.25 -43.56
C ALA I 71 -23.32 -10.74 -43.36
N GLY I 72 -22.21 -11.47 -43.35
CA GLY I 72 -22.23 -12.93 -43.25
C GLY I 72 -22.64 -13.45 -41.89
N THR I 73 -21.92 -13.01 -40.85
CA THR I 73 -22.05 -13.55 -39.50
C THR I 73 -23.00 -12.82 -38.54
N HIS I 74 -23.41 -11.60 -38.90
CA HIS I 74 -24.21 -10.71 -38.03
C HIS I 74 -23.50 -10.25 -36.74
N ASP I 75 -22.17 -10.26 -36.74
CA ASP I 75 -21.38 -9.68 -35.64
C ASP I 75 -21.68 -8.19 -35.56
N GLY I 76 -21.99 -7.71 -34.36
CA GLY I 76 -22.36 -6.32 -34.15
C GLY I 76 -21.19 -5.38 -34.32
N LEU I 77 -21.45 -4.24 -34.97
CA LEU I 77 -20.47 -3.20 -35.21
C LEU I 77 -20.92 -1.92 -34.53
N LEU I 78 -19.97 -1.06 -34.16
CA LEU I 78 -20.31 0.24 -33.61
C LEU I 78 -20.55 1.21 -34.76
N VAL I 79 -21.34 2.25 -34.51
CA VAL I 79 -21.49 3.38 -35.42
C VAL I 79 -21.40 4.66 -34.58
N ASN I 80 -20.43 5.52 -34.90
CA ASN I 80 -20.05 6.65 -34.05
C ASN I 80 -19.81 6.27 -32.58
N GLN I 81 -19.03 5.21 -32.40
CA GLN I 81 -18.62 4.70 -31.09
C GLN I 81 -19.77 4.13 -30.24
N THR I 82 -20.88 3.73 -30.88
CA THR I 82 -22.07 3.28 -30.14
C THR I 82 -22.96 2.36 -30.99
N GLU I 83 -24.02 1.81 -30.39
CA GLU I 83 -24.83 0.75 -31.01
C GLU I 83 -25.73 1.28 -32.12
N LEU I 84 -26.51 2.31 -31.82
CA LEU I 84 -27.53 2.87 -32.74
C LEU I 84 -27.08 4.17 -33.40
N PHE I 85 -27.63 4.47 -34.57
CA PHE I 85 -27.38 5.74 -35.25
C PHE I 85 -28.69 6.39 -35.68
N VAL I 86 -28.92 7.62 -35.20
CA VAL I 86 -30.13 8.39 -35.50
C VAL I 86 -29.74 9.63 -36.32
N PRO I 87 -30.05 9.64 -37.63
CA PRO I 87 -29.79 10.83 -38.44
C PRO I 87 -30.37 12.09 -37.80
N SER I 88 -29.52 13.06 -37.53
CA SER I 88 -29.93 14.33 -36.95
C SER I 88 -30.26 15.30 -38.08
N LEU I 89 -30.36 16.58 -37.76
CA LEU I 89 -30.72 17.62 -38.71
C LEU I 89 -29.49 18.08 -39.48
N ASN I 90 -29.56 18.07 -40.81
CA ASN I 90 -28.46 18.61 -41.66
C ASN I 90 -28.41 20.13 -41.59
N VAL I 91 -27.19 20.68 -41.52
CA VAL I 91 -27.01 22.14 -41.48
C VAL I 91 -26.11 22.62 -42.62
N ASP I 92 -26.65 23.50 -43.46
CA ASP I 92 -25.96 24.04 -44.64
C ASP I 92 -25.45 22.92 -45.56
N GLY I 93 -26.36 22.02 -45.93
CA GLY I 93 -26.09 20.95 -46.88
C GLY I 93 -25.07 19.90 -46.48
N GLN I 94 -24.74 19.82 -45.19
CA GLN I 94 -23.77 18.84 -44.70
C GLN I 94 -24.50 17.54 -44.38
N PRO I 95 -24.08 16.42 -45.00
CA PRO I 95 -24.63 15.14 -44.60
C PRO I 95 -24.01 14.67 -43.30
N ILE I 96 -24.76 13.89 -42.53
CA ILE I 96 -24.29 13.38 -41.24
C ILE I 96 -23.34 12.22 -41.53
N PHE I 97 -22.26 12.13 -40.78
CA PHE I 97 -21.35 11.00 -40.90
C PHE I 97 -21.76 9.88 -39.96
N ALA I 98 -21.88 8.67 -40.51
CA ALA I 98 -22.09 7.45 -39.73
C ALA I 98 -20.85 6.58 -39.87
N ASN I 99 -19.84 6.86 -39.02
CA ASN I 99 -18.60 6.11 -39.03
C ASN I 99 -18.80 4.72 -38.43
N ILE I 100 -18.76 3.71 -39.29
CA ILE I 100 -18.88 2.31 -38.88
C ILE I 100 -17.48 1.73 -38.66
N THR I 101 -17.26 1.13 -37.50
CA THR I 101 -15.97 0.60 -37.10
C THR I 101 -16.15 -0.74 -36.41
N LEU I 102 -15.04 -1.47 -36.22
CA LEU I 102 -15.06 -2.66 -35.35
C LEU I 102 -15.04 -2.19 -33.93
N PRO I 103 -15.72 -2.92 -33.03
CA PRO I 103 -15.52 -2.71 -31.61
C PRO I 103 -14.32 -3.48 -31.11
N VAL I 104 -13.97 -3.23 -29.86
CA VAL I 104 -12.96 -4.03 -29.19
C VAL I 104 -13.68 -5.27 -28.64
N TYR I 105 -13.82 -6.28 -29.50
CA TYR I 105 -14.41 -7.55 -29.10
C TYR I 105 -13.63 -8.15 -27.94
N THR I 106 -14.34 -8.78 -27.02
CA THR I 106 -13.70 -9.62 -26.03
C THR I 106 -13.01 -10.75 -26.77
N LEU I 107 -11.87 -11.18 -26.26
CA LEU I 107 -11.11 -12.29 -26.86
C LEU I 107 -12.01 -13.51 -27.01
N LYS I 108 -12.83 -13.78 -25.99
CA LYS I 108 -13.80 -14.87 -26.03
C LYS I 108 -14.70 -14.74 -27.26
N GLU I 109 -15.29 -13.56 -27.45
CA GLU I 109 -16.17 -13.31 -28.59
C GLU I 109 -15.42 -13.34 -29.92
N ARG I 110 -14.19 -12.82 -29.95
CA ARG I 110 -13.39 -12.92 -31.16
C ARG I 110 -13.16 -14.40 -31.51
N CYS I 111 -12.66 -15.17 -30.54
CA CYS I 111 -12.42 -16.61 -30.72
C CYS I 111 -13.66 -17.36 -31.21
N LEU I 112 -14.83 -17.00 -30.69
CA LEU I 112 -16.09 -17.62 -31.11
C LEU I 112 -16.37 -17.40 -32.61
N GLN I 113 -16.10 -16.19 -33.09
CA GLN I 113 -16.29 -15.83 -34.51
C GLN I 113 -15.44 -16.72 -35.43
N VAL I 114 -14.21 -16.97 -35.01
CA VAL I 114 -13.26 -17.74 -35.80
C VAL I 114 -13.68 -19.21 -35.91
N VAL I 115 -14.15 -19.77 -34.79
CA VAL I 115 -14.60 -21.17 -34.75
C VAL I 115 -15.91 -21.38 -35.54
N ARG I 116 -16.83 -20.43 -35.44
CA ARG I 116 -18.08 -20.47 -36.22
C ARG I 116 -17.85 -20.48 -37.74
N SER I 117 -16.81 -19.79 -38.21
CA SER I 117 -16.44 -19.78 -39.64
C SER I 117 -15.78 -21.08 -40.08
N LEU I 118 -14.82 -21.55 -39.28
CA LEU I 118 -14.05 -22.77 -39.61
C LEU I 118 -14.83 -24.07 -39.45
N VAL I 119 -15.91 -24.05 -38.67
CA VAL I 119 -16.72 -25.24 -38.42
C VAL I 119 -18.12 -25.08 -39.03
N LYS I 120 -18.59 -26.16 -39.67
CA LYS I 120 -19.93 -26.19 -40.24
C LYS I 120 -20.91 -26.47 -39.09
N PRO I 121 -22.02 -25.68 -38.98
CA PRO I 121 -23.00 -25.80 -37.88
C PRO I 121 -23.42 -27.22 -37.47
N GLU I 122 -23.43 -28.15 -38.45
CA GLU I 122 -23.69 -29.57 -38.21
C GLU I 122 -22.77 -30.16 -37.14
N ASN I 123 -21.47 -29.85 -37.25
CA ASN I 123 -20.42 -30.51 -36.47
C ASN I 123 -19.85 -29.69 -35.30
N TYR I 124 -20.68 -28.86 -34.67
CA TYR I 124 -20.30 -28.20 -33.40
C TYR I 124 -20.20 -29.23 -32.28
N ARG I 125 -21.09 -30.23 -32.31
CA ARG I 125 -21.05 -31.33 -31.32
C ARG I 125 -19.82 -32.23 -31.44
N ARG I 126 -19.33 -32.41 -32.66
CA ARG I 126 -18.10 -33.18 -32.93
C ARG I 126 -16.80 -32.55 -32.37
N LEU I 127 -16.83 -31.25 -32.08
CA LEU I 127 -15.69 -30.55 -31.46
C LEU I 127 -15.47 -31.02 -30.02
N ASP I 128 -14.21 -31.04 -29.60
CA ASP I 128 -13.83 -31.57 -28.28
C ASP I 128 -13.55 -30.46 -27.26
N ILE I 129 -14.62 -29.87 -26.74
CA ILE I 129 -14.53 -28.85 -25.67
C ILE I 129 -15.73 -28.93 -24.72
N VAL I 130 -15.57 -28.29 -23.56
CA VAL I 130 -16.65 -28.16 -22.55
C VAL I 130 -17.94 -27.59 -23.16
N ARG I 131 -19.09 -28.14 -22.77
CA ARG I 131 -20.38 -27.81 -23.41
C ARG I 131 -20.98 -26.44 -23.04
N SER I 132 -20.38 -25.73 -22.10
CA SER I 132 -20.63 -24.29 -21.93
C SER I 132 -20.25 -23.52 -23.21
N LEU I 133 -19.20 -23.97 -23.89
CA LEU I 133 -18.73 -23.39 -25.15
C LEU I 133 -19.52 -23.86 -26.37
N TYR I 134 -20.08 -25.08 -26.34
CA TYR I 134 -21.08 -25.49 -27.34
C TYR I 134 -22.24 -24.48 -27.34
N GLU I 135 -22.70 -24.14 -26.14
CA GLU I 135 -23.83 -23.23 -25.94
C GLU I 135 -23.57 -21.81 -26.43
N ASP I 136 -22.33 -21.36 -26.33
CA ASP I 136 -21.93 -20.06 -26.88
C ASP I 136 -21.80 -20.09 -28.40
N LEU I 137 -21.31 -21.22 -28.95
CA LEU I 137 -21.11 -21.37 -30.40
C LEU I 137 -22.42 -21.38 -31.19
N GLU I 138 -23.42 -22.08 -30.66
CA GLU I 138 -24.75 -22.10 -31.28
C GLU I 138 -25.52 -20.79 -31.05
N ASP I 139 -25.23 -20.09 -29.96
CA ASP I 139 -25.81 -18.78 -29.67
C ASP I 139 -25.19 -17.70 -30.58
N HIS I 140 -25.61 -17.70 -31.85
CA HIS I 140 -25.08 -16.76 -32.84
C HIS I 140 -25.47 -15.32 -32.49
N PRO I 141 -24.65 -14.34 -32.90
CA PRO I 141 -25.10 -12.95 -32.76
C PRO I 141 -26.37 -12.74 -33.58
N ASN I 142 -27.34 -12.09 -32.98
CA ASN I 142 -28.70 -12.02 -33.52
C ASN I 142 -29.23 -10.61 -33.34
N VAL I 143 -29.66 -9.99 -34.43
CA VAL I 143 -30.13 -8.60 -34.42
C VAL I 143 -31.36 -8.44 -33.50
N GLN I 144 -32.31 -9.37 -33.62
CA GLN I 144 -33.52 -9.35 -32.80
C GLN I 144 -33.17 -9.48 -31.31
N LYS I 145 -32.27 -10.39 -30.96
CA LYS I 145 -31.85 -10.60 -29.57
C LYS I 145 -31.08 -9.40 -28.98
N ASP I 146 -30.33 -8.68 -29.82
CA ASP I 146 -29.63 -7.47 -29.37
C ASP I 146 -30.59 -6.31 -29.07
N LEU I 147 -31.66 -6.20 -29.86
CA LEU I 147 -32.71 -5.20 -29.59
C LEU I 147 -33.50 -5.53 -28.32
N GLU I 148 -33.73 -6.82 -28.07
CA GLU I 148 -34.31 -7.29 -26.80
C GLU I 148 -33.46 -6.87 -25.59
N ARG I 149 -32.14 -6.97 -25.72
CA ARG I 149 -31.19 -6.54 -24.69
C ARG I 149 -31.21 -5.02 -24.47
N LEU I 150 -31.11 -4.26 -25.56
CA LEU I 150 -31.06 -2.79 -25.50
C LEU I 150 -32.28 -2.18 -24.84
N THR I 151 -33.46 -2.71 -25.16
CA THR I 151 -34.73 -2.27 -24.57
C THR I 151 -34.73 -2.35 -23.03
N GLN I 152 -34.07 -3.36 -22.46
CA GLN I 152 -33.98 -3.53 -21.00
C GLN I 152 -33.26 -2.36 -20.32
N GLU I 153 -32.15 -1.92 -20.93
CA GLU I 153 -31.29 -0.87 -20.38
C GLU I 153 -31.36 0.38 -21.27
N MET J 1 9.38 48.45 -9.00
CA MET J 1 8.68 47.17 -9.36
C MET J 1 9.10 46.02 -8.43
N ASP J 2 8.13 45.35 -7.82
CA ASP J 2 8.40 44.18 -6.98
C ASP J 2 8.74 42.95 -7.81
N VAL J 3 9.68 42.15 -7.32
CA VAL J 3 10.02 40.84 -7.89
C VAL J 3 9.95 39.82 -6.78
N PHE J 4 9.48 38.62 -7.09
CA PHE J 4 9.14 37.64 -6.07
C PHE J 4 10.00 36.40 -6.26
N LEU J 5 10.61 35.99 -5.15
CA LEU J 5 11.78 35.12 -5.18
C LEU J 5 11.66 33.92 -4.27
N MET J 6 12.35 32.85 -4.66
CA MET J 6 12.61 31.70 -3.82
C MET J 6 14.12 31.64 -3.67
N ILE J 7 14.62 31.90 -2.46
CA ILE J 7 16.04 31.77 -2.18
C ILE J 7 16.24 30.37 -1.63
N ARG J 8 16.96 29.53 -2.36
CA ARG J 8 17.06 28.10 -2.06
C ARG J 8 18.47 27.57 -1.80
N ARG J 9 18.62 26.88 -0.66
CA ARG J 9 19.83 26.12 -0.31
C ARG J 9 19.41 24.80 0.29
N HIS J 10 19.89 23.71 -0.28
CA HIS J 10 19.65 22.34 0.24
C HIS J 10 18.14 22.06 0.39
N LYS J 11 17.62 21.96 1.62
CA LYS J 11 16.17 21.74 1.84
C LYS J 11 15.47 23.00 2.40
N THR J 12 16.08 24.16 2.18
CA THR J 12 15.55 25.43 2.65
C THR J 12 15.12 26.24 1.43
N THR J 13 13.98 26.91 1.56
CA THR J 13 13.44 27.76 0.50
C THR J 13 12.80 28.98 1.15
N ILE J 14 13.51 30.11 1.10
CA ILE J 14 13.00 31.37 1.64
C ILE J 14 12.16 32.07 0.57
N PHE J 15 10.88 32.29 0.88
CA PHE J 15 9.99 33.07 0.03
C PHE J 15 10.08 34.53 0.44
N THR J 16 10.50 35.38 -0.48
CA THR J 16 10.56 36.81 -0.20
C THR J 16 10.49 37.64 -1.48
N ASP J 17 10.24 38.93 -1.29
CA ASP J 17 10.22 39.88 -2.40
C ASP J 17 11.17 41.02 -2.16
N ALA J 18 11.45 41.75 -3.23
CA ALA J 18 12.41 42.85 -3.22
C ALA J 18 12.11 43.73 -4.42
N LYS J 19 12.72 44.90 -4.48
CA LYS J 19 12.55 45.76 -5.63
C LYS J 19 13.43 45.29 -6.78
N GLU J 20 13.00 45.58 -8.00
CA GLU J 20 13.78 45.32 -9.21
C GLU J 20 15.12 46.08 -9.16
N SER J 21 15.09 47.29 -8.62
CA SER J 21 16.27 48.14 -8.46
C SER J 21 17.15 47.77 -7.25
N SER J 22 16.62 46.99 -6.30
CA SER J 22 17.39 46.60 -5.10
C SER J 22 18.57 45.70 -5.48
N THR J 23 19.62 45.74 -4.66
CA THR J 23 20.87 45.04 -4.96
C THR J 23 20.93 43.63 -4.39
N VAL J 24 21.87 42.85 -4.91
CA VAL J 24 22.09 41.47 -4.48
C VAL J 24 22.56 41.42 -3.03
N PHE J 25 23.35 42.41 -2.60
CA PHE J 25 23.75 42.53 -1.19
C PHE J 25 22.56 42.73 -0.26
N GLU J 26 21.62 43.60 -0.65
CA GLU J 26 20.41 43.87 0.14
C GLU J 26 19.54 42.61 0.30
N LEU J 27 19.62 41.72 -0.69
CA LEU J 27 19.01 40.39 -0.60
C LEU J 27 19.76 39.51 0.40
N LYS J 28 21.10 39.58 0.41
CA LYS J 28 21.91 38.83 1.39
C LYS J 28 21.61 39.26 2.82
N ARG J 29 21.32 40.55 3.00
CA ARG J 29 20.86 41.06 4.30
C ARG J 29 19.59 40.37 4.77
N ILE J 30 18.65 40.16 3.85
CA ILE J 30 17.42 39.41 4.15
C ILE J 30 17.75 37.99 4.60
N VAL J 31 18.69 37.33 3.91
CA VAL J 31 19.14 35.99 4.31
C VAL J 31 19.73 36.02 5.72
N GLU J 32 20.52 37.06 6.01
CA GLU J 32 21.18 37.23 7.32
C GLU J 32 20.20 37.24 8.49
N GLY J 33 19.13 38.03 8.34
CA GLY J 33 18.06 38.09 9.33
C GLY J 33 17.44 36.73 9.59
N ILE J 34 17.24 35.96 8.51
CA ILE J 34 16.57 34.66 8.58
C ILE J 34 17.52 33.55 9.03
N LEU J 35 18.56 33.26 8.24
CA LEU J 35 19.44 32.10 8.46
C LEU J 35 20.68 32.36 9.34
N LYS J 36 20.82 33.59 9.85
CA LYS J 36 21.86 33.93 10.84
C LYS J 36 23.30 33.81 10.32
N ARG J 37 23.52 34.22 9.07
CA ARG J 37 24.85 34.19 8.46
C ARG J 37 25.08 35.50 7.73
N PRO J 38 26.22 36.19 7.99
CA PRO J 38 26.44 37.49 7.36
C PRO J 38 26.74 37.38 5.85
N PRO J 39 26.46 38.46 5.08
CA PRO J 39 26.64 38.49 3.61
C PRO J 39 27.96 37.92 3.08
N ASP J 40 29.08 38.29 3.70
CA ASP J 40 30.40 37.79 3.27
C ASP J 40 30.54 36.25 3.35
N GLU J 41 29.69 35.58 4.15
CA GLU J 41 29.64 34.11 4.20
C GLU J 41 28.62 33.48 3.23
N GLN J 42 28.05 34.26 2.30
CA GLN J 42 27.02 33.79 1.37
C GLN J 42 27.42 33.92 -0.10
N ARG J 43 26.89 33.04 -0.94
CA ARG J 43 26.98 33.17 -2.38
C ARG J 43 25.59 32.98 -2.99
N LEU J 44 25.07 34.00 -3.66
CA LEU J 44 23.80 33.91 -4.38
C LEU J 44 24.06 33.67 -5.85
N TYR J 45 23.22 32.83 -6.45
CA TYR J 45 23.37 32.40 -7.83
C TYR J 45 22.06 32.58 -8.61
N LYS J 46 22.17 32.91 -9.89
CA LYS J 46 21.06 32.72 -10.83
C LYS J 46 21.41 31.53 -11.71
N ASP J 47 20.77 30.39 -11.45
CA ASP J 47 21.17 29.08 -11.98
C ASP J 47 22.59 28.76 -11.48
N ASP J 48 23.57 28.59 -12.36
CA ASP J 48 24.97 28.33 -11.97
C ASP J 48 25.83 29.61 -11.97
N GLN J 49 25.23 30.79 -12.17
CA GLN J 49 25.95 32.05 -12.27
C GLN J 49 26.00 32.79 -10.95
N LEU J 50 27.20 32.93 -10.40
CA LEU J 50 27.44 33.72 -9.18
C LEU J 50 27.08 35.18 -9.39
N LEU J 51 26.49 35.81 -8.37
CA LEU J 51 25.94 37.17 -8.46
C LEU J 51 26.75 38.15 -7.62
N ASP J 52 27.06 39.31 -8.19
CA ASP J 52 27.88 40.32 -7.53
C ASP J 52 27.00 41.22 -6.64
N ASP J 53 27.52 41.54 -5.46
CA ASP J 53 26.82 42.37 -4.46
C ASP J 53 26.22 43.67 -4.99
N GLY J 54 26.98 44.37 -5.82
CA GLY J 54 26.61 45.73 -6.24
C GLY J 54 25.58 45.84 -7.34
N LYS J 55 25.20 44.71 -7.94
CA LYS J 55 24.35 44.72 -9.13
C LYS J 55 22.90 44.59 -8.69
N THR J 56 21.99 45.18 -9.47
CA THR J 56 20.56 45.15 -9.16
C THR J 56 19.96 43.83 -9.62
N LEU J 57 18.81 43.49 -9.04
CA LEU J 57 18.10 42.26 -9.41
C LEU J 57 17.67 42.30 -10.88
N GLY J 58 17.20 43.46 -11.33
CA GLY J 58 16.87 43.69 -12.73
C GLY J 58 18.01 43.36 -13.68
N GLU J 59 19.23 43.76 -13.32
CA GLU J 59 20.45 43.48 -14.11
C GLU J 59 20.86 42.01 -14.12
N CAS J 60 20.62 41.31 -13.01
CA CAS J 60 20.85 39.87 -12.92
CB CAS J 60 21.19 39.44 -11.49
C CAS J 60 19.67 39.08 -13.45
O CAS J 60 19.59 37.87 -13.26
SG CAS J 60 22.77 40.01 -10.97
AS CAS J 60 24.34 39.58 -12.55
CE1 CAS J 60 25.06 41.30 -13.24
CE2 CAS J 60 25.92 38.52 -11.93
N GLY J 61 18.72 39.74 -14.13
CA GLY J 61 17.68 39.05 -14.88
C GLY J 61 16.35 38.88 -14.18
N PHE J 62 16.27 39.19 -12.88
CA PHE J 62 15.01 39.07 -12.13
C PHE J 62 14.13 40.28 -12.38
N THR J 63 13.20 40.15 -13.33
CA THR J 63 12.23 41.22 -13.63
C THR J 63 10.90 40.93 -12.96
N SER J 64 10.08 41.98 -12.84
CA SER J 64 8.76 41.84 -12.24
C SER J 64 7.84 40.93 -13.05
N GLN J 65 8.09 40.83 -14.36
CA GLN J 65 7.26 40.00 -15.24
C GLN J 65 7.69 38.53 -15.37
N THR J 66 8.89 38.18 -14.92
CA THR J 66 9.32 36.77 -14.83
C THR J 66 9.21 36.26 -13.39
N ALA J 67 9.73 37.03 -12.45
CA ALA J 67 9.68 36.68 -11.03
C ALA J 67 8.36 37.14 -10.41
N ARG J 68 7.30 36.35 -10.60
CA ARG J 68 5.93 36.74 -10.25
C ARG J 68 5.50 36.08 -8.93
N PRO J 69 4.47 36.62 -8.24
CA PRO J 69 4.01 36.02 -6.97
C PRO J 69 3.62 34.54 -7.07
N GLN J 70 2.79 34.21 -8.06
CA GLN J 70 2.38 32.83 -8.32
C GLN J 70 3.47 31.92 -8.91
N ALA J 71 4.49 32.52 -9.53
CA ALA J 71 5.58 31.79 -10.20
C ALA J 71 6.94 32.47 -9.95
N PRO J 72 7.41 32.44 -8.69
CA PRO J 72 8.59 33.20 -8.27
C PRO J 72 9.90 32.60 -8.77
N ALA J 73 10.90 33.46 -8.91
CA ALA J 73 12.17 33.10 -9.54
C ALA J 73 13.15 32.58 -8.50
N THR J 74 13.87 31.51 -8.84
CA THR J 74 14.78 30.88 -7.89
C THR J 74 16.12 31.61 -7.84
N VAL J 75 16.62 31.81 -6.63
CA VAL J 75 17.97 32.33 -6.40
C VAL J 75 18.70 31.31 -5.55
N GLY J 76 19.80 30.77 -6.06
CA GLY J 76 20.59 29.77 -5.33
C GLY J 76 21.34 30.40 -4.16
N LEU J 77 21.60 29.60 -3.14
CA LEU J 77 22.36 30.06 -1.96
C LEU J 77 23.33 28.97 -1.54
N ALA J 78 24.56 29.39 -1.27
CA ALA J 78 25.60 28.49 -0.77
C ALA J 78 26.30 29.24 0.35
N PHE J 79 26.48 28.57 1.48
CA PHE J 79 27.22 29.13 2.63
C PHE J 79 28.71 28.85 2.61
N ARG J 80 29.43 29.61 3.43
CA ARG J 80 30.82 29.34 3.77
C ARG J 80 30.84 28.46 5.00
N ALA J 81 31.71 27.44 4.99
CA ALA J 81 31.92 26.58 6.14
C ALA J 81 33.41 26.26 6.26
N ASP J 82 34.13 27.08 7.04
CA ASP J 82 35.58 26.97 7.25
C ASP J 82 36.39 27.18 5.97
N ASP J 83 37.04 28.34 5.86
CA ASP J 83 37.82 28.71 4.65
C ASP J 83 36.92 28.82 3.41
N THR J 84 36.57 27.66 2.83
CA THR J 84 35.97 27.59 1.50
C THR J 84 34.45 27.50 1.58
N PHE J 85 33.79 27.92 0.50
CA PHE J 85 32.35 27.80 0.35
C PHE J 85 32.00 26.39 -0.12
N GLU J 86 30.81 25.94 0.26
CA GLU J 86 30.25 24.70 -0.26
C GLU J 86 29.80 24.91 -1.71
N ALA J 87 29.65 23.81 -2.44
CA ALA J 87 29.09 23.86 -3.79
C ALA J 87 27.59 24.16 -3.70
N LEU J 88 27.06 24.81 -4.74
CA LEU J 88 25.62 25.08 -4.83
C LEU J 88 24.81 23.79 -4.96
N CAS J 89 24.07 23.43 -3.92
CA CAS J 89 23.17 22.28 -3.94
CB CAS J 89 23.74 21.22 -2.99
C CAS J 89 21.78 22.74 -3.55
O CAS J 89 21.59 23.32 -2.49
SG CAS J 89 22.54 20.03 -2.45
AS CAS J 89 22.51 18.52 -4.11
CE1 CAS J 89 21.69 16.81 -3.47
CE2 CAS J 89 21.45 19.20 -5.65
N ILE J 90 20.80 22.49 -4.44
CA ILE J 90 19.40 22.78 -4.16
C ILE J 90 18.61 21.48 -4.36
N GLU J 91 18.14 20.88 -3.26
CA GLU J 91 17.39 19.63 -3.32
C GLU J 91 16.11 19.87 -4.09
N PRO J 92 15.74 18.96 -5.01
CA PRO J 92 14.50 19.17 -5.74
C PRO J 92 13.29 18.94 -4.82
N PHE J 93 12.14 19.52 -5.15
CA PHE J 93 10.91 19.21 -4.43
C PHE J 93 10.44 17.81 -4.86
N SER J 94 9.55 17.23 -4.07
CA SER J 94 9.08 15.87 -4.30
C SER J 94 8.36 15.71 -5.64
N SER J 95 8.40 14.50 -6.18
CA SER J 95 7.70 14.17 -7.43
C SER J 95 6.21 13.97 -7.13
N PRO J 96 5.34 14.68 -7.86
CA PRO J 96 3.92 14.35 -7.77
C PRO J 96 3.66 12.91 -8.19
N PRO J 97 2.56 12.32 -7.71
CA PRO J 97 2.22 10.96 -8.10
C PRO J 97 1.69 10.88 -9.53
N GLU J 98 1.49 9.67 -10.01
CA GLU J 98 0.88 9.42 -11.31
C GLU J 98 -0.48 10.12 -11.40
N LEU J 99 -0.77 10.74 -12.54
CA LEU J 99 -2.14 11.16 -12.84
C LEU J 99 -3.03 9.92 -12.78
N PRO J 100 -4.14 9.96 -12.00
CA PRO J 100 -5.06 8.81 -12.03
C PRO J 100 -5.70 8.57 -13.40
N ASP J 101 -6.52 7.53 -13.50
CA ASP J 101 -7.24 7.22 -14.75
C ASP J 101 -8.06 8.41 -15.24
N VAL J 102 -8.94 8.90 -14.36
CA VAL J 102 -9.87 10.00 -14.69
C VAL J 102 -9.20 11.30 -15.20
N MET J 103 -7.95 11.53 -14.82
CA MET J 103 -7.16 12.67 -15.29
C MET J 103 -6.13 12.21 -16.32
N MET K 1 11.03 42.83 9.96
CA MET K 1 10.23 41.95 9.05
C MET K 1 10.28 40.51 9.56
N MET K 2 9.16 40.04 10.10
CA MET K 2 9.10 38.76 10.82
C MET K 2 8.72 37.61 9.88
N TYR K 3 9.24 36.41 10.20
CA TYR K 3 9.10 35.21 9.36
C TYR K 3 8.62 33.99 10.17
N VAL K 4 8.18 32.95 9.46
CA VAL K 4 7.81 31.66 10.06
C VAL K 4 8.30 30.52 9.17
N LYS K 5 8.40 29.33 9.76
CA LYS K 5 8.89 28.15 9.04
C LYS K 5 7.78 27.10 8.90
N LEU K 6 7.56 26.65 7.68
CA LEU K 6 6.57 25.60 7.37
C LEU K 6 7.32 24.42 6.76
N ILE K 7 7.26 23.27 7.44
CA ILE K 7 8.10 22.11 7.09
C ILE K 7 7.21 21.01 6.48
N SER K 8 7.62 20.49 5.33
CA SER K 8 6.84 19.50 4.60
C SER K 8 7.11 18.08 5.10
N SER K 9 6.30 17.12 4.64
CA SER K 9 6.40 15.70 5.04
C SER K 9 7.76 15.08 4.68
N ASP K 10 8.26 15.48 3.52
CA ASP K 10 9.60 15.10 3.07
C ASP K 10 10.72 16.04 3.55
N GLY K 11 10.45 16.83 4.59
CA GLY K 11 11.49 17.58 5.30
C GLY K 11 12.01 18.86 4.66
N HIS K 12 11.32 19.38 3.64
CA HIS K 12 11.65 20.69 3.06
C HIS K 12 11.10 21.82 3.94
N GLU K 13 11.97 22.75 4.31
CA GLU K 13 11.60 23.88 5.17
C GLU K 13 11.34 25.11 4.31
N PHE K 14 10.10 25.60 4.38
CA PHE K 14 9.68 26.79 3.64
C PHE K 14 9.53 27.94 4.61
N ILE K 15 10.28 29.01 4.36
CA ILE K 15 10.30 30.17 5.24
C ILE K 15 9.58 31.32 4.52
N VAL K 16 8.47 31.78 5.11
CA VAL K 16 7.61 32.81 4.51
C VAL K 16 7.39 33.92 5.53
N LYS K 17 7.13 35.14 5.08
CA LYS K 17 6.82 36.23 6.00
C LYS K 17 5.58 35.90 6.81
N ARG K 18 5.54 36.38 8.05
CA ARG K 18 4.45 36.05 8.99
C ARG K 18 3.12 36.57 8.45
N GLU K 19 3.09 37.86 8.12
CA GLU K 19 1.97 38.53 7.44
C GLU K 19 1.31 37.61 6.38
N HIS K 20 2.15 37.00 5.54
CA HIS K 20 1.70 36.14 4.45
C HIS K 20 1.14 34.81 4.92
N ALA K 21 1.80 34.19 5.91
CA ALA K 21 1.32 32.94 6.49
C ALA K 21 -0.06 33.08 7.12
N LEU K 22 -0.30 34.23 7.76
CA LEU K 22 -1.57 34.51 8.46
C LEU K 22 -2.77 34.65 7.54
N THR K 23 -2.55 34.67 6.22
CA THR K 23 -3.60 34.37 5.23
C THR K 23 -4.39 33.12 5.61
N SER K 24 -3.67 32.04 5.89
CA SER K 24 -4.24 30.82 6.46
C SER K 24 -4.70 31.10 7.88
N GLY K 25 -6.02 30.99 8.11
CA GLY K 25 -6.60 31.06 9.44
C GLY K 25 -6.20 29.90 10.33
N THR K 26 -5.89 28.75 9.71
CA THR K 26 -5.41 27.57 10.42
C THR K 26 -4.03 27.84 10.99
N ILE K 27 -3.12 28.32 10.14
CA ILE K 27 -1.77 28.69 10.56
C ILE K 27 -1.83 29.80 11.61
N LYS K 28 -2.72 30.78 11.43
CA LYS K 28 -2.85 31.89 12.38
C LYS K 28 -3.16 31.43 13.81
N ALA K 29 -4.05 30.47 13.96
CA ALA K 29 -4.37 29.90 15.27
C ALA K 29 -3.21 29.07 15.81
N MET K 30 -2.64 28.25 14.93
CA MET K 30 -1.46 27.42 15.24
C MET K 30 -0.36 28.17 15.96
N LEU K 31 0.01 29.34 15.44
CA LEU K 31 1.07 30.16 16.02
C LEU K 31 0.61 30.92 17.28
N SER K 32 -0.64 31.40 17.27
CA SER K 32 -1.19 32.19 18.38
C SER K 32 -1.53 31.34 19.61
N THR K 42 4.88 29.91 18.81
CA THR K 42 5.79 29.08 18.03
C THR K 42 5.95 29.64 16.60
N ASN K 43 7.14 29.44 16.02
CA ASN K 43 7.48 29.90 14.66
C ASN K 43 7.61 28.81 13.61
N GLU K 44 7.98 27.60 14.03
CA GLU K 44 8.01 26.43 13.14
C GLU K 44 6.65 25.71 13.18
N VAL K 45 6.18 25.28 12.02
CA VAL K 45 4.97 24.48 11.89
C VAL K 45 5.29 23.27 11.02
N ASN K 46 4.92 22.08 11.47
CA ASN K 46 5.36 20.84 10.83
C ASN K 46 4.20 20.03 10.24
N PHE K 47 4.10 20.02 8.91
CA PHE K 47 3.04 19.33 8.18
C PHE K 47 3.51 17.95 7.68
N ARG K 48 3.15 16.90 8.40
CA ARG K 48 3.62 15.54 8.09
C ARG K 48 2.89 14.81 6.96
N GLU K 49 1.84 15.39 6.40
CA GLU K 49 1.16 14.77 5.25
C GLU K 49 1.06 15.67 4.00
N ILE K 50 1.69 16.86 4.05
CA ILE K 50 1.77 17.76 2.90
C ILE K 50 3.20 17.67 2.39
N PRO K 51 3.40 17.07 1.19
CA PRO K 51 4.75 17.01 0.64
C PRO K 51 5.20 18.36 0.07
N SER K 52 6.47 18.44 -0.35
CA SER K 52 7.11 19.70 -0.73
C SER K 52 6.54 20.30 -2.02
N HIS K 53 6.19 19.46 -3.00
CA HIS K 53 5.61 19.95 -4.25
C HIS K 53 4.23 20.61 -4.07
N VAL K 54 3.52 20.27 -2.99
CA VAL K 54 2.25 20.91 -2.62
C VAL K 54 2.50 22.16 -1.79
N LEU K 55 3.26 22.01 -0.70
CA LEU K 55 3.48 23.12 0.26
C LEU K 55 4.22 24.31 -0.35
N SER K 56 4.99 24.06 -1.41
CA SER K 56 5.62 25.14 -2.17
C SER K 56 4.57 25.98 -2.90
N LYS K 57 3.56 25.32 -3.47
CA LYS K 57 2.45 26.03 -4.13
C LYS K 57 1.52 26.74 -3.14
N VAL K 58 1.43 26.26 -1.91
CA VAL K 58 0.74 27.00 -0.86
C VAL K 58 1.46 28.33 -0.61
N CYS K 59 2.75 28.26 -0.30
CA CYS K 59 3.55 29.46 -0.07
C CYS K 59 3.47 30.45 -1.24
N MET K 60 3.46 29.93 -2.47
CA MET K 60 3.21 30.77 -3.64
C MET K 60 1.85 31.47 -3.53
N TYR K 61 0.79 30.72 -3.20
CA TYR K 61 -0.56 31.29 -3.03
C TYR K 61 -0.58 32.44 -2.02
N PHE K 62 0.05 32.25 -0.87
CA PHE K 62 0.16 33.32 0.13
C PHE K 62 0.65 34.61 -0.49
N THR K 63 1.74 34.52 -1.25
CA THR K 63 2.34 35.70 -1.89
C THR K 63 1.32 36.29 -2.87
N TYR K 64 0.73 35.42 -3.69
CA TYR K 64 -0.29 35.80 -4.65
C TYR K 64 -1.50 36.53 -4.02
N LYS K 65 -2.02 36.01 -2.90
CA LYS K 65 -3.14 36.66 -2.22
C LYS K 65 -2.80 38.04 -1.66
N VAL K 66 -1.64 38.15 -1.03
CA VAL K 66 -1.25 39.41 -0.39
C VAL K 66 -0.94 40.49 -1.42
N ARG K 67 -0.36 40.08 -2.56
CA ARG K 67 -0.08 41.02 -3.65
C ARG K 67 -1.37 41.51 -4.28
N TYR K 68 -2.34 40.61 -4.50
CA TYR K 68 -3.52 40.91 -5.33
C TYR K 68 -4.83 41.21 -4.61
N THR K 69 -4.92 40.97 -3.31
CA THR K 69 -6.12 41.32 -2.54
C THR K 69 -6.28 42.84 -2.49
N ASN K 70 -7.52 43.30 -2.71
CA ASN K 70 -7.84 44.72 -2.99
C ASN K 70 -6.74 45.48 -3.74
N SER K 71 -6.58 45.11 -5.01
CA SER K 71 -5.62 45.72 -5.94
C SER K 71 -6.36 46.36 -7.12
N SER K 72 -5.71 47.36 -7.72
CA SER K 72 -6.23 48.01 -8.93
C SER K 72 -5.76 47.28 -10.19
N THR K 73 -4.49 46.87 -10.23
CA THR K 73 -3.93 46.16 -11.40
C THR K 73 -4.64 44.82 -11.65
N GLU K 74 -4.78 44.48 -12.92
CA GLU K 74 -5.50 43.30 -13.38
C GLU K 74 -4.94 42.04 -12.74
N ILE K 75 -5.81 41.25 -12.16
CA ILE K 75 -5.40 40.04 -11.46
C ILE K 75 -5.14 38.96 -12.52
N PRO K 76 -4.04 38.20 -12.36
CA PRO K 76 -3.81 37.02 -13.17
C PRO K 76 -4.31 35.75 -12.48
N GLU K 77 -4.50 34.71 -13.27
CA GLU K 77 -4.94 33.42 -12.79
C GLU K 77 -3.83 32.81 -11.96
N PHE K 78 -4.21 32.14 -10.86
CA PHE K 78 -3.27 31.33 -10.09
C PHE K 78 -3.21 29.94 -10.70
N PRO K 79 -2.03 29.52 -11.22
CA PRO K 79 -1.94 28.25 -11.91
C PRO K 79 -1.77 27.05 -10.97
N ILE K 80 -2.42 25.95 -11.34
CA ILE K 80 -2.29 24.69 -10.65
C ILE K 80 -2.16 23.63 -11.73
N ALA K 81 -0.97 23.04 -11.84
CA ALA K 81 -0.71 21.96 -12.78
C ALA K 81 -1.60 20.75 -12.43
N PRO K 82 -2.13 20.05 -13.45
CA PRO K 82 -3.05 18.93 -13.19
C PRO K 82 -2.52 17.85 -12.23
N GLU K 83 -1.20 17.67 -12.16
CA GLU K 83 -0.58 16.63 -11.34
C GLU K 83 -0.68 16.88 -9.84
N ILE K 84 -0.72 18.15 -9.44
CA ILE K 84 -0.76 18.52 -8.01
C ILE K 84 -2.12 19.04 -7.54
N ALA K 85 -3.17 18.90 -8.36
CA ALA K 85 -4.47 19.48 -8.03
C ALA K 85 -5.19 18.73 -6.90
N LEU K 86 -5.14 17.39 -6.92
CA LEU K 86 -5.77 16.60 -5.85
C LEU K 86 -5.17 16.89 -4.48
N GLU K 87 -3.84 16.84 -4.40
CA GLU K 87 -3.14 17.05 -3.13
C GLU K 87 -3.21 18.48 -2.61
N LEU K 88 -3.20 19.45 -3.51
CA LEU K 88 -3.29 20.86 -3.12
C LEU K 88 -4.70 21.22 -2.67
N LEU K 89 -5.70 20.52 -3.22
CA LEU K 89 -7.08 20.62 -2.71
C LEU K 89 -7.15 20.18 -1.25
N MET K 90 -6.47 19.07 -0.92
CA MET K 90 -6.46 18.51 0.45
C MET K 90 -5.78 19.43 1.47
N ALA K 91 -4.64 19.99 1.10
CA ALA K 91 -3.92 20.92 1.98
C ALA K 91 -4.70 22.21 2.19
N ALA K 92 -5.36 22.69 1.13
CA ALA K 92 -6.16 23.92 1.17
C ALA K 92 -7.36 23.82 2.10
N ASN K 93 -7.99 22.64 2.10
CA ASN K 93 -9.07 22.33 3.04
C ASN K 93 -8.62 22.45 4.49
N PHE K 94 -7.45 21.88 4.79
CA PHE K 94 -6.83 21.93 6.13
C PHE K 94 -6.48 23.37 6.54
N LEU K 95 -5.76 24.06 5.67
CA LEU K 95 -5.20 25.38 5.99
C LEU K 95 -6.19 26.58 6.02
N ASP K 96 -7.39 26.41 5.46
CA ASP K 96 -8.42 27.45 5.46
C ASP K 96 -7.94 28.73 4.75
N CYS K 97 -7.38 28.54 3.55
CA CYS K 97 -6.88 29.64 2.72
C CYS K 97 -7.58 29.65 1.36
N VAL L 11 -37.07 39.74 -5.38
CA VAL L 11 -36.44 40.98 -4.82
C VAL L 11 -35.35 41.50 -5.77
N LEU L 12 -34.27 40.72 -5.95
CA LEU L 12 -33.20 41.10 -6.90
C LEU L 12 -33.68 40.98 -8.35
N ARG L 13 -34.08 42.10 -8.92
CA ARG L 13 -34.53 42.16 -10.31
C ARG L 13 -34.25 43.54 -10.87
N SER L 14 -34.30 43.65 -12.18
CA SER L 14 -34.04 44.91 -12.86
C SER L 14 -35.25 45.82 -12.70
N VAL L 15 -35.00 47.04 -12.26
CA VAL L 15 -36.04 48.06 -12.18
C VAL L 15 -36.36 48.48 -13.62
N ASN L 16 -37.64 48.55 -13.97
CA ASN L 16 -38.03 48.91 -15.33
C ASN L 16 -38.13 50.43 -15.49
N SER L 17 -36.96 51.06 -15.57
CA SER L 17 -36.85 52.51 -15.70
C SER L 17 -37.16 52.98 -17.11
N ARG L 18 -36.88 52.11 -18.08
CA ARG L 18 -36.93 52.47 -19.51
C ARG L 18 -36.01 53.63 -19.88
N GLU L 19 -35.02 53.92 -19.02
CA GLU L 19 -34.14 55.06 -19.19
C GLU L 19 -32.80 54.51 -19.65
N PRO L 20 -32.39 54.79 -20.91
CA PRO L 20 -31.16 54.17 -21.38
C PRO L 20 -29.92 54.62 -20.61
N SER L 21 -28.91 53.77 -20.66
CA SER L 21 -27.63 54.00 -20.05
C SER L 21 -26.64 53.20 -20.86
N GLN L 22 -25.65 53.86 -21.44
CA GLN L 22 -24.65 53.18 -22.26
C GLN L 22 -23.51 52.67 -21.35
N VAL L 23 -23.02 51.46 -21.64
CA VAL L 23 -22.05 50.78 -20.77
C VAL L 23 -20.94 50.15 -21.60
N ILE L 24 -19.75 50.07 -21.01
CA ILE L 24 -18.61 49.34 -21.56
C ILE L 24 -18.35 48.07 -20.73
N PHE L 25 -18.66 46.91 -21.29
CA PHE L 25 -18.27 45.64 -20.67
C PHE L 25 -16.83 45.38 -21.07
N CAS L 26 -15.92 45.55 -20.11
CA CAS L 26 -14.48 45.39 -20.35
CB CAS L 26 -13.81 46.68 -19.89
C CAS L 26 -13.99 44.19 -19.58
O CAS L 26 -13.95 44.21 -18.35
SG CAS L 26 -12.06 46.59 -20.02
AS CAS L 26 -11.82 46.59 -22.23
CE1 CAS L 26 -11.41 48.44 -22.82
CE2 CAS L 26 -10.30 45.41 -22.77
N ASN L 27 -13.62 43.13 -20.31
CA ASN L 27 -13.12 41.90 -19.69
C ASN L 27 -11.62 41.96 -19.38
N ARG L 28 -11.30 42.30 -18.14
CA ARG L 28 -9.91 42.29 -17.66
C ARG L 28 -9.64 41.00 -16.87
N SER L 29 -9.96 39.87 -17.48
CA SER L 29 -9.76 38.56 -16.89
C SER L 29 -9.27 37.64 -17.99
N PRO L 30 -8.67 36.49 -17.62
CA PRO L 30 -8.30 35.47 -18.60
C PRO L 30 -9.46 34.53 -19.00
N ARG L 31 -10.62 34.70 -18.38
CA ARG L 31 -11.75 33.83 -18.63
C ARG L 31 -12.60 34.41 -19.75
N VAL L 32 -13.27 33.52 -20.49
CA VAL L 32 -14.34 33.90 -21.39
C VAL L 32 -15.52 34.30 -20.50
N VAL L 33 -15.97 35.54 -20.62
CA VAL L 33 -16.96 36.10 -19.73
C VAL L 33 -18.38 35.95 -20.30
N LEU L 34 -19.28 35.47 -19.46
CA LEU L 34 -20.72 35.43 -19.74
C LEU L 34 -21.41 36.54 -18.93
N PRO L 35 -21.90 37.59 -19.60
CA PRO L 35 -22.73 38.55 -18.90
C PRO L 35 -24.13 37.98 -18.68
N VAL L 36 -24.68 38.14 -17.48
CA VAL L 36 -26.00 37.61 -17.15
C VAL L 36 -26.88 38.77 -16.69
N TRP L 37 -27.99 39.00 -17.37
CA TRP L 37 -28.91 40.08 -17.03
C TRP L 37 -30.02 39.54 -16.15
N LEU L 38 -30.19 40.11 -14.95
CA LEU L 38 -31.36 39.78 -14.13
C LEU L 38 -32.55 40.52 -14.70
N ASN L 39 -33.48 39.76 -15.27
CA ASN L 39 -34.64 40.35 -15.95
C ASN L 39 -35.68 40.87 -14.98
N PHE L 40 -36.82 41.32 -15.49
CA PHE L 40 -37.83 41.97 -14.67
C PHE L 40 -38.49 41.05 -13.66
N ASP L 41 -38.48 39.74 -13.93
CA ASP L 41 -38.93 38.72 -12.98
C ASP L 41 -37.89 38.33 -11.93
N GLY L 42 -36.63 38.67 -12.16
CA GLY L 42 -35.52 38.21 -11.30
C GLY L 42 -34.78 37.02 -11.89
N GLU L 43 -35.18 36.61 -13.11
CA GLU L 43 -34.61 35.46 -13.78
C GLU L 43 -33.29 35.81 -14.49
N PRO L 44 -32.25 34.96 -14.33
CA PRO L 44 -30.96 35.26 -14.98
C PRO L 44 -30.98 34.93 -16.48
N GLN L 45 -30.65 35.94 -17.30
CA GLN L 45 -30.70 35.82 -18.75
C GLN L 45 -29.30 35.98 -19.33
N PRO L 46 -28.81 34.95 -20.04
CA PRO L 46 -27.45 35.03 -20.57
C PRO L 46 -27.38 35.90 -21.83
N TYR L 47 -26.27 36.62 -21.96
CA TYR L 47 -25.96 37.47 -23.11
C TYR L 47 -24.71 36.93 -23.83
N PRO L 48 -24.39 37.44 -25.04
CA PRO L 48 -23.23 36.90 -25.77
C PRO L 48 -21.92 37.03 -25.00
N THR L 49 -21.03 36.05 -25.15
CA THR L 49 -19.82 36.00 -24.33
C THR L 49 -18.80 37.05 -24.80
N LEU L 50 -17.97 37.50 -23.87
CA LEU L 50 -16.80 38.32 -24.21
C LEU L 50 -15.55 37.46 -24.10
N PRO L 51 -14.75 37.37 -25.18
CA PRO L 51 -13.43 36.72 -25.05
C PRO L 51 -12.49 37.43 -24.04
N PRO L 52 -11.44 36.73 -23.56
CA PRO L 52 -10.51 37.36 -22.60
C PRO L 52 -9.84 38.61 -23.18
N GLY L 53 -9.77 39.67 -22.38
CA GLY L 53 -9.13 40.92 -22.80
C GLY L 53 -9.89 41.82 -23.77
N THR L 54 -11.14 41.50 -24.05
CA THR L 54 -11.94 42.27 -24.99
C THR L 54 -12.94 43.12 -24.25
N GLY L 55 -13.53 44.07 -24.99
CA GLY L 55 -14.56 44.94 -24.45
C GLY L 55 -15.61 45.28 -25.48
N ARG L 56 -16.82 45.56 -25.02
CA ARG L 56 -17.93 45.93 -25.90
C ARG L 56 -18.74 47.08 -25.32
N ARG L 57 -19.11 48.01 -26.20
CA ARG L 57 -20.07 49.07 -25.86
C ARG L 57 -21.45 48.47 -26.07
N ILE L 58 -22.30 48.58 -25.06
CA ILE L 58 -23.62 47.95 -25.08
C ILE L 58 -24.71 48.86 -24.53
N HIS L 59 -25.92 48.65 -25.00
CA HIS L 59 -27.07 49.46 -24.62
C HIS L 59 -27.87 48.76 -23.52
N SER L 60 -27.85 49.34 -22.33
CA SER L 60 -28.65 48.88 -21.21
C SER L 60 -29.47 50.05 -20.67
N TYR L 61 -29.94 49.94 -19.42
CA TYR L 61 -30.88 50.90 -18.87
C TYR L 61 -30.58 51.15 -17.40
N ARG L 62 -31.01 52.31 -16.90
CA ARG L 62 -30.75 52.67 -15.50
C ARG L 62 -31.47 51.73 -14.54
N GLY L 63 -30.79 51.35 -13.46
CA GLY L 63 -31.37 50.46 -12.46
C GLY L 63 -31.52 49.00 -12.86
N HIS L 64 -30.92 48.60 -14.00
CA HIS L 64 -30.89 47.20 -14.39
C HIS L 64 -29.79 46.49 -13.62
N LEU L 65 -29.90 45.17 -13.51
CA LEU L 65 -28.98 44.38 -12.70
C LEU L 65 -28.22 43.39 -13.57
N TRP L 66 -26.90 43.44 -13.46
CA TRP L 66 -26.04 42.54 -14.20
C TRP L 66 -25.11 41.83 -13.25
N LEU L 67 -24.79 40.58 -13.56
CA LEU L 67 -23.62 39.92 -12.97
C LEU L 67 -22.89 39.12 -14.04
N PHE L 68 -21.66 38.71 -13.72
CA PHE L 68 -20.74 38.20 -14.72
C PHE L 68 -20.08 36.92 -14.23
N ARG L 69 -20.04 35.93 -15.12
CA ARG L 69 -19.58 34.58 -14.81
C ARG L 69 -18.67 34.07 -15.90
N ASP L 70 -17.80 33.14 -15.56
CA ASP L 70 -17.04 32.38 -16.57
C ASP L 70 -18.05 31.61 -17.42
N ALA L 71 -17.89 31.65 -18.73
CA ALA L 71 -18.86 31.03 -19.64
C ALA L 71 -18.74 29.51 -19.70
N GLY L 72 -17.57 28.96 -19.42
CA GLY L 72 -17.36 27.52 -19.44
C GLY L 72 -17.81 26.81 -18.17
N THR L 73 -17.49 27.39 -17.03
CA THR L 73 -17.73 26.77 -15.72
C THR L 73 -18.75 27.46 -14.83
N HIS L 74 -19.15 28.69 -15.16
CA HIS L 74 -19.97 29.54 -14.27
C HIS L 74 -19.29 29.99 -12.97
N ASP L 75 -17.95 29.92 -12.89
CA ASP L 75 -17.24 30.51 -11.76
C ASP L 75 -17.61 31.99 -11.69
N GLY L 76 -17.74 32.52 -10.48
CA GLY L 76 -18.20 33.90 -10.27
C GLY L 76 -17.09 34.92 -10.39
N LEU L 77 -17.37 35.99 -11.14
CA LEU L 77 -16.41 37.07 -11.37
C LEU L 77 -16.87 38.38 -10.73
N LEU L 78 -15.96 39.33 -10.67
CA LEU L 78 -16.22 40.64 -10.08
C LEU L 78 -16.43 41.66 -11.19
N VAL L 79 -17.27 42.65 -10.91
CA VAL L 79 -17.49 43.79 -11.80
C VAL L 79 -17.39 45.05 -10.94
N ASN L 80 -16.45 45.94 -11.29
CA ASN L 80 -16.08 47.08 -10.45
C ASN L 80 -15.89 46.71 -8.97
N GLN L 81 -15.14 45.62 -8.75
CA GLN L 81 -14.77 45.12 -7.43
C GLN L 81 -15.90 44.51 -6.61
N THR L 82 -16.99 44.14 -7.26
CA THR L 82 -18.18 43.65 -6.56
C THR L 82 -19.04 42.67 -7.38
N GLU L 83 -20.10 42.20 -6.75
CA GLU L 83 -20.96 41.16 -7.31
C GLU L 83 -21.81 41.66 -8.48
N LEU L 84 -22.57 42.73 -8.23
CA LEU L 84 -23.61 43.20 -9.13
C LEU L 84 -23.27 44.55 -9.71
N PHE L 85 -23.66 44.76 -10.96
CA PHE L 85 -23.43 46.02 -11.67
C PHE L 85 -24.77 46.65 -12.05
N VAL L 86 -24.97 47.91 -11.63
CA VAL L 86 -26.21 48.65 -11.86
C VAL L 86 -25.89 49.93 -12.65
N PRO L 87 -26.26 49.98 -13.94
CA PRO L 87 -26.04 51.19 -14.74
C PRO L 87 -26.65 52.45 -14.14
N SER L 88 -25.86 53.53 -14.11
CA SER L 88 -26.31 54.84 -13.61
C SER L 88 -26.61 55.77 -14.80
N LEU L 89 -26.95 57.03 -14.50
CA LEU L 89 -27.07 58.08 -15.53
C LEU L 89 -25.69 58.43 -16.08
N ASN L 90 -25.63 58.72 -17.38
CA ASN L 90 -24.35 59.04 -18.05
C ASN L 90 -23.96 60.50 -17.81
N VAL L 91 -22.71 60.73 -17.41
CA VAL L 91 -22.28 62.07 -16.94
C VAL L 91 -22.31 63.13 -18.05
N ASP L 92 -21.71 62.85 -19.20
CA ASP L 92 -21.70 63.78 -20.34
C ASP L 92 -21.34 63.05 -21.63
N GLY L 93 -22.33 62.38 -22.22
CA GLY L 93 -22.14 61.51 -23.39
C GLY L 93 -21.04 60.48 -23.17
N GLN L 94 -20.94 60.00 -21.94
CA GLN L 94 -19.80 59.21 -21.47
C GLN L 94 -20.30 57.90 -20.88
N PRO L 95 -19.84 56.77 -21.44
CA PRO L 95 -20.37 55.50 -20.97
C PRO L 95 -19.81 55.11 -19.61
N ILE L 96 -20.55 54.25 -18.91
CA ILE L 96 -20.16 53.73 -17.61
C ILE L 96 -19.31 52.49 -17.84
N PHE L 97 -18.21 52.36 -17.11
CA PHE L 97 -17.32 51.21 -17.23
C PHE L 97 -17.69 50.08 -16.27
N ALA L 98 -17.89 48.90 -16.83
CA ALA L 98 -18.07 47.68 -16.06
C ALA L 98 -16.77 46.90 -16.23
N ASN L 99 -15.96 46.88 -15.19
CA ASN L 99 -14.65 46.23 -15.23
C ASN L 99 -14.70 44.84 -14.63
N ILE L 100 -14.76 43.85 -15.52
CA ILE L 100 -14.90 42.45 -15.18
C ILE L 100 -13.51 41.85 -14.94
N THR L 101 -13.29 41.36 -13.72
CA THR L 101 -12.00 40.87 -13.26
C THR L 101 -12.16 39.58 -12.45
N LEU L 102 -11.11 38.77 -12.44
CA LEU L 102 -11.06 37.63 -11.52
C LEU L 102 -11.05 38.12 -10.09
N PRO L 103 -11.73 37.38 -9.21
CA PRO L 103 -11.47 37.59 -7.79
C PRO L 103 -10.18 36.94 -7.40
N VAL L 104 -9.72 37.27 -6.22
CA VAL L 104 -8.67 36.50 -5.58
C VAL L 104 -9.42 35.34 -4.95
N TYR L 105 -9.62 34.28 -5.73
CA TYR L 105 -10.21 33.05 -5.22
C TYR L 105 -9.39 32.52 -4.03
N THR L 106 -10.09 31.86 -3.12
CA THR L 106 -9.42 31.07 -2.09
C THR L 106 -8.65 29.97 -2.78
N LEU L 107 -7.55 29.54 -2.18
CA LEU L 107 -6.83 28.38 -2.69
C LEU L 107 -7.76 27.17 -2.85
N LYS L 108 -8.62 26.94 -1.85
CA LYS L 108 -9.56 25.81 -1.90
C LYS L 108 -10.47 25.88 -3.13
N GLU L 109 -11.09 27.04 -3.38
CA GLU L 109 -11.99 27.19 -4.53
C GLU L 109 -11.23 27.10 -5.83
N ARG L 110 -10.03 27.67 -5.87
CA ARG L 110 -9.18 27.57 -7.06
C ARG L 110 -8.89 26.10 -7.39
N CYS L 111 -8.44 25.34 -6.40
CA CYS L 111 -8.19 23.90 -6.56
C CYS L 111 -9.45 23.15 -7.01
N LEU L 112 -10.59 23.46 -6.38
CA LEU L 112 -11.86 22.86 -6.76
C LEU L 112 -12.17 23.08 -8.25
N GLN L 113 -11.87 24.27 -8.78
CA GLN L 113 -12.09 24.59 -10.20
C GLN L 113 -11.25 23.71 -11.12
N VAL L 114 -9.97 23.59 -10.79
CA VAL L 114 -9.01 22.85 -11.60
C VAL L 114 -9.33 21.35 -11.61
N VAL L 115 -9.83 20.84 -10.49
CA VAL L 115 -10.22 19.43 -10.41
C VAL L 115 -11.45 19.17 -11.29
N ARG L 116 -12.48 20.01 -11.15
CA ARG L 116 -13.69 19.90 -11.97
C ARG L 116 -13.38 19.92 -13.48
N SER L 117 -12.37 20.66 -13.91
CA SER L 117 -12.00 20.75 -15.33
C SER L 117 -11.37 19.47 -15.90
N LEU L 118 -10.80 18.64 -15.02
CA LEU L 118 -10.13 17.39 -15.42
C LEU L 118 -11.01 16.17 -15.24
N VAL L 119 -11.69 16.09 -14.10
CA VAL L 119 -12.52 14.94 -13.74
C VAL L 119 -13.98 15.20 -14.17
N LYS L 120 -14.60 14.17 -14.74
CA LYS L 120 -16.01 14.25 -15.13
C LYS L 120 -16.92 14.22 -13.88
N PRO L 121 -18.09 14.91 -13.93
CA PRO L 121 -19.01 14.94 -12.77
C PRO L 121 -19.44 13.59 -12.17
N GLU L 122 -19.47 12.56 -13.01
CA GLU L 122 -19.75 11.18 -12.58
C GLU L 122 -18.67 10.57 -11.68
N ASN L 123 -17.41 11.00 -11.84
CA ASN L 123 -16.25 10.36 -11.19
C ASN L 123 -15.80 10.93 -9.83
N TYR L 124 -16.34 12.08 -9.39
CA TYR L 124 -15.87 12.74 -8.15
C TYR L 124 -15.88 11.84 -6.90
N ARG L 125 -16.77 10.83 -6.86
CA ARG L 125 -16.80 9.85 -5.78
C ARG L 125 -15.56 8.96 -5.74
N ARG L 126 -14.96 8.69 -6.91
CA ARG L 126 -13.75 7.87 -7.01
C ARG L 126 -12.46 8.51 -6.46
N LEU L 127 -12.46 9.82 -6.21
CA LEU L 127 -11.25 10.53 -5.75
C LEU L 127 -10.96 10.23 -4.28
N ASP L 128 -9.73 9.82 -3.98
CA ASP L 128 -9.35 9.48 -2.61
C ASP L 128 -9.08 10.76 -1.80
N ILE L 129 -10.14 11.31 -1.24
CA ILE L 129 -10.09 12.53 -0.44
C ILE L 129 -11.13 12.53 0.70
N VAL L 130 -10.99 13.50 1.60
CA VAL L 130 -11.93 13.72 2.72
C VAL L 130 -13.37 13.90 2.20
N ARG L 131 -14.34 13.35 2.93
CA ARG L 131 -15.72 13.21 2.42
C ARG L 131 -16.49 14.53 2.22
N SER L 132 -16.10 15.58 2.94
CA SER L 132 -16.70 16.92 2.77
C SER L 132 -16.28 17.60 1.45
N LEU L 133 -15.15 17.18 0.86
CA LEU L 133 -14.72 17.70 -0.44
C LEU L 133 -15.57 17.18 -1.59
N TYR L 134 -16.14 15.98 -1.44
CA TYR L 134 -17.10 15.46 -2.42
C TYR L 134 -18.27 16.43 -2.61
N GLU L 135 -18.76 16.98 -1.49
CA GLU L 135 -19.86 17.95 -1.48
C GLU L 135 -19.45 19.25 -2.19
N ASP L 136 -18.24 19.70 -1.91
CA ASP L 136 -17.71 20.94 -2.50
C ASP L 136 -17.48 20.78 -4.02
N LEU L 137 -17.01 19.61 -4.44
CA LEU L 137 -16.82 19.30 -5.88
C LEU L 137 -18.12 19.18 -6.66
N GLU L 138 -19.13 18.53 -6.08
CA GLU L 138 -20.47 18.43 -6.68
C GLU L 138 -21.18 19.77 -6.70
N ASP L 139 -20.95 20.60 -5.67
CA ASP L 139 -21.52 21.94 -5.59
C ASP L 139 -20.88 22.88 -6.63
N HIS L 140 -21.27 22.68 -7.89
CA HIS L 140 -20.83 23.52 -9.00
C HIS L 140 -21.35 24.92 -8.75
N PRO L 141 -20.50 25.95 -8.92
CA PRO L 141 -21.01 27.32 -8.74
C PRO L 141 -22.20 27.58 -9.64
N ASN L 142 -23.32 27.92 -9.03
CA ASN L 142 -24.60 28.06 -9.73
C ASN L 142 -25.12 29.48 -9.56
N VAL L 143 -25.58 30.07 -10.66
CA VAL L 143 -26.02 31.47 -10.66
C VAL L 143 -27.20 31.70 -9.72
N GLN L 144 -28.19 30.80 -9.75
CA GLN L 144 -29.34 30.85 -8.83
C GLN L 144 -28.90 30.83 -7.37
N LYS L 145 -28.08 29.84 -7.02
CA LYS L 145 -27.58 29.70 -5.65
C LYS L 145 -26.85 30.97 -5.16
N ASP L 146 -26.13 31.64 -6.05
CA ASP L 146 -25.52 32.94 -5.74
C ASP L 146 -26.56 34.04 -5.51
N LEU L 147 -27.60 34.09 -6.36
CA LEU L 147 -28.73 35.01 -6.16
C LEU L 147 -29.49 34.74 -4.87
N GLU L 148 -29.69 33.47 -4.55
CA GLU L 148 -30.30 33.09 -3.27
C GLU L 148 -29.46 33.63 -2.09
N ARG L 149 -28.15 33.48 -2.18
CA ARG L 149 -27.22 34.02 -1.16
C ARG L 149 -27.28 35.56 -1.08
N LEU L 150 -27.17 36.23 -2.24
CA LEU L 150 -27.23 37.70 -2.29
C LEU L 150 -28.54 38.23 -1.71
N THR L 151 -29.66 37.63 -2.14
CA THR L 151 -30.99 38.00 -1.67
C THR L 151 -31.15 37.87 -0.15
N GLN L 152 -30.54 36.85 0.45
CA GLN L 152 -30.49 36.72 1.92
C GLN L 152 -29.57 37.81 2.51
N GLU L 153 -30.15 38.99 2.75
CA GLU L 153 -29.44 40.19 3.18
C GLU L 153 -30.34 41.17 3.96
CAA 9B5 M . -27.10 18.41 13.27
CAT 9B5 M . -25.76 17.92 13.82
OAD 9B5 M . -25.13 18.62 14.62
N 9B5 M . -25.35 16.72 13.36
CA 9B5 M . -24.08 16.12 13.77
CB 9B5 M . -24.08 14.63 13.41
C 9B5 M . -22.90 16.75 13.02
O 9B5 M . -23.06 17.12 11.85
NBD 9B5 M . -21.70 16.82 13.65
CAO 9B5 M . -21.41 16.41 15.06
CBA 9B5 M . -20.07 16.98 15.41
OAG 9B5 M . -20.22 18.28 16.02
CAN 9B5 M . -19.34 17.14 14.10
CBC 9B5 M . -20.41 17.38 13.05
CAU 9B5 M . -19.99 16.70 11.88
OAE 9B5 M . -20.31 15.52 11.70
NAQ 9B5 M . -19.18 17.38 11.02
CAM 9B5 M . -18.66 16.74 9.81
CAW 9B5 M . -17.37 16.21 10.04
CAI 9B5 M . -16.56 16.57 11.12
CAK 9B5 M . -15.30 16.01 11.29
CAH 9B5 M . -16.87 15.26 9.13
CAJ 9B5 M . -15.60 14.69 9.30
CAY 9B5 M . -14.79 15.07 10.37
CAZ 9B5 M . -13.57 14.54 10.57
SAS 9B5 M . -13.01 13.98 12.03
CAL 9B5 M . -11.51 13.52 11.49
NAP 9B5 M . -11.46 13.80 10.18
CAX 9B5 M . -12.57 14.36 9.68
CAB 9B5 M . -12.62 14.74 8.19
CAA 9B5 N . -30.93 -21.13 -9.93
CAT 9B5 N . -29.64 -21.80 -9.51
OAD 9B5 N . -28.89 -21.24 -8.71
N 9B5 N . -29.41 -23.01 -10.07
CA 9B5 N . -28.19 -23.78 -9.76
CB 9B5 N . -28.38 -25.23 -10.23
C 9B5 N . -26.98 -23.19 -10.52
O 9B5 N . -27.12 -22.87 -11.70
NBD 9B5 N . -25.80 -23.08 -9.85
CAO 9B5 N . -25.54 -23.45 -8.42
CBA 9B5 N . -24.13 -23.00 -8.08
OAG 9B5 N . -24.16 -21.79 -7.31
CAN 9B5 N . -23.43 -22.75 -9.40
CBC 9B5 N . -24.51 -22.55 -10.46
CAU 9B5 N . -24.13 -23.27 -11.62
OAE 9B5 N . -24.44 -24.46 -11.76
NAQ 9B5 N . -23.39 -22.60 -12.55
CAM 9B5 N . -22.93 -23.27 -13.77
CAW 9B5 N . -21.65 -23.84 -13.57
CAI 9B5 N . -20.77 -23.43 -12.55
CAK 9B5 N . -19.51 -24.04 -12.42
CAH 9B5 N . -21.24 -24.87 -14.43
CAJ 9B5 N . -19.99 -25.48 -14.29
CAY 9B5 N . -19.10 -25.07 -13.28
CAZ 9B5 N . -17.89 -25.64 -13.13
SAS 9B5 N . -17.26 -26.19 -11.68
CAL 9B5 N . -15.83 -26.73 -12.31
NAP 9B5 N . -15.84 -26.47 -13.62
CAX 9B5 N . -16.95 -25.87 -14.08
CAB 9B5 N . -17.07 -25.53 -15.56
CAA 9B5 O . -41.60 6.52 -46.39
CAT 9B5 O . -40.30 6.06 -45.74
OAD 9B5 O . -39.76 6.73 -44.86
N 9B5 O . -39.81 4.90 -46.21
CA 9B5 O . -38.56 4.30 -45.72
CB 9B5 O . -38.57 2.79 -46.00
C 9B5 O . -37.35 4.89 -46.46
O 9B5 O . -37.49 5.32 -47.60
NBD 9B5 O . -36.16 4.85 -45.82
CAO 9B5 O . -35.85 4.34 -44.44
CBA 9B5 O . -34.45 4.80 -44.09
OAG 9B5 O . -34.48 6.03 -43.33
CAN 9B5 O . -33.77 5.03 -45.43
CBC 9B5 O . -34.87 5.35 -46.44
CAU 9B5 O . -34.56 4.68 -47.65
OAE 9B5 O . -34.98 3.55 -47.86
NAQ 9B5 O . -33.75 5.35 -48.51
CAM 9B5 O . -33.32 4.76 -49.76
CAW 9B5 O . -32.07 4.12 -49.53
CAI 9B5 O . -31.21 4.47 -48.47
CAK 9B5 O . -30.00 3.80 -48.29
CAH 9B5 O . -31.67 3.09 -50.39
CAJ 9B5 O . -30.45 2.43 -50.21
CAY 9B5 O . -29.60 2.79 -49.15
CAZ 9B5 O . -28.42 2.17 -48.95
SAS 9B5 O . -27.87 1.63 -47.47
CAL 9B5 O . -26.43 1.03 -48.03
NAP 9B5 O . -26.39 1.25 -49.34
CAX 9B5 O . -27.46 1.88 -49.85
CAB 9B5 O . -27.50 2.19 -51.36
CAA 9B5 P . -37.40 46.86 -22.76
CAT 9B5 P . -36.09 46.32 -22.18
OAD 9B5 P . -35.47 46.96 -21.33
N 9B5 P . -35.70 45.14 -22.71
CA 9B5 P . -34.46 44.46 -22.28
CB 9B5 P . -34.53 42.97 -22.63
C 9B5 P . -33.22 45.05 -23.00
O 9B5 P . -33.36 45.54 -24.13
NBD 9B5 P . -32.03 44.95 -22.38
CAO 9B5 P . -31.74 44.36 -21.02
CBA 9B5 P . -30.38 44.87 -20.61
OAG 9B5 P . -30.52 46.09 -19.87
CAN 9B5 P . -29.65 45.13 -21.91
CBC 9B5 P . -30.71 45.43 -22.97
CAU 9B5 P . -30.35 44.72 -24.13
OAE 9B5 P . -30.74 43.56 -24.28
NAQ 9B5 P . -29.54 45.36 -25.01
CAM 9B5 P . -29.05 44.68 -26.22
CAW 9B5 P . -27.79 44.11 -25.97
CAI 9B5 P . -26.95 44.46 -24.89
CAK 9B5 P . -25.72 43.84 -24.70
CAH 9B5 P . -27.33 43.12 -26.85
CAJ 9B5 P . -26.08 42.50 -26.66
CAY 9B5 P . -25.25 42.86 -25.59
CAZ 9B5 P . -24.05 42.26 -25.38
SAS 9B5 P . -23.52 41.71 -23.89
CAL 9B5 P . -22.07 41.11 -24.45
NAP 9B5 P . -22.00 41.35 -25.77
CAX 9B5 P . -23.09 41.97 -26.29
CAB 9B5 P . -23.12 42.28 -27.78
#